data_3BPP
# 
_entry.id   3BPP 
# 
_audit_conform.dict_name       mmcif_pdbx.dic 
_audit_conform.dict_version    5.380 
_audit_conform.dict_location   http://mmcif.pdb.org/dictionaries/ascii/mmcif_pdbx.dic 
# 
loop_
_database_2.database_id 
_database_2.database_code 
_database_2.pdbx_database_accession 
_database_2.pdbx_DOI 
PDB   3BPP         pdb_00003bpp 10.2210/pdb3bpp/pdb 
RCSB  RCSB045812   ?            ?                   
WWPDB D_1000045812 ?            ?                   
# 
_pdbx_database_related.db_name        PDB 
_pdbx_database_related.db_id          2DEO 
_pdbx_database_related.details        '1510-N wild-type' 
_pdbx_database_related.content_type   unspecified 
# 
_pdbx_database_status.status_code                     REL 
_pdbx_database_status.entry_id                        3BPP 
_pdbx_database_status.recvd_initial_deposition_date   2007-12-19 
_pdbx_database_status.deposit_site                    RCSB 
_pdbx_database_status.process_site                    PDBJ 
_pdbx_database_status.status_code_sf                  REL 
_pdbx_database_status.status_code_mr                  ? 
_pdbx_database_status.SG_entry                        . 
_pdbx_database_status.pdb_format_compatible           Y 
_pdbx_database_status.status_code_cs                  ? 
_pdbx_database_status.status_code_nmr_data            ? 
_pdbx_database_status.methods_development_category    ? 
# 
loop_
_audit_author.name 
_audit_author.pdbx_ordinal 
'Yokoyama, H.'  1 
'Hamamatsu, S.' 2 
'Fujii, S.'     3 
'Matsui, I.'    4 
# 
loop_
_citation.id 
_citation.title 
_citation.journal_abbrev 
_citation.journal_volume 
_citation.page_first 
_citation.page_last 
_citation.year 
_citation.journal_id_ASTM 
_citation.country 
_citation.journal_id_ISSN 
_citation.journal_id_CSD 
_citation.book_publisher 
_citation.pdbx_database_id_PubMed 
_citation.pdbx_database_id_DOI 
primary 'Novel dimer structure of a membrane-bound protease with a catalytic Ser-Lys dyad and its linkage to stomatin' 
'J.SYNCHROTRON RADIAT.' 15  254  257  2008 JSYRES DK 0909-0495 1210 ? 18421152 10.1107/S0909049507068471 
1       
;Molecular structure of a novel membrane protease specific for a stomatin homolog from the hyperthermophilic archaeon Pyrococcus horikoshii
;
J.Mol.Biol.             358 1152 1164 2006 JMOBAK UK 0022-2836 0070 ? 16574150 10.1016/j.jmb.2006.02.052 
# 
loop_
_citation_author.citation_id 
_citation_author.name 
_citation_author.ordinal 
_citation_author.identifier_ORCID 
primary 'Yokoyama, H.'  1 ? 
primary 'Hamamatsu, S.' 2 ? 
primary 'Fujii, S.'     3 ? 
primary 'Matsui, I.'    4 ? 
1       'Yokoyama, H.'  5 ? 
1       'Matsui, E.'    6 ? 
1       'Akiba, T.'     7 ? 
1       'Harata, K.'    8 ? 
1       'Matsui, I.'    9 ? 
# 
_cell.entry_id           3BPP 
_cell.length_a           106.261 
_cell.length_b           106.261 
_cell.length_c           128.994 
_cell.angle_alpha        90.00 
_cell.angle_beta         90.00 
_cell.angle_gamma        90.00 
_cell.Z_PDB              16 
_cell.pdbx_unique_axis   ? 
_cell.length_a_esd       ? 
_cell.length_b_esd       ? 
_cell.length_c_esd       ? 
_cell.angle_alpha_esd    ? 
_cell.angle_beta_esd     ? 
_cell.angle_gamma_esd    ? 
# 
_symmetry.entry_id                         3BPP 
_symmetry.space_group_name_H-M             'I 4 2 2' 
_symmetry.pdbx_full_space_group_name_H-M   ? 
_symmetry.cell_setting                     ? 
_symmetry.Int_Tables_number                97 
_symmetry.space_group_name_Hall            ? 
# 
loop_
_entity.id 
_entity.type 
_entity.src_method 
_entity.pdbx_description 
_entity.formula_weight 
_entity.pdbx_number_of_molecules 
_entity.pdbx_ec 
_entity.pdbx_mutation 
_entity.pdbx_fragment 
_entity.details 
1 polymer man '1510-N membrane protease' 25368.025 1  ? K138A 'Residues 16-236' ? 
2 water   nat water                      18.015    63 ? ?     ?                 ? 
# 
_entity_name_com.entity_id   1 
_entity_name_com.name        '441aa long hypothetical nfeD protein' 
# 
_entity_poly.entity_id                      1 
_entity_poly.type                           'polypeptide(L)' 
_entity_poly.nstd_linkage                   no 
_entity_poly.nstd_monomer                   no 
_entity_poly.pdbx_seq_one_letter_code       
;MSPILAKNIVYVAQIKGQITSYTYDQFDRYITIAEQDNAEAIIIELDTPGGRADAMMNIVQRIQQSKIPVIIYVYPPGAS
AASAGTYIALGSHLIAMAPGTSIGACRPILGYSQNGSIIEAPPAITNYFIAYIKSLAQESGRNATIAEEFITKDLSLTPE
EALKYGVIEVVARDINELLKKSNGMKTKIPVNGRYVTLNFTNVEVRYLAPSFKDKLISYITDLEHHHHHH
;
_entity_poly.pdbx_seq_one_letter_code_can   
;MSPILAKNIVYVAQIKGQITSYTYDQFDRYITIAEQDNAEAIIIELDTPGGRADAMMNIVQRIQQSKIPVIIYVYPPGAS
AASAGTYIALGSHLIAMAPGTSIGACRPILGYSQNGSIIEAPPAITNYFIAYIKSLAQESGRNATIAEEFITKDLSLTPE
EALKYGVIEVVARDINELLKKSNGMKTKIPVNGRYVTLNFTNVEVRYLAPSFKDKLISYITDLEHHHHHH
;
_entity_poly.pdbx_strand_id                 A 
_entity_poly.pdbx_target_identifier         ? 
# 
loop_
_entity_poly_seq.entity_id 
_entity_poly_seq.num 
_entity_poly_seq.mon_id 
_entity_poly_seq.hetero 
1 1   MET n 
1 2   SER n 
1 3   PRO n 
1 4   ILE n 
1 5   LEU n 
1 6   ALA n 
1 7   LYS n 
1 8   ASN n 
1 9   ILE n 
1 10  VAL n 
1 11  TYR n 
1 12  VAL n 
1 13  ALA n 
1 14  GLN n 
1 15  ILE n 
1 16  LYS n 
1 17  GLY n 
1 18  GLN n 
1 19  ILE n 
1 20  THR n 
1 21  SER n 
1 22  TYR n 
1 23  THR n 
1 24  TYR n 
1 25  ASP n 
1 26  GLN n 
1 27  PHE n 
1 28  ASP n 
1 29  ARG n 
1 30  TYR n 
1 31  ILE n 
1 32  THR n 
1 33  ILE n 
1 34  ALA n 
1 35  GLU n 
1 36  GLN n 
1 37  ASP n 
1 38  ASN n 
1 39  ALA n 
1 40  GLU n 
1 41  ALA n 
1 42  ILE n 
1 43  ILE n 
1 44  ILE n 
1 45  GLU n 
1 46  LEU n 
1 47  ASP n 
1 48  THR n 
1 49  PRO n 
1 50  GLY n 
1 51  GLY n 
1 52  ARG n 
1 53  ALA n 
1 54  ASP n 
1 55  ALA n 
1 56  MET n 
1 57  MET n 
1 58  ASN n 
1 59  ILE n 
1 60  VAL n 
1 61  GLN n 
1 62  ARG n 
1 63  ILE n 
1 64  GLN n 
1 65  GLN n 
1 66  SER n 
1 67  LYS n 
1 68  ILE n 
1 69  PRO n 
1 70  VAL n 
1 71  ILE n 
1 72  ILE n 
1 73  TYR n 
1 74  VAL n 
1 75  TYR n 
1 76  PRO n 
1 77  PRO n 
1 78  GLY n 
1 79  ALA n 
1 80  SER n 
1 81  ALA n 
1 82  ALA n 
1 83  SER n 
1 84  ALA n 
1 85  GLY n 
1 86  THR n 
1 87  TYR n 
1 88  ILE n 
1 89  ALA n 
1 90  LEU n 
1 91  GLY n 
1 92  SER n 
1 93  HIS n 
1 94  LEU n 
1 95  ILE n 
1 96  ALA n 
1 97  MET n 
1 98  ALA n 
1 99  PRO n 
1 100 GLY n 
1 101 THR n 
1 102 SER n 
1 103 ILE n 
1 104 GLY n 
1 105 ALA n 
1 106 CYS n 
1 107 ARG n 
1 108 PRO n 
1 109 ILE n 
1 110 LEU n 
1 111 GLY n 
1 112 TYR n 
1 113 SER n 
1 114 GLN n 
1 115 ASN n 
1 116 GLY n 
1 117 SER n 
1 118 ILE n 
1 119 ILE n 
1 120 GLU n 
1 121 ALA n 
1 122 PRO n 
1 123 PRO n 
1 124 ALA n 
1 125 ILE n 
1 126 THR n 
1 127 ASN n 
1 128 TYR n 
1 129 PHE n 
1 130 ILE n 
1 131 ALA n 
1 132 TYR n 
1 133 ILE n 
1 134 LYS n 
1 135 SER n 
1 136 LEU n 
1 137 ALA n 
1 138 GLN n 
1 139 GLU n 
1 140 SER n 
1 141 GLY n 
1 142 ARG n 
1 143 ASN n 
1 144 ALA n 
1 145 THR n 
1 146 ILE n 
1 147 ALA n 
1 148 GLU n 
1 149 GLU n 
1 150 PHE n 
1 151 ILE n 
1 152 THR n 
1 153 LYS n 
1 154 ASP n 
1 155 LEU n 
1 156 SER n 
1 157 LEU n 
1 158 THR n 
1 159 PRO n 
1 160 GLU n 
1 161 GLU n 
1 162 ALA n 
1 163 LEU n 
1 164 LYS n 
1 165 TYR n 
1 166 GLY n 
1 167 VAL n 
1 168 ILE n 
1 169 GLU n 
1 170 VAL n 
1 171 VAL n 
1 172 ALA n 
1 173 ARG n 
1 174 ASP n 
1 175 ILE n 
1 176 ASN n 
1 177 GLU n 
1 178 LEU n 
1 179 LEU n 
1 180 LYS n 
1 181 LYS n 
1 182 SER n 
1 183 ASN n 
1 184 GLY n 
1 185 MET n 
1 186 LYS n 
1 187 THR n 
1 188 LYS n 
1 189 ILE n 
1 190 PRO n 
1 191 VAL n 
1 192 ASN n 
1 193 GLY n 
1 194 ARG n 
1 195 TYR n 
1 196 VAL n 
1 197 THR n 
1 198 LEU n 
1 199 ASN n 
1 200 PHE n 
1 201 THR n 
1 202 ASN n 
1 203 VAL n 
1 204 GLU n 
1 205 VAL n 
1 206 ARG n 
1 207 TYR n 
1 208 LEU n 
1 209 ALA n 
1 210 PRO n 
1 211 SER n 
1 212 PHE n 
1 213 LYS n 
1 214 ASP n 
1 215 LYS n 
1 216 LEU n 
1 217 ILE n 
1 218 SER n 
1 219 TYR n 
1 220 ILE n 
1 221 THR n 
1 222 ASP n 
1 223 LEU n 
1 224 GLU n 
1 225 HIS n 
1 226 HIS n 
1 227 HIS n 
1 228 HIS n 
1 229 HIS n 
1 230 HIS n 
# 
_entity_src_gen.entity_id                          1 
_entity_src_gen.pdbx_src_id                        1 
_entity_src_gen.pdbx_alt_source_flag               sample 
_entity_src_gen.pdbx_seq_type                      ? 
_entity_src_gen.pdbx_beg_seq_num                   ? 
_entity_src_gen.pdbx_end_seq_num                   ? 
_entity_src_gen.gene_src_common_name               ? 
_entity_src_gen.gene_src_genus                     Pyrococcus 
_entity_src_gen.pdbx_gene_src_gene                 PH1510 
_entity_src_gen.gene_src_species                   ? 
_entity_src_gen.gene_src_strain                    ? 
_entity_src_gen.gene_src_tissue                    ? 
_entity_src_gen.gene_src_tissue_fraction           ? 
_entity_src_gen.gene_src_details                   ? 
_entity_src_gen.pdbx_gene_src_fragment             ? 
_entity_src_gen.pdbx_gene_src_scientific_name      'Pyrococcus horikoshii' 
_entity_src_gen.pdbx_gene_src_ncbi_taxonomy_id     53953 
_entity_src_gen.pdbx_gene_src_variant              ? 
_entity_src_gen.pdbx_gene_src_cell_line            ? 
_entity_src_gen.pdbx_gene_src_atcc                 ? 
_entity_src_gen.pdbx_gene_src_organ                ? 
_entity_src_gen.pdbx_gene_src_organelle            ? 
_entity_src_gen.pdbx_gene_src_cell                 ? 
_entity_src_gen.pdbx_gene_src_cellular_location    ? 
_entity_src_gen.host_org_common_name               ? 
_entity_src_gen.pdbx_host_org_scientific_name      'Escherichia coli' 
_entity_src_gen.pdbx_host_org_ncbi_taxonomy_id     562 
_entity_src_gen.host_org_genus                     Escherichia 
_entity_src_gen.pdbx_host_org_gene                 ? 
_entity_src_gen.pdbx_host_org_organ                ? 
_entity_src_gen.host_org_species                   ? 
_entity_src_gen.pdbx_host_org_tissue               ? 
_entity_src_gen.pdbx_host_org_tissue_fraction      ? 
_entity_src_gen.pdbx_host_org_strain               ? 
_entity_src_gen.pdbx_host_org_variant              ? 
_entity_src_gen.pdbx_host_org_cell_line            ? 
_entity_src_gen.pdbx_host_org_atcc                 ? 
_entity_src_gen.pdbx_host_org_culture_collection   ? 
_entity_src_gen.pdbx_host_org_cell                 ? 
_entity_src_gen.pdbx_host_org_organelle            ? 
_entity_src_gen.pdbx_host_org_cellular_location    ? 
_entity_src_gen.pdbx_host_org_vector_type          PLASMID 
_entity_src_gen.pdbx_host_org_vector               ? 
_entity_src_gen.host_org_details                   ? 
_entity_src_gen.expression_system_id               ? 
_entity_src_gen.plasmid_name                       pET21b 
_entity_src_gen.plasmid_details                    ? 
_entity_src_gen.pdbx_description                   ? 
# 
_struct_ref.id                         1 
_struct_ref.db_name                    UNP 
_struct_ref.db_code                    O59179_PYRHO 
_struct_ref.pdbx_db_accession          O59179 
_struct_ref.entity_id                  1 
_struct_ref.pdbx_seq_one_letter_code   
;SPILAKNIVYVAQIKGQITSYTYDQFDRYITIAEQDNAEAIIIELDTPGGRADAMMNIVQRIQQSKIPVIIYVYPPGASA
ASAGTYIALGSHLIAMAPGTSIGACRPILGYSQNGSIIEAPPKITNYFIAYIKSLAQESGRNATIAEEFITKDLSLTPEE
ALKYGVIEVVARDINELLKKSNGMKTKIPVNGRYVTLNFTNVEVRYLAPSFKDKLISYITD
;
_struct_ref.pdbx_align_begin           16 
_struct_ref.pdbx_db_isoform            ? 
# 
_struct_ref_seq.align_id                      1 
_struct_ref_seq.ref_id                        1 
_struct_ref_seq.pdbx_PDB_id_code              3BPP 
_struct_ref_seq.pdbx_strand_id                A 
_struct_ref_seq.seq_align_beg                 2 
_struct_ref_seq.pdbx_seq_align_beg_ins_code   ? 
_struct_ref_seq.seq_align_end                 222 
_struct_ref_seq.pdbx_seq_align_end_ins_code   ? 
_struct_ref_seq.pdbx_db_accession             O59179 
_struct_ref_seq.db_align_beg                  16 
_struct_ref_seq.pdbx_db_align_beg_ins_code    ? 
_struct_ref_seq.db_align_end                  236 
_struct_ref_seq.pdbx_db_align_end_ins_code    ? 
_struct_ref_seq.pdbx_auth_seq_align_beg       16 
_struct_ref_seq.pdbx_auth_seq_align_end       236 
# 
loop_
_struct_ref_seq_dif.align_id 
_struct_ref_seq_dif.pdbx_pdb_id_code 
_struct_ref_seq_dif.mon_id 
_struct_ref_seq_dif.pdbx_pdb_strand_id 
_struct_ref_seq_dif.seq_num 
_struct_ref_seq_dif.pdbx_pdb_ins_code 
_struct_ref_seq_dif.pdbx_seq_db_name 
_struct_ref_seq_dif.pdbx_seq_db_accession_code 
_struct_ref_seq_dif.db_mon_id 
_struct_ref_seq_dif.pdbx_seq_db_seq_num 
_struct_ref_seq_dif.details 
_struct_ref_seq_dif.pdbx_auth_seq_num 
_struct_ref_seq_dif.pdbx_ordinal 
1 3BPP MET A 1   ? UNP O59179 ?   ?   'initiating methionine' 15  1  
1 3BPP ALA A 124 ? UNP O59179 LYS 138 'engineered mutation'   138 2  
1 3BPP LEU A 223 ? UNP O59179 ?   ?   'expression tag'        237 3  
1 3BPP GLU A 224 ? UNP O59179 ?   ?   'expression tag'        238 4  
1 3BPP HIS A 225 ? UNP O59179 ?   ?   'expression tag'        239 5  
1 3BPP HIS A 226 ? UNP O59179 ?   ?   'expression tag'        240 6  
1 3BPP HIS A 227 ? UNP O59179 ?   ?   'expression tag'        241 7  
1 3BPP HIS A 228 ? UNP O59179 ?   ?   'expression tag'        242 8  
1 3BPP HIS A 229 ? UNP O59179 ?   ?   'expression tag'        243 9  
1 3BPP HIS A 230 ? UNP O59179 ?   ?   'expression tag'        244 10 
# 
loop_
_chem_comp.id 
_chem_comp.type 
_chem_comp.mon_nstd_flag 
_chem_comp.name 
_chem_comp.pdbx_synonyms 
_chem_comp.formula 
_chem_comp.formula_weight 
ALA 'L-peptide linking' y ALANINE         ? 'C3 H7 N O2'     89.093  
ARG 'L-peptide linking' y ARGININE        ? 'C6 H15 N4 O2 1' 175.209 
ASN 'L-peptide linking' y ASPARAGINE      ? 'C4 H8 N2 O3'    132.118 
ASP 'L-peptide linking' y 'ASPARTIC ACID' ? 'C4 H7 N O4'     133.103 
CYS 'L-peptide linking' y CYSTEINE        ? 'C3 H7 N O2 S'   121.158 
GLN 'L-peptide linking' y GLUTAMINE       ? 'C5 H10 N2 O3'   146.144 
GLU 'L-peptide linking' y 'GLUTAMIC ACID' ? 'C5 H9 N O4'     147.129 
GLY 'peptide linking'   y GLYCINE         ? 'C2 H5 N O2'     75.067  
HIS 'L-peptide linking' y HISTIDINE       ? 'C6 H10 N3 O2 1' 156.162 
HOH non-polymer         . WATER           ? 'H2 O'           18.015  
ILE 'L-peptide linking' y ISOLEUCINE      ? 'C6 H13 N O2'    131.173 
LEU 'L-peptide linking' y LEUCINE         ? 'C6 H13 N O2'    131.173 
LYS 'L-peptide linking' y LYSINE          ? 'C6 H15 N2 O2 1' 147.195 
MET 'L-peptide linking' y METHIONINE      ? 'C5 H11 N O2 S'  149.211 
PHE 'L-peptide linking' y PHENYLALANINE   ? 'C9 H11 N O2'    165.189 
PRO 'L-peptide linking' y PROLINE         ? 'C5 H9 N O2'     115.130 
SER 'L-peptide linking' y SERINE          ? 'C3 H7 N O3'     105.093 
THR 'L-peptide linking' y THREONINE       ? 'C4 H9 N O3'     119.119 
TYR 'L-peptide linking' y TYROSINE        ? 'C9 H11 N O3'    181.189 
VAL 'L-peptide linking' y VALINE          ? 'C5 H11 N O2'    117.146 
# 
_exptl.entry_id          3BPP 
_exptl.method            'X-RAY DIFFRACTION' 
_exptl.crystals_number   1 
# 
_exptl_crystal.id                    1 
_exptl_crystal.density_meas          ? 
_exptl_crystal.density_Matthews      3.59 
_exptl_crystal.density_percent_sol   65.72 
_exptl_crystal.description           ? 
_exptl_crystal.F_000                 ? 
_exptl_crystal.preparation           ? 
# 
_exptl_crystal_grow.crystal_id      1 
_exptl_crystal_grow.method          'VAPOR DIFFUSION, HANGING DROP' 
_exptl_crystal_grow.temp            293 
_exptl_crystal_grow.temp_details    ? 
_exptl_crystal_grow.pH              4.5 
_exptl_crystal_grow.pdbx_details    
'18% PEG4000, 0.1M magnesium chloride, 0.1M sodium acetate, pH 4.5, VAPOR DIFFUSION, HANGING DROP, temperature 293K' 
_exptl_crystal_grow.pdbx_pH_range   . 
# 
_diffrn.id                     1 
_diffrn.ambient_temp           100.0 
_diffrn.ambient_temp_details   ? 
_diffrn.crystal_id             1 
# 
_diffrn_detector.diffrn_id              1 
_diffrn_detector.detector               CCD 
_diffrn_detector.type                   'ADSC QUANTUM 4' 
_diffrn_detector.pdbx_collection_date   2006-03-17 
_diffrn_detector.details                mirror 
# 
_diffrn_radiation.diffrn_id                        1 
_diffrn_radiation.wavelength_id                    1 
_diffrn_radiation.pdbx_monochromatic_or_laue_m_l   M 
_diffrn_radiation.monochromator                    'Si(111)' 
_diffrn_radiation.pdbx_diffrn_protocol             'SINGLE WAVELENGTH' 
_diffrn_radiation.pdbx_scattering_type             x-ray 
# 
_diffrn_radiation_wavelength.id           1 
_diffrn_radiation_wavelength.wavelength   1.0000 
_diffrn_radiation_wavelength.wt           1.0 
# 
_diffrn_source.diffrn_id                   1 
_diffrn_source.source                      SYNCHROTRON 
_diffrn_source.type                        'PHOTON FACTORY BEAMLINE BL-6A' 
_diffrn_source.pdbx_synchrotron_site       'Photon Factory' 
_diffrn_source.pdbx_synchrotron_beamline   BL-6A 
_diffrn_source.pdbx_wavelength             ? 
_diffrn_source.pdbx_wavelength_list        1.0000 
# 
_reflns.entry_id                     3BPP 
_reflns.observed_criterion_sigma_F   ? 
_reflns.observed_criterion_sigma_I   ? 
_reflns.d_resolution_high            2.3 
_reflns.d_resolution_low             20.0 
_reflns.number_all                   ? 
_reflns.number_obs                   16792 
_reflns.percent_possible_obs         99.0 
_reflns.pdbx_Rmerge_I_obs            0.049 
_reflns.pdbx_Rsym_value              ? 
_reflns.pdbx_netI_over_sigmaI        71.8 
_reflns.B_iso_Wilson_estimate        45.7 
_reflns.pdbx_redundancy              14.1 
_reflns.R_free_details               ? 
_reflns.limit_h_max                  ? 
_reflns.limit_h_min                  ? 
_reflns.limit_k_max                  ? 
_reflns.limit_k_min                  ? 
_reflns.limit_l_max                  ? 
_reflns.limit_l_min                  ? 
_reflns.observed_criterion_F_max     ? 
_reflns.observed_criterion_F_min     ? 
_reflns.pdbx_chi_squared             ? 
_reflns.pdbx_scaling_rejects         ? 
_reflns.pdbx_diffrn_id               1 
_reflns.pdbx_ordinal                 1 
# 
_reflns_shell.d_res_high             2.30 
_reflns_shell.d_res_low              2.38 
_reflns_shell.percent_possible_all   100.0 
_reflns_shell.Rmerge_I_obs           0.330 
_reflns_shell.pdbx_Rsym_value        ? 
_reflns_shell.meanI_over_sigI_obs    11.9 
_reflns_shell.pdbx_redundancy        ? 
_reflns_shell.percent_possible_obs   ? 
_reflns_shell.number_unique_all      ? 
_reflns_shell.number_measured_all    ? 
_reflns_shell.number_measured_obs    ? 
_reflns_shell.number_unique_obs      ? 
_reflns_shell.pdbx_chi_squared       ? 
_reflns_shell.pdbx_diffrn_id         ? 
_reflns_shell.pdbx_ordinal           1 
# 
_refine.entry_id                                 3BPP 
_refine.ls_number_reflns_obs                     15063 
_refine.ls_number_reflns_all                     ? 
_refine.pdbx_ls_sigma_I                          ? 
_refine.pdbx_ls_sigma_F                          ? 
_refine.pdbx_data_cutoff_high_absF               ? 
_refine.pdbx_data_cutoff_low_absF                ? 
_refine.pdbx_data_cutoff_high_rms_absF           ? 
_refine.ls_d_res_low                             19.51 
_refine.ls_d_res_high                            2.30 
_refine.ls_percent_reflns_obs                    99.78 
_refine.ls_R_factor_obs                          0.24374 
_refine.ls_R_factor_all                          ? 
_refine.ls_R_factor_R_work                       0.23669 
_refine.ls_R_factor_R_free                       0.30976 
_refine.ls_R_factor_R_free_error                 ? 
_refine.ls_R_factor_R_free_error_details         ? 
_refine.ls_percent_reflns_R_free                 10.1 
_refine.ls_number_reflns_R_free                  1694 
_refine.ls_number_parameters                     ? 
_refine.ls_number_restraints                     ? 
_refine.occupancy_min                            ? 
_refine.occupancy_max                            ? 
_refine.correlation_coeff_Fo_to_Fc               0.933 
_refine.correlation_coeff_Fo_to_Fc_free          0.882 
_refine.B_iso_mean                               47.985 
_refine.aniso_B[1][1]                            ? 
_refine.aniso_B[2][2]                            ? 
_refine.aniso_B[3][3]                            ? 
_refine.aniso_B[1][2]                            ? 
_refine.aniso_B[1][3]                            ? 
_refine.aniso_B[2][3]                            ? 
_refine.solvent_model_details                    MASK 
_refine.solvent_model_param_ksol                 ? 
_refine.solvent_model_param_bsol                 ? 
_refine.pdbx_solvent_vdw_probe_radii             1.40 
_refine.pdbx_solvent_ion_probe_radii             0.80 
_refine.pdbx_solvent_shrinkage_radii             0.80 
_refine.pdbx_ls_cross_valid_method               THROUGHOUT 
_refine.details                                  ? 
_refine.pdbx_starting_model                      'PDB ENTRY 2DEO' 
_refine.pdbx_method_to_determine_struct          'MOLECULAR REPLACEMENT' 
_refine.pdbx_isotropic_thermal_model             ? 
_refine.pdbx_stereochemistry_target_values       'MAXIMUM LIKELIHOOD' 
_refine.pdbx_stereochem_target_val_spec_case     ? 
_refine.pdbx_R_Free_selection_details            RANDOM 
_refine.pdbx_overall_ESU_R                       0.259 
_refine.pdbx_overall_ESU_R_Free                  0.250 
_refine.overall_SU_ML                            0.194 
_refine.overall_SU_B                             8.011 
_refine.ls_redundancy_reflns_obs                 ? 
_refine.B_iso_min                                ? 
_refine.B_iso_max                                ? 
_refine.overall_SU_R_Cruickshank_DPI             ? 
_refine.overall_SU_R_free                        ? 
_refine.ls_wR_factor_R_free                      ? 
_refine.ls_wR_factor_R_work                      ? 
_refine.overall_FOM_free_R_set                   ? 
_refine.overall_FOM_work_R_set                   ? 
_refine.pdbx_overall_phase_error                 ? 
_refine.pdbx_refine_id                           'X-RAY DIFFRACTION' 
_refine.pdbx_diffrn_id                           1 
_refine.pdbx_TLS_residual_ADP_flag               ? 
_refine.pdbx_overall_SU_R_free_Cruickshank_DPI   ? 
_refine.pdbx_overall_SU_R_Blow_DPI               ? 
_refine.pdbx_overall_SU_R_free_Blow_DPI          ? 
# 
_refine_analyze.entry_id                        3BPP 
_refine_analyze.Luzzati_coordinate_error_obs    0.34 
_refine_analyze.Luzzati_sigma_a_obs             0.34 
_refine_analyze.Luzzati_d_res_low_obs           5.0 
_refine_analyze.Luzzati_coordinate_error_free   0.36 
_refine_analyze.Luzzati_sigma_a_free            0.33 
_refine_analyze.Luzzati_d_res_low_free          ? 
_refine_analyze.number_disordered_residues      ? 
_refine_analyze.occupancy_sum_non_hydrogen      ? 
_refine_analyze.occupancy_sum_hydrogen          ? 
_refine_analyze.pdbx_Luzzati_d_res_high_obs     ? 
_refine_analyze.pdbx_refine_id                  'X-RAY DIFFRACTION' 
# 
_refine_hist.pdbx_refine_id                   'X-RAY DIFFRACTION' 
_refine_hist.cycle_id                         LAST 
_refine_hist.pdbx_number_atoms_protein        1663 
_refine_hist.pdbx_number_atoms_nucleic_acid   0 
_refine_hist.pdbx_number_atoms_ligand         0 
_refine_hist.number_atoms_solvent             63 
_refine_hist.number_atoms_total               1726 
_refine_hist.d_res_high                       2.30 
_refine_hist.d_res_low                        19.51 
# 
loop_
_refine_ls_restr.type 
_refine_ls_restr.dev_ideal 
_refine_ls_restr.dev_ideal_target 
_refine_ls_restr.weight 
_refine_ls_restr.number 
_refine_ls_restr.pdbx_refine_id 
_refine_ls_restr.pdbx_restraint_function 
r_bond_refined_d         0.015  0.022  ? 1693 'X-RAY DIFFRACTION' ? 
r_angle_refined_deg      1.507  1.974  ? 2301 'X-RAY DIFFRACTION' ? 
r_dihedral_angle_1_deg   6.736  5.000  ? 215  'X-RAY DIFFRACTION' ? 
r_dihedral_angle_2_deg   38.645 24.706 ? 68   'X-RAY DIFFRACTION' ? 
r_dihedral_angle_3_deg   16.609 15.000 ? 290  'X-RAY DIFFRACTION' ? 
r_dihedral_angle_4_deg   21.271 15.000 ? 8    'X-RAY DIFFRACTION' ? 
r_chiral_restr           0.090  0.200  ? 270  'X-RAY DIFFRACTION' ? 
r_gen_planes_refined     0.006  0.020  ? 1257 'X-RAY DIFFRACTION' ? 
r_nbd_refined            0.221  0.200  ? 774  'X-RAY DIFFRACTION' ? 
r_nbtor_refined          0.313  0.200  ? 1162 'X-RAY DIFFRACTION' ? 
r_xyhbond_nbd_refined    0.188  0.200  ? 99   'X-RAY DIFFRACTION' ? 
r_symmetry_vdw_refined   0.189  0.200  ? 21   'X-RAY DIFFRACTION' ? 
r_symmetry_hbond_refined 0.060  0.200  ? 3    'X-RAY DIFFRACTION' ? 
r_mcbond_it              6.596  2.000  ? 1114 'X-RAY DIFFRACTION' ? 
r_mcangle_it             8.562  3.000  ? 1747 'X-RAY DIFFRACTION' ? 
r_scbond_it              6.496  2.000  ? 669  'X-RAY DIFFRACTION' ? 
r_scangle_it             8.202  3.000  ? 554  'X-RAY DIFFRACTION' ? 
# 
_refine_ls_shell.pdbx_total_number_of_bins_used   20 
_refine_ls_shell.d_res_high                       2.297 
_refine_ls_shell.d_res_low                        2.356 
_refine_ls_shell.number_reflns_R_work             1070 
_refine_ls_shell.R_factor_R_work                  0.321 
_refine_ls_shell.percent_reflns_obs               99.92 
_refine_ls_shell.R_factor_R_free                  0.46 
_refine_ls_shell.R_factor_R_free_error            ? 
_refine_ls_shell.percent_reflns_R_free            ? 
_refine_ls_shell.number_reflns_R_free             139 
_refine_ls_shell.number_reflns_all                ? 
_refine_ls_shell.R_factor_all                     ? 
_refine_ls_shell.number_reflns_obs                ? 
_refine_ls_shell.redundancy_reflns_obs            ? 
_refine_ls_shell.pdbx_refine_id                   'X-RAY DIFFRACTION' 
# 
_struct.entry_id                  3BPP 
_struct.title                     
'1510-N membrane protease K138A mutant specific for a stomatin homolog from Pyrococcus horikoshii' 
_struct.pdbx_model_details        ? 
_struct.pdbx_CASP_flag            ? 
_struct.pdbx_model_type_details   ? 
# 
_struct_keywords.entry_id        3BPP 
_struct_keywords.pdbx_keywords   HYDROLASE 
_struct_keywords.text            
'membrane protease, specific for a stomatin homolog, archaea, Pyrococcus, thermostable, catalytic dyad, HYDROLASE' 
# 
loop_
_struct_asym.id 
_struct_asym.pdbx_blank_PDB_chainid_flag 
_struct_asym.pdbx_modified 
_struct_asym.entity_id 
_struct_asym.details 
A N N 1 ? 
B N N 2 ? 
# 
_struct_biol.id        1 
_struct_biol.details   ? 
# 
loop_
_struct_conf.conf_type_id 
_struct_conf.id 
_struct_conf.pdbx_PDB_helix_id 
_struct_conf.beg_label_comp_id 
_struct_conf.beg_label_asym_id 
_struct_conf.beg_label_seq_id 
_struct_conf.pdbx_beg_PDB_ins_code 
_struct_conf.end_label_comp_id 
_struct_conf.end_label_asym_id 
_struct_conf.end_label_seq_id 
_struct_conf.pdbx_end_PDB_ins_code 
_struct_conf.beg_auth_comp_id 
_struct_conf.beg_auth_asym_id 
_struct_conf.beg_auth_seq_id 
_struct_conf.end_auth_comp_id 
_struct_conf.end_auth_asym_id 
_struct_conf.end_auth_seq_id 
_struct_conf.pdbx_PDB_helix_class 
_struct_conf.details 
_struct_conf.pdbx_PDB_helix_length 
HELX_P HELX_P1 1 THR A 20  ? ASP A 37  ? THR A 34  ASP A 51  1 ? 18 
HELX_P HELX_P2 2 ARG A 52  ? GLN A 65  ? ARG A 66  GLN A 79  1 ? 14 
HELX_P HELX_P3 3 SER A 83  ? GLY A 91  ? SER A 97  GLY A 105 1 ? 9  
HELX_P HELX_P4 4 PRO A 122 ? GLY A 141 ? PRO A 136 GLY A 155 1 ? 20 
HELX_P HELX_P5 5 ASN A 143 ? LYS A 153 ? ASN A 157 LYS A 167 1 ? 11 
HELX_P HELX_P6 6 THR A 158 ? TYR A 165 ? THR A 172 TYR A 179 1 ? 8  
HELX_P HELX_P7 7 ASP A 174 ? SER A 182 ? ASP A 188 SER A 196 1 ? 9  
HELX_P HELX_P8 8 SER A 211 ? THR A 221 ? SER A 225 THR A 235 1 ? 11 
# 
_struct_conf_type.id          HELX_P 
_struct_conf_type.criteria    ? 
_struct_conf_type.reference   ? 
# 
_struct_mon_prot_cis.pdbx_id                1 
_struct_mon_prot_cis.label_comp_id          TYR 
_struct_mon_prot_cis.label_seq_id           75 
_struct_mon_prot_cis.label_asym_id          A 
_struct_mon_prot_cis.label_alt_id           . 
_struct_mon_prot_cis.pdbx_PDB_ins_code      ? 
_struct_mon_prot_cis.auth_comp_id           TYR 
_struct_mon_prot_cis.auth_seq_id            89 
_struct_mon_prot_cis.auth_asym_id           A 
_struct_mon_prot_cis.pdbx_label_comp_id_2   PRO 
_struct_mon_prot_cis.pdbx_label_seq_id_2    76 
_struct_mon_prot_cis.pdbx_label_asym_id_2   A 
_struct_mon_prot_cis.pdbx_PDB_ins_code_2    ? 
_struct_mon_prot_cis.pdbx_auth_comp_id_2    PRO 
_struct_mon_prot_cis.pdbx_auth_seq_id_2     90 
_struct_mon_prot_cis.pdbx_auth_asym_id_2    A 
_struct_mon_prot_cis.pdbx_PDB_model_num     1 
_struct_mon_prot_cis.pdbx_omega_angle       -2.89 
# 
loop_
_struct_sheet.id 
_struct_sheet.type 
_struct_sheet.number_strands 
_struct_sheet.details 
A ? 6 ? 
B ? 3 ? 
C ? 2 ? 
# 
loop_
_struct_sheet_order.sheet_id 
_struct_sheet_order.range_id_1 
_struct_sheet_order.range_id_2 
_struct_sheet_order.offset 
_struct_sheet_order.sense 
A 1 2 ? parallel      
A 2 3 ? parallel      
A 3 4 ? parallel      
A 4 5 ? parallel      
A 5 6 ? parallel      
B 1 2 ? parallel      
B 2 3 ? anti-parallel 
C 1 2 ? anti-parallel 
# 
loop_
_struct_sheet_range.sheet_id 
_struct_sheet_range.id 
_struct_sheet_range.beg_label_comp_id 
_struct_sheet_range.beg_label_asym_id 
_struct_sheet_range.beg_label_seq_id 
_struct_sheet_range.pdbx_beg_PDB_ins_code 
_struct_sheet_range.end_label_comp_id 
_struct_sheet_range.end_label_asym_id 
_struct_sheet_range.end_label_seq_id 
_struct_sheet_range.pdbx_end_PDB_ins_code 
_struct_sheet_range.beg_auth_comp_id 
_struct_sheet_range.beg_auth_asym_id 
_struct_sheet_range.beg_auth_seq_id 
_struct_sheet_range.end_auth_comp_id 
_struct_sheet_range.end_auth_asym_id 
_struct_sheet_range.end_auth_seq_id 
A 1 VAL A 170 ? VAL A 171 ? VAL A 184 VAL A 185 
A 2 LEU A 94  ? MET A 97  ? LEU A 108 MET A 111 
A 3 VAL A 70  ? VAL A 74  ? VAL A 84  VAL A 88  
A 4 ALA A 41  ? ASP A 47  ? ALA A 55  ASP A 61  
A 5 ILE A 9   ? LYS A 16  ? ILE A 23  LYS A 30  
A 6 GLU A 204 ? TYR A 207 ? GLU A 218 TYR A 221 
B 1 SER A 80  ? ALA A 82  ? SER A 94  ALA A 96  
B 2 SER A 102 ? GLY A 104 ? SER A 116 GLY A 118 
B 3 SER A 156 ? LEU A 157 ? SER A 170 LEU A 171 
C 1 ILE A 109 ? GLY A 111 ? ILE A 123 GLY A 125 
C 2 ILE A 119 ? GLU A 120 ? ILE A 133 GLU A 134 
# 
loop_
_pdbx_struct_sheet_hbond.sheet_id 
_pdbx_struct_sheet_hbond.range_id_1 
_pdbx_struct_sheet_hbond.range_id_2 
_pdbx_struct_sheet_hbond.range_1_label_atom_id 
_pdbx_struct_sheet_hbond.range_1_label_comp_id 
_pdbx_struct_sheet_hbond.range_1_label_asym_id 
_pdbx_struct_sheet_hbond.range_1_label_seq_id 
_pdbx_struct_sheet_hbond.range_1_PDB_ins_code 
_pdbx_struct_sheet_hbond.range_1_auth_atom_id 
_pdbx_struct_sheet_hbond.range_1_auth_comp_id 
_pdbx_struct_sheet_hbond.range_1_auth_asym_id 
_pdbx_struct_sheet_hbond.range_1_auth_seq_id 
_pdbx_struct_sheet_hbond.range_2_label_atom_id 
_pdbx_struct_sheet_hbond.range_2_label_comp_id 
_pdbx_struct_sheet_hbond.range_2_label_asym_id 
_pdbx_struct_sheet_hbond.range_2_label_seq_id 
_pdbx_struct_sheet_hbond.range_2_PDB_ins_code 
_pdbx_struct_sheet_hbond.range_2_auth_atom_id 
_pdbx_struct_sheet_hbond.range_2_auth_comp_id 
_pdbx_struct_sheet_hbond.range_2_auth_asym_id 
_pdbx_struct_sheet_hbond.range_2_auth_seq_id 
A 1 2 N VAL A 170 ? N VAL A 184 O ILE A 95  ? O ILE A 109 
A 2 3 O ALA A 96  ? O ALA A 110 N VAL A 74  ? N VAL A 88  
A 3 4 O ILE A 71  ? O ILE A 85  N ILE A 42  ? N ILE A 56  
A 4 5 O ILE A 43  ? O ILE A 57  N TYR A 11  ? N TYR A 25  
A 5 6 N VAL A 10  ? N VAL A 24  O ARG A 206 ? O ARG A 220 
B 1 2 N ALA A 81  ? N ALA A 95  O SER A 102 ? O SER A 116 
B 2 3 N ILE A 103 ? N ILE A 117 O LEU A 157 ? O LEU A 171 
C 1 2 N LEU A 110 ? N LEU A 124 O ILE A 119 ? O ILE A 133 
# 
_atom_sites.entry_id                    3BPP 
_atom_sites.fract_transf_matrix[1][1]   -0.00440279 
_atom_sites.fract_transf_matrix[1][2]   0.00707530 
_atom_sites.fract_transf_matrix[1][3]   -0.00437293 
_atom_sites.fract_transf_matrix[2][1]   0.00339768 
_atom_sites.fract_transf_matrix[2][2]   0.00604603 
_atom_sites.fract_transf_matrix[2][3]   0.00636146 
_atom_sites.fract_transf_matrix[3][1]   0.00625364 
_atom_sites.fract_transf_matrix[3][2]   0.00115101 
_atom_sites.fract_transf_matrix[3][3]   -0.00443403 
_atom_sites.fract_transf_vector[1]      0.207214 
_atom_sites.fract_transf_vector[2]      0.146870 
_atom_sites.fract_transf_vector[3]      0.138550 
# 
loop_
_atom_type.symbol 
C 
N 
O 
S 
# 
loop_
_atom_site.group_PDB 
_atom_site.id 
_atom_site.type_symbol 
_atom_site.label_atom_id 
_atom_site.label_alt_id 
_atom_site.label_comp_id 
_atom_site.label_asym_id 
_atom_site.label_entity_id 
_atom_site.label_seq_id 
_atom_site.pdbx_PDB_ins_code 
_atom_site.Cartn_x 
_atom_site.Cartn_y 
_atom_site.Cartn_z 
_atom_site.occupancy 
_atom_site.B_iso_or_equiv 
_atom_site.pdbx_formal_charge 
_atom_site.auth_seq_id 
_atom_site.auth_comp_id 
_atom_site.auth_asym_id 
_atom_site.auth_atom_id 
_atom_site.pdbx_PDB_model_num 
ATOM   1    N N   . ALA A 1 6   ? -6.357  2.070   -23.498 1.00 76.67  ? 20  ALA A N   1 
ATOM   2    C CA  . ALA A 1 6   ? -5.570  2.388   -22.268 1.00 84.99  ? 20  ALA A CA  1 
ATOM   3    C C   . ALA A 1 6   ? -4.449  3.390   -22.535 1.00 85.16  ? 20  ALA A C   1 
ATOM   4    O O   . ALA A 1 6   ? -3.348  3.003   -22.940 1.00 89.21  ? 20  ALA A O   1 
ATOM   5    C CB  . ALA A 1 6   ? -5.010  1.117   -21.644 1.00 89.99  ? 20  ALA A CB  1 
ATOM   6    N N   . LYS A 1 7   ? -4.747  4.670   -22.304 1.00 83.17  ? 21  LYS A N   1 
ATOM   7    C CA  . LYS A 1 7   ? -3.795  5.782   -22.431 1.00 82.27  ? 21  LYS A CA  1 
ATOM   8    C C   . LYS A 1 7   ? -2.466  5.504   -21.725 1.00 82.17  ? 21  LYS A C   1 
ATOM   9    O O   . LYS A 1 7   ? -2.452  4.883   -20.657 1.00 75.23  ? 21  LYS A O   1 
ATOM   10   C CB  . LYS A 1 7   ? -4.394  7.050   -21.810 1.00 80.95  ? 21  LYS A CB  1 
ATOM   11   C CG  . LYS A 1 7   ? -5.455  7.758   -22.636 1.00 82.28  ? 21  LYS A CG  1 
ATOM   12   C CD  . LYS A 1 7   ? -6.093  8.914   -21.855 1.00 81.32  ? 21  LYS A CD  1 
ATOM   13   C CE  . LYS A 1 7   ? -5.156  10.122  -21.696 1.00 77.52  ? 21  LYS A CE  1 
ATOM   14   N NZ  . LYS A 1 7   ? -5.806  11.277  -21.000 1.00 68.75  ? 21  LYS A NZ  1 
ATOM   15   N N   . ASN A 1 8   ? -1.353  5.960   -22.306 1.00 82.00  ? 22  ASN A N   1 
ATOM   16   C CA  . ASN A 1 8   ? -0.112  6.012   -21.525 1.00 81.16  ? 22  ASN A CA  1 
ATOM   17   C C   . ASN A 1 8   ? -0.009  7.321   -20.711 1.00 73.94  ? 22  ASN A C   1 
ATOM   18   O O   . ASN A 1 8   ? 0.582   8.318   -21.129 1.00 72.94  ? 22  ASN A O   1 
ATOM   19   C CB  . ASN A 1 8   ? 1.150   5.604   -22.325 1.00 88.14  ? 22  ASN A CB  1 
ATOM   20   C CG  . ASN A 1 8   ? 1.656   6.673   -23.274 1.00 91.93  ? 22  ASN A CG  1 
ATOM   21   O OD1 . ASN A 1 8   ? 0.936   7.595   -23.659 1.00 97.25  ? 22  ASN A OD1 1 
ATOM   22   N ND2 . ASN A 1 8   ? 2.920   6.538   -23.670 1.00 90.70  ? 22  ASN A ND2 1 
ATOM   23   N N   . ILE A 1 9   ? -0.649  7.282   -19.544 1.00 62.43  ? 23  ILE A N   1 
ATOM   24   C CA  . ILE A 1 9   ? -0.767  8.403   -18.632 1.00 47.89  ? 23  ILE A CA  1 
ATOM   25   C C   . ILE A 1 9   ? -0.835  7.825   -17.211 1.00 48.89  ? 23  ILE A C   1 
ATOM   26   O O   . ILE A 1 9   ? -1.747  7.060   -16.882 1.00 40.92  ? 23  ILE A O   1 
ATOM   27   C CB  . ILE A 1 9   ? -1.980  9.317   -19.026 1.00 54.54  ? 23  ILE A CB  1 
ATOM   28   C CG1 . ILE A 1 9   ? -1.804  10.763  -18.538 1.00 51.77  ? 23  ILE A CG1 1 
ATOM   29   C CG2 . ILE A 1 9   ? -3.319  8.703   -18.633 1.00 57.24  ? 23  ILE A CG2 1 
ATOM   30   C CD1 . ILE A 1 9   ? -2.615  11.147  -17.341 1.00 51.49  ? 23  ILE A CD1 1 
ATOM   31   N N   . VAL A 1 10  ? 0.172   8.125   -16.389 1.00 47.94  ? 24  VAL A N   1 
ATOM   32   C CA  . VAL A 1 10  ? 0.208   7.614   -15.012 1.00 38.34  ? 24  VAL A CA  1 
ATOM   33   C C   . VAL A 1 10  ? -0.272  8.712   -14.094 1.00 43.33  ? 24  VAL A C   1 
ATOM   34   O O   . VAL A 1 10  ? 0.044   9.869   -14.315 1.00 40.50  ? 24  VAL A O   1 
ATOM   35   C CB  . VAL A 1 10  ? 1.600   7.166   -14.592 1.00 38.05  ? 24  VAL A CB  1 
ATOM   36   C CG1 . VAL A 1 10  ? 1.517   6.252   -13.365 1.00 42.76  ? 24  VAL A CG1 1 
ATOM   37   C CG2 . VAL A 1 10  ? 2.236   6.390   -15.681 1.00 38.72  ? 24  VAL A CG2 1 
ATOM   38   N N   . TYR A 1 11  ? -1.077  8.363   -13.095 1.00 37.71  ? 25  TYR A N   1 
ATOM   39   C CA  . TYR A 1 11  ? -1.458  9.334   -12.082 1.00 33.78  ? 25  TYR A CA  1 
ATOM   40   C C   . TYR A 1 11  ? -0.611  9.161   -10.820 1.00 34.22  ? 25  TYR A C   1 
ATOM   41   O O   . TYR A 1 11  ? -0.098  8.087   -10.560 1.00 37.46  ? 25  TYR A O   1 
ATOM   42   C CB  . TYR A 1 11  ? -2.951  9.261   -11.786 1.00 41.28  ? 25  TYR A CB  1 
ATOM   43   C CG  . TYR A 1 11  ? -3.797  9.967   -12.830 1.00 44.57  ? 25  TYR A CG  1 
ATOM   44   C CD1 . TYR A 1 11  ? -4.304  11.237  -12.592 1.00 43.82  ? 25  TYR A CD1 1 
ATOM   45   C CD2 . TYR A 1 11  ? -4.072  9.368   -14.059 1.00 48.31  ? 25  TYR A CD2 1 
ATOM   46   C CE1 . TYR A 1 11  ? -5.072  11.888  -13.537 1.00 51.01  ? 25  TYR A CE1 1 
ATOM   47   C CE2 . TYR A 1 11  ? -4.837  10.014  -15.022 1.00 51.84  ? 25  TYR A CE2 1 
ATOM   48   C CZ  . TYR A 1 11  ? -5.338  11.270  -14.751 1.00 53.82  ? 25  TYR A CZ  1 
ATOM   49   O OH  . TYR A 1 11  ? -6.107  11.921  -15.692 1.00 54.28  ? 25  TYR A OH  1 
ATOM   50   N N   . VAL A 1 12  ? -0.419  10.238  -10.069 1.00 30.15  ? 26  VAL A N   1 
ATOM   51   C CA  . VAL A 1 12  ? 0.293   10.133  -8.823  1.00 27.35  ? 26  VAL A CA  1 
ATOM   52   C C   . VAL A 1 12  ? -0.490  10.897  -7.798  1.00 30.86  ? 26  VAL A C   1 
ATOM   53   O O   . VAL A 1 12  ? -0.975  11.987  -8.082  1.00 41.05  ? 26  VAL A O   1 
ATOM   54   C CB  . VAL A 1 12  ? 1.781   10.664  -8.881  1.00 28.43  ? 26  VAL A CB  1 
ATOM   55   C CG1 . VAL A 1 12  ? 2.365   10.677  -7.509  1.00 15.11  ? 26  VAL A CG1 1 
ATOM   56   C CG2 . VAL A 1 12  ? 2.656   9.836   -9.836  1.00 20.83  ? 26  VAL A CG2 1 
ATOM   57   N N   . ALA A 1 13  ? -0.611  10.300  -6.611  1.00 29.40  ? 27  ALA A N   1 
ATOM   58   C CA  . ALA A 1 13  ? -1.335  10.879  -5.489  1.00 34.16  ? 27  ALA A CA  1 
ATOM   59   C C   . ALA A 1 13  ? -0.630  10.489  -4.187  1.00 30.81  ? 27  ALA A C   1 
ATOM   60   O O   . ALA A 1 13  ? 0.137   9.511   -4.152  1.00 34.51  ? 27  ALA A O   1 
ATOM   61   C CB  . ALA A 1 13  ? -2.809  10.395  -5.504  1.00 28.89  ? 27  ALA A CB  1 
ATOM   62   N N   . GLN A 1 14  ? -0.859  11.255  -3.128  1.00 35.26  ? 28  GLN A N   1 
ATOM   63   C CA  . GLN A 1 14  ? -0.283  10.930  -1.815  1.00 37.45  ? 28  GLN A CA  1 
ATOM   64   C C   . GLN A 1 14  ? -1.353  10.486  -0.837  1.00 34.59  ? 28  GLN A C   1 
ATOM   65   O O   . GLN A 1 14  ? -2.467  10.995  -0.873  1.00 35.29  ? 28  GLN A O   1 
ATOM   66   C CB  . GLN A 1 14  ? 0.470   12.108  -1.199  1.00 23.05  ? 28  GLN A CB  1 
ATOM   67   C CG  . GLN A 1 14  ? 1.547   12.740  -2.094  1.00 55.18  ? 28  GLN A CG  1 
ATOM   68   C CD  . GLN A 1 14  ? 1.118   14.067  -2.728  1.00 51.91  ? 28  GLN A CD  1 
ATOM   69   O OE1 . GLN A 1 14  ? 0.896   15.057  -2.029  1.00 52.78  ? 28  GLN A OE1 1 
ATOM   70   N NE2 . GLN A 1 14  ? 1.022   14.090  -4.060  1.00 59.90  ? 28  GLN A NE2 1 
ATOM   71   N N   . ILE A 1 15  ? -1.010  9.536   0.031   1.00 30.16  ? 29  ILE A N   1 
ATOM   72   C CA  . ILE A 1 15  ? -1.858  9.174   1.181   1.00 33.01  ? 29  ILE A CA  1 
ATOM   73   C C   . ILE A 1 15  ? -0.956  9.149   2.416   1.00 22.31  ? 29  ILE A C   1 
ATOM   74   O O   . ILE A 1 15  ? 0.039   8.456   2.444   1.00 34.00  ? 29  ILE A O   1 
ATOM   75   C CB  . ILE A 1 15  ? -2.576  7.800   0.982   1.00 32.24  ? 29  ILE A CB  1 
ATOM   76   C CG1 . ILE A 1 15  ? -3.502  7.829   -0.237  1.00 27.90  ? 29  ILE A CG1 1 
ATOM   77   C CG2 . ILE A 1 15  ? -3.291  7.364   2.282   1.00 36.60  ? 29  ILE A CG2 1 
ATOM   78   C CD1 . ILE A 1 15  ? -4.945  8.047   0.077   1.00 30.44  ? 29  ILE A CD1 1 
ATOM   79   N N   . LYS A 1 16  ? -1.263  9.963   3.403   1.00 26.56  ? 30  LYS A N   1 
ATOM   80   C CA  . LYS A 1 16  ? -0.395  10.088  4.563   1.00 40.14  ? 30  LYS A CA  1 
ATOM   81   C C   . LYS A 1 16  ? -1.248  10.002  5.799   1.00 38.46  ? 30  LYS A C   1 
ATOM   82   O O   . LYS A 1 16  ? -2.445  10.289  5.732   1.00 37.52  ? 30  LYS A O   1 
ATOM   83   C CB  . LYS A 1 16  ? 0.353   11.427  4.555   1.00 37.79  ? 30  LYS A CB  1 
ATOM   84   C CG  . LYS A 1 16  ? 1.588   11.462  3.697   1.00 48.89  ? 30  LYS A CG  1 
ATOM   85   C CD  . LYS A 1 16  ? 2.137   12.903  3.550   1.00 58.59  ? 30  LYS A CD  1 
ATOM   86   C CE  . LYS A 1 16  ? 3.364   12.961  2.623   1.00 57.62  ? 30  LYS A CE  1 
ATOM   87   N NZ  . LYS A 1 16  ? 3.072   12.448  1.245   1.00 55.80  ? 30  LYS A NZ  1 
ATOM   88   N N   . GLY A 1 17  ? -0.634  9.583   6.912   1.00 36.34  ? 31  GLY A N   1 
ATOM   89   C CA  . GLY A 1 17  ? -1.276  9.610   8.217   1.00 30.34  ? 31  GLY A CA  1 
ATOM   90   C C   . GLY A 1 17  ? -2.078  8.370   8.513   1.00 35.92  ? 31  GLY A C   1 
ATOM   91   O O   . GLY A 1 17  ? -2.051  7.406   7.767   1.00 36.79  ? 31  GLY A O   1 
ATOM   92   N N   . GLN A 1 18  ? -2.772  8.410   9.641   1.00 39.61  ? 32  GLN A N   1 
ATOM   93   C CA  . GLN A 1 18  ? -3.605  7.334   10.149  1.00 39.70  ? 32  GLN A CA  1 
ATOM   94   C C   . GLN A 1 18  ? -4.609  6.873   9.095   1.00 38.90  ? 32  GLN A C   1 
ATOM   95   O O   . GLN A 1 18  ? -5.105  7.689   8.321   1.00 45.35  ? 32  GLN A O   1 
ATOM   96   C CB  . GLN A 1 18  ? -4.343  7.880   11.379  1.00 48.48  ? 32  GLN A CB  1 
ATOM   97   C CG  . GLN A 1 18  ? -5.043  6.855   12.228  1.00 60.28  ? 32  GLN A CG  1 
ATOM   98   C CD  . GLN A 1 18  ? -4.120  6.214   13.230  1.00 67.09  ? 32  GLN A CD  1 
ATOM   99   O OE1 . GLN A 1 18  ? -4.391  5.111   13.706  1.00 64.81  ? 32  GLN A OE1 1 
ATOM   100  N NE2 . GLN A 1 18  ? -3.018  6.901   13.565  1.00 67.33  ? 32  GLN A NE2 1 
ATOM   101  N N   . ILE A 1 19  ? -4.897  5.572   9.047   1.00 31.90  ? 33  ILE A N   1 
ATOM   102  C CA  . ILE A 1 19  ? -5.900  5.054   8.119   1.00 37.74  ? 33  ILE A CA  1 
ATOM   103  C C   . ILE A 1 19  ? -7.277  5.096   8.773   1.00 41.37  ? 33  ILE A C   1 
ATOM   104  O O   . ILE A 1 19  ? -7.451  4.546   9.861   1.00 45.83  ? 33  ILE A O   1 
ATOM   105  C CB  . ILE A 1 19  ? -5.559  3.617   7.603   1.00 45.62  ? 33  ILE A CB  1 
ATOM   106  C CG1 . ILE A 1 19  ? -4.137  3.543   6.992   1.00 37.89  ? 33  ILE A CG1 1 
ATOM   107  C CG2 . ILE A 1 19  ? -6.649  3.087   6.668   1.00 35.88  ? 33  ILE A CG2 1 
ATOM   108  C CD1 . ILE A 1 19  ? -3.925  4.278   5.629   1.00 35.80  ? 33  ILE A CD1 1 
ATOM   109  N N   . THR A 1 20  ? -8.228  5.791   8.128   1.00 40.22  ? 34  THR A N   1 
ATOM   110  C CA  . THR A 1 20  ? -9.605  5.979   8.637   1.00 31.49  ? 34  THR A CA  1 
ATOM   111  C C   . THR A 1 20  ? -10.648 5.712   7.537   1.00 39.93  ? 34  THR A C   1 
ATOM   112  O O   . THR A 1 20  ? -10.312 5.313   6.417   1.00 39.58  ? 34  THR A O   1 
ATOM   113  C CB  . THR A 1 20  ? -9.842  7.414   9.229   1.00 40.19  ? 34  THR A CB  1 
ATOM   114  O OG1 . THR A 1 20  ? -9.574  8.410   8.232   1.00 47.02  ? 34  THR A OG1 1 
ATOM   115  C CG2 . THR A 1 20  ? -8.962  7.699   10.434  1.00 36.67  ? 34  THR A CG2 1 
ATOM   116  N N   . SER A 1 21  ? -11.921 5.946   7.844   1.00 48.44  ? 35  SER A N   1 
ATOM   117  C CA  . SER A 1 21  ? -12.988 5.894   6.820   1.00 41.52  ? 35  SER A CA  1 
ATOM   118  C C   . SER A 1 21  ? -12.761 6.937   5.741   1.00 39.07  ? 35  SER A C   1 
ATOM   119  O O   . SER A 1 21  ? -13.168 6.759   4.584   1.00 48.07  ? 35  SER A O   1 
ATOM   120  C CB  . SER A 1 21  ? -14.369 6.111   7.454   1.00 46.30  ? 35  SER A CB  1 
ATOM   121  O OG  . SER A 1 21  ? -14.305 6.996   8.575   1.00 55.63  ? 35  SER A OG  1 
ATOM   122  N N   . TYR A 1 22  ? -12.103 8.023   6.134   1.00 38.48  ? 36  TYR A N   1 
ATOM   123  C CA  . TYR A 1 22  ? -11.747 9.104   5.229   1.00 41.49  ? 36  TYR A CA  1 
ATOM   124  C C   . TYR A 1 22  ? -10.657 8.721   4.239   1.00 35.10  ? 36  TYR A C   1 
ATOM   125  O O   . TYR A 1 22  ? -10.688 9.143   3.072   1.00 46.06  ? 36  TYR A O   1 
ATOM   126  C CB  . TYR A 1 22  ? -11.317 10.326  6.036   1.00 52.21  ? 36  TYR A CB  1 
ATOM   127  C CG  . TYR A 1 22  ? -12.411 10.875  6.909   1.00 59.42  ? 36  TYR A CG  1 
ATOM   128  C CD1 . TYR A 1 22  ? -12.324 10.812  8.308   1.00 63.85  ? 36  TYR A CD1 1 
ATOM   129  C CD2 . TYR A 1 22  ? -13.545 11.454  6.343   1.00 65.67  ? 36  TYR A CD2 1 
ATOM   130  C CE1 . TYR A 1 22  ? -13.343 11.321  9.118   1.00 66.07  ? 36  TYR A CE1 1 
ATOM   131  C CE2 . TYR A 1 22  ? -14.569 11.967  7.145   1.00 69.88  ? 36  TYR A CE2 1 
ATOM   132  C CZ  . TYR A 1 22  ? -14.462 11.903  8.522   1.00 65.14  ? 36  TYR A CZ  1 
ATOM   133  O OH  . TYR A 1 22  ? -15.483 12.424  9.287   1.00 66.27  ? 36  TYR A OH  1 
ATOM   134  N N   . THR A 1 23  ? -9.685  7.945   4.716   1.00 39.35  ? 37  THR A N   1 
ATOM   135  C CA  . THR A 1 23  ? -8.598  7.448   3.873   1.00 34.33  ? 37  THR A CA  1 
ATOM   136  C C   . THR A 1 23  ? -9.171  6.641   2.721   1.00 27.83  ? 37  THR A C   1 
ATOM   137  O O   . THR A 1 23  ? -8.682  6.752   1.601   1.00 42.19  ? 37  THR A O   1 
ATOM   138  C CB  . THR A 1 23  ? -7.561  6.601   4.674   1.00 32.05  ? 37  THR A CB  1 
ATOM   139  O OG1 . THR A 1 23  ? -7.175  7.313   5.848   1.00 37.85  ? 37  THR A OG1 1 
ATOM   140  C CG2 . THR A 1 23  ? -6.323  6.339   3.840   1.00 26.67  ? 37  THR A CG2 1 
ATOM   141  N N   . TYR A 1 24  ? -10.200 5.823   2.996   1.00 33.09  ? 38  TYR A N   1 
ATOM   142  C CA  . TYR A 1 24  ? -10.870 5.056   1.930   1.00 26.08  ? 38  TYR A CA  1 
ATOM   143  C C   . TYR A 1 24  ? -11.452 5.987   0.836   1.00 30.29  ? 38  TYR A C   1 
ATOM   144  O O   . TYR A 1 24  ? -11.349 5.706   -0.375  1.00 33.07  ? 38  TYR A O   1 
ATOM   145  C CB  . TYR A 1 24  ? -11.951 4.112   2.488   1.00 27.31  ? 38  TYR A CB  1 
ATOM   146  C CG  . TYR A 1 24  ? -12.723 3.435   1.357   1.00 26.36  ? 38  TYR A CG  1 
ATOM   147  C CD1 . TYR A 1 24  ? -12.233 2.303   0.740   1.00 26.56  ? 38  TYR A CD1 1 
ATOM   148  C CD2 . TYR A 1 24  ? -13.908 3.990   0.859   1.00 34.73  ? 38  TYR A CD2 1 
ATOM   149  C CE1 . TYR A 1 24  ? -12.911 1.702   -0.327  1.00 34.16  ? 38  TYR A CE1 1 
ATOM   150  C CE2 . TYR A 1 24  ? -14.580 3.422   -0.209  1.00 34.04  ? 38  TYR A CE2 1 
ATOM   151  C CZ  . TYR A 1 24  ? -14.084 2.265   -0.789  1.00 37.82  ? 38  TYR A CZ  1 
ATOM   152  O OH  . TYR A 1 24  ? -14.757 1.673   -1.839  1.00 38.32  ? 38  TYR A OH  1 
ATOM   153  N N   . ASP A 1 25  ? -12.078 7.083   1.275   1.00 37.86  ? 39  ASP A N   1 
ATOM   154  C CA  . ASP A 1 25  ? -12.649 8.094   0.369   1.00 41.72  ? 39  ASP A CA  1 
ATOM   155  C C   . ASP A 1 25  ? -11.587 8.669   -0.584  1.00 35.29  ? 39  ASP A C   1 
ATOM   156  O O   . ASP A 1 25  ? -11.793 8.740   -1.801  1.00 36.79  ? 39  ASP A O   1 
ATOM   157  C CB  . ASP A 1 25  ? -13.312 9.214   1.185   1.00 47.84  ? 39  ASP A CB  1 
ATOM   158  C CG  . ASP A 1 25  ? -14.590 8.763   1.902   1.00 51.44  ? 39  ASP A CG  1 
ATOM   159  O OD1 . ASP A 1 25  ? -15.204 7.751   1.485   1.00 51.49  ? 39  ASP A OD1 1 
ATOM   160  O OD2 . ASP A 1 25  ? -14.989 9.443   2.883   1.00 56.61  ? 39  ASP A OD2 1 
ATOM   161  N N   . GLN A 1 26  ? -10.447 9.050   -0.009  1.00 32.14  ? 40  GLN A N   1 
ATOM   162  C CA  . GLN A 1 26  ? -9.250  9.434   -0.772  1.00 30.69  ? 40  GLN A CA  1 
ATOM   163  C C   . GLN A 1 26  ? -8.800  8.389   -1.773  1.00 30.87  ? 40  GLN A C   1 
ATOM   164  O O   . GLN A 1 26  ? -8.749  8.670   -2.961  1.00 35.98  ? 40  GLN A O   1 
ATOM   165  C CB  . GLN A 1 26  ? -8.136  9.808   0.186   1.00 33.19  ? 40  GLN A CB  1 
ATOM   166  C CG  . GLN A 1 26  ? -8.499  11.037  0.978   1.00 41.17  ? 40  GLN A CG  1 
ATOM   167  C CD  . GLN A 1 26  ? -7.674  11.255  2.219   1.00 55.17  ? 40  GLN A CD  1 
ATOM   168  O OE1 . GLN A 1 26  ? -6.613  10.664  2.391   1.00 61.39  ? 40  GLN A OE1 1 
ATOM   169  N NE2 . GLN A 1 26  ? -8.162  12.128  3.103   1.00 57.51  ? 40  GLN A NE2 1 
ATOM   170  N N   . PHE A 1 27  ? -8.508  7.172   -1.324  1.00 32.12  ? 41  PHE A N   1 
ATOM   171  C CA  . PHE A 1 27  ? -8.102  6.089   -2.250  1.00 30.58  ? 41  PHE A CA  1 
ATOM   172  C C   . PHE A 1 27  ? -9.117  5.904   -3.384  1.00 33.97  ? 41  PHE A C   1 
ATOM   173  O O   . PHE A 1 27  ? -8.747  5.699   -4.547  1.00 31.93  ? 41  PHE A O   1 
ATOM   174  C CB  . PHE A 1 27  ? -7.986  4.743   -1.508  1.00 22.94  ? 41  PHE A CB  1 
ATOM   175  C CG  . PHE A 1 27  ? -6.597  4.419   -0.946  1.00 21.46  ? 41  PHE A CG  1 
ATOM   176  C CD1 . PHE A 1 27  ? -6.302  4.639   0.382   1.00 25.81  ? 41  PHE A CD1 1 
ATOM   177  C CD2 . PHE A 1 27  ? -5.625  3.856   -1.741  1.00 18.29  ? 41  PHE A CD2 1 
ATOM   178  C CE1 . PHE A 1 27  ? -5.049  4.284   0.908   1.00 24.62  ? 41  PHE A CE1 1 
ATOM   179  C CE2 . PHE A 1 27  ? -4.390  3.504   -1.217  1.00 21.47  ? 41  PHE A CE2 1 
ATOM   180  C CZ  . PHE A 1 27  ? -4.115  3.721   0.108   1.00 20.91  ? 41  PHE A CZ  1 
ATOM   181  N N   . ASP A 1 28  ? -10.401 5.930   -3.025  1.00 36.81  ? 42  ASP A N   1 
ATOM   182  C CA  . ASP A 1 28  ? -11.482 5.740   -3.990  1.00 33.43  ? 42  ASP A CA  1 
ATOM   183  C C   . ASP A 1 28  ? -11.514 6.897   -4.999  1.00 24.36  ? 42  ASP A C   1 
ATOM   184  O O   . ASP A 1 28  ? -11.572 6.672   -6.212  1.00 38.69  ? 42  ASP A O   1 
ATOM   185  C CB  . ASP A 1 28  ? -12.829 5.630   -3.254  1.00 30.67  ? 42  ASP A CB  1 
ATOM   186  C CG  . ASP A 1 28  ? -13.994 5.414   -4.195  1.00 36.37  ? 42  ASP A CG  1 
ATOM   187  O OD1 . ASP A 1 28  ? -13.832 4.672   -5.183  1.00 42.26  ? 42  ASP A OD1 1 
ATOM   188  O OD2 . ASP A 1 28  ? -15.073 5.979   -3.943  1.00 46.96  ? 42  ASP A OD2 1 
ATOM   189  N N   . ARG A 1 29  ? -11.468 8.130   -4.488  1.00 38.09  ? 43  ARG A N   1 
ATOM   190  C CA  . ARG A 1 29  ? -11.488 9.328   -5.336  1.00 39.73  ? 43  ARG A CA  1 
ATOM   191  C C   . ARG A 1 29  ? -10.371 9.262   -6.365  1.00 39.94  ? 43  ARG A C   1 
ATOM   192  O O   . ARG A 1 29  ? -10.632 9.357   -7.571  1.00 52.53  ? 43  ARG A O   1 
ATOM   193  C CB  . ARG A 1 29  ? -11.389 10.594  -4.479  1.00 44.96  ? 43  ARG A CB  1 
ATOM   194  C CG  . ARG A 1 29  ? -11.141 11.898  -5.252  1.00 47.87  ? 43  ARG A CG  1 
ATOM   195  C CD  . ARG A 1 29  ? -11.419 13.114  -4.365  1.00 53.83  ? 43  ARG A CD  1 
ATOM   196  N NE  . ARG A 1 29  ? -10.297 13.528  -3.514  1.00 58.75  ? 43  ARG A NE  1 
ATOM   197  C CZ  . ARG A 1 29  ? -10.298 13.522  -2.177  1.00 61.73  ? 43  ARG A CZ  1 
ATOM   198  N NH1 . ARG A 1 29  ? -9.223  13.936  -1.511  1.00 50.49  ? 43  ARG A NH1 1 
ATOM   199  N NH2 . ARG A 1 29  ? -11.365 13.119  -1.496  1.00 63.84  ? 43  ARG A NH2 1 
ATOM   200  N N   . TYR A 1 30  ? -9.137  9.050   -5.891  1.00 41.48  ? 44  TYR A N   1 
ATOM   201  C CA  . TYR A 1 30  ? -7.957  9.025   -6.763  1.00 26.44  ? 44  TYR A CA  1 
ATOM   202  C C   . TYR A 1 30  ? -7.987  7.936   -7.766  1.00 30.33  ? 44  TYR A C   1 
ATOM   203  O O   . TYR A 1 30  ? -7.601  8.165   -8.925  1.00 28.61  ? 44  TYR A O   1 
ATOM   204  C CB  . TYR A 1 30  ? -6.649  8.888   -5.959  1.00 34.75  ? 44  TYR A CB  1 
ATOM   205  C CG  . TYR A 1 30  ? -6.353  10.062  -5.086  1.00 32.55  ? 44  TYR A CG  1 
ATOM   206  C CD1 . TYR A 1 30  ? -5.890  9.885   -3.785  1.00 28.82  ? 44  TYR A CD1 1 
ATOM   207  C CD2 . TYR A 1 30  ? -6.553  11.367  -5.553  1.00 33.74  ? 44  TYR A CD2 1 
ATOM   208  C CE1 . TYR A 1 30  ? -5.623  10.979  -2.982  1.00 32.39  ? 44  TYR A CE1 1 
ATOM   209  C CE2 . TYR A 1 30  ? -6.277  12.457  -4.764  1.00 32.27  ? 44  TYR A CE2 1 
ATOM   210  C CZ  . TYR A 1 30  ? -5.826  12.261  -3.483  1.00 32.64  ? 44  TYR A CZ  1 
ATOM   211  O OH  . TYR A 1 30  ? -5.548  13.348  -2.714  1.00 32.06  ? 44  TYR A OH  1 
ATOM   212  N N   . ILE A 1 31  ? -8.386  6.732   -7.335  1.00 32.12  ? 45  ILE A N   1 
ATOM   213  C CA  . ILE A 1 31  ? -8.375  5.561   -8.237  1.00 38.01  ? 45  ILE A CA  1 
ATOM   214  C C   . ILE A 1 31  ? -9.431  5.737   -9.334  1.00 42.22  ? 45  ILE A C   1 
ATOM   215  O O   . ILE A 1 31  ? -9.200  5.351   -10.483 1.00 48.78  ? 45  ILE A O   1 
ATOM   216  C CB  . ILE A 1 31  ? -8.525  4.182   -7.496  1.00 41.34  ? 45  ILE A CB  1 
ATOM   217  C CG1 . ILE A 1 31  ? -7.377  3.972   -6.498  1.00 49.34  ? 45  ILE A CG1 1 
ATOM   218  C CG2 . ILE A 1 31  ? -8.469  3.026   -8.493  1.00 42.48  ? 45  ILE A CG2 1 
ATOM   219  C CD1 . ILE A 1 31  ? -7.598  2.903   -5.409  1.00 36.68  ? 45  ILE A CD1 1 
ATOM   220  N N   . THR A 1 32  ? -10.566 6.342   -8.974  1.00 46.36  ? 46  THR A N   1 
ATOM   221  C CA  . THR A 1 32  ? -11.642 6.668   -9.928  1.00 51.84  ? 46  THR A CA  1 
ATOM   222  C C   . THR A 1 32  ? -11.205 7.652   -11.033 1.00 52.99  ? 46  THR A C   1 
ATOM   223  O O   . THR A 1 32  ? -11.382 7.351   -12.216 1.00 51.36  ? 46  THR A O   1 
ATOM   224  C CB  . THR A 1 32  ? -12.886 7.244   -9.218  1.00 49.52  ? 46  THR A CB  1 
ATOM   225  O OG1 . THR A 1 32  ? -13.351 6.317   -8.235  1.00 44.68  ? 46  THR A OG1 1 
ATOM   226  C CG2 . THR A 1 32  ? -14.004 7.485   -10.216 1.00 53.04  ? 46  THR A CG2 1 
ATOM   227  N N   . ILE A 1 33  ? -10.646 8.814   -10.653 1.00 49.96  ? 47  ILE A N   1 
ATOM   228  C CA  . ILE A 1 33  ? -10.145 9.812   -11.629 1.00 33.91  ? 47  ILE A CA  1 
ATOM   229  C C   . ILE A 1 33  ? -9.270  9.159   -12.686 1.00 47.67  ? 47  ILE A C   1 
ATOM   230  O O   . ILE A 1 33  ? -9.449  9.383   -13.892 1.00 61.81  ? 47  ILE A O   1 
ATOM   231  C CB  . ILE A 1 33  ? -9.414  10.991  -10.935 1.00 46.58  ? 47  ILE A CB  1 
ATOM   232  C CG1 . ILE A 1 33  ? -10.321 11.635  -9.898  1.00 38.83  ? 47  ILE A CG1 1 
ATOM   233  C CG2 . ILE A 1 33  ? -8.986  12.056  -11.938 1.00 49.75  ? 47  ILE A CG2 1 
ATOM   234  C CD1 . ILE A 1 33  ? -9.599  12.480  -8.825  1.00 39.88  ? 47  ILE A CD1 1 
ATOM   235  N N   . ALA A 1 34  ? -8.371  8.290   -12.246 1.00 43.45  ? 48  ALA A N   1 
ATOM   236  C CA  . ALA A 1 34  ? -7.462  7.622   -13.148 1.00 37.90  ? 48  ALA A CA  1 
ATOM   237  C C   . ALA A 1 34  ? -8.181  6.530   -13.937 1.00 48.67  ? 48  ALA A C   1 
ATOM   238  O O   . ALA A 1 34  ? -7.780  6.192   -15.077 1.00 35.96  ? 48  ALA A O   1 
ATOM   239  C CB  . ALA A 1 34  ? -6.304  7.038   -12.351 1.00 27.66  ? 48  ALA A CB  1 
ATOM   240  N N   . GLU A 1 35  ? -9.196  5.938   -13.300 1.00 53.06  ? 49  GLU A N   1 
ATOM   241  C CA  . GLU A 1 35  ? -10.078 4.960   -13.947 1.00 49.52  ? 49  GLU A CA  1 
ATOM   242  C C   . GLU A 1 35  ? -10.894 5.670   -15.036 1.00 50.36  ? 49  GLU A C   1 
ATOM   243  O O   . GLU A 1 35  ? -10.811 5.260   -16.189 1.00 42.47  ? 49  GLU A O   1 
ATOM   244  C CB  . GLU A 1 35  ? -10.985 4.216   -12.928 1.00 52.51  ? 49  GLU A CB  1 
ATOM   245  C CG  . GLU A 1 35  ? -10.403 2.873   -12.387 1.00 41.04  ? 49  GLU A CG  1 
ATOM   246  C CD  . GLU A 1 35  ? -11.212 2.258   -11.224 1.00 38.50  ? 49  GLU A CD  1 
ATOM   247  O OE1 . GLU A 1 35  ? -11.952 2.968   -10.510 1.00 37.84  ? 49  GLU A OE1 1 
ATOM   248  O OE2 . GLU A 1 35  ? -11.107 1.031   -11.018 1.00 43.63  ? 49  GLU A OE2 1 
ATOM   249  N N   . GLN A 1 36  ? -11.636 6.735   -14.677 1.00 44.03  ? 50  GLN A N   1 
ATOM   250  C CA  . GLN A 1 36  ? -12.382 7.548   -15.651 1.00 58.19  ? 50  GLN A CA  1 
ATOM   251  C C   . GLN A 1 36  ? -11.511 7.814   -16.873 1.00 69.20  ? 50  GLN A C   1 
ATOM   252  O O   . GLN A 1 36  ? -11.808 7.358   -17.987 1.00 77.83  ? 50  GLN A O   1 
ATOM   253  C CB  . GLN A 1 36  ? -12.825 8.914   -15.083 1.00 66.41  ? 50  GLN A CB  1 
ATOM   254  C CG  . GLN A 1 36  ? -13.386 8.953   -13.652 1.00 75.15  ? 50  GLN A CG  1 
ATOM   255  C CD  . GLN A 1 36  ? -14.802 8.410   -13.526 1.00 77.80  ? 50  GLN A CD  1 
ATOM   256  O OE1 . GLN A 1 36  ? -15.134 7.350   -14.072 1.00 79.74  ? 50  GLN A OE1 1 
ATOM   257  N NE2 . GLN A 1 36  ? -15.642 9.130   -12.779 1.00 73.89  ? 50  GLN A NE2 1 
ATOM   258  N N   . ASP A 1 37  ? -10.424 8.549   -16.647 1.00 66.86  ? 51  ASP A N   1 
ATOM   259  C CA  . ASP A 1 37  ? -9.492  8.925   -17.701 1.00 63.35  ? 51  ASP A CA  1 
ATOM   260  C C   . ASP A 1 37  ? -8.854  7.748   -18.456 1.00 61.91  ? 51  ASP A C   1 
ATOM   261  O O   . ASP A 1 37  ? -8.196  7.948   -19.472 1.00 59.28  ? 51  ASP A O   1 
ATOM   262  C CB  . ASP A 1 37  ? -8.413  9.835   -17.122 1.00 66.92  ? 51  ASP A CB  1 
ATOM   263  C CG  . ASP A 1 37  ? -7.442  10.299  -18.165 1.00 72.98  ? 51  ASP A CG  1 
ATOM   264  O OD1 . ASP A 1 37  ? -7.850  11.095  -19.035 1.00 80.43  ? 51  ASP A OD1 1 
ATOM   265  O OD2 . ASP A 1 37  ? -6.278  9.847   -18.128 1.00 75.01  ? 51  ASP A OD2 1 
ATOM   266  N N   . ASN A 1 38  ? -9.058  6.528   -17.964 1.00 65.60  ? 52  ASN A N   1 
ATOM   267  C CA  . ASN A 1 38  ? -8.541  5.314   -18.614 1.00 69.75  ? 52  ASN A CA  1 
ATOM   268  C C   . ASN A 1 38  ? -7.020  5.243   -18.612 1.00 65.13  ? 52  ASN A C   1 
ATOM   269  O O   . ASN A 1 38  ? -6.401  5.069   -19.656 1.00 63.16  ? 52  ASN A O   1 
ATOM   270  C CB  . ASN A 1 38  ? -9.083  5.187   -20.048 1.00 77.51  ? 52  ASN A CB  1 
ATOM   271  C CG  . ASN A 1 38  ? -9.238  3.744   -20.491 1.00 84.98  ? 52  ASN A CG  1 
ATOM   272  O OD1 . ASN A 1 38  ? -10.348 3.197   -20.482 1.00 87.66  ? 52  ASN A OD1 1 
ATOM   273  N ND2 . ASN A 1 38  ? -8.129  3.114   -20.876 1.00 81.46  ? 52  ASN A ND2 1 
ATOM   274  N N   . ALA A 1 39  ? -6.430  5.355   -17.422 1.00 66.42  ? 53  ALA A N   1 
ATOM   275  C CA  . ALA A 1 39  ? -4.976  5.418   -17.256 1.00 51.31  ? 53  ALA A CA  1 
ATOM   276  C C   . ALA A 1 39  ? -4.250  4.104   -17.524 1.00 46.70  ? 53  ALA A C   1 
ATOM   277  O O   . ALA A 1 39  ? -4.871  3.064   -17.681 1.00 62.93  ? 53  ALA A O   1 
ATOM   278  C CB  . ALA A 1 39  ? -4.641  5.932   -15.863 1.00 55.83  ? 53  ALA A CB  1 
ATOM   279  N N   . GLU A 1 40  ? -2.924  4.184   -17.602 1.00 43.89  ? 54  GLU A N   1 
ATOM   280  C CA  . GLU A 1 40  ? -2.022  3.037   -17.557 1.00 35.44  ? 54  GLU A CA  1 
ATOM   281  C C   . GLU A 1 40  ? -1.853  2.470   -16.126 1.00 46.42  ? 54  GLU A C   1 
ATOM   282  O O   . GLU A 1 40  ? -1.692  1.251   -15.945 1.00 51.56  ? 54  GLU A O   1 
ATOM   283  C CB  . GLU A 1 40  ? -0.666  3.475   -18.089 1.00 43.44  ? 54  GLU A CB  1 
ATOM   284  C CG  . GLU A 1 40  ? 0.445   2.430   -18.003 1.00 54.89  ? 54  GLU A CG  1 
ATOM   285  C CD  . GLU A 1 40  ? 0.243   1.240   -18.931 1.00 58.92  ? 54  GLU A CD  1 
ATOM   286  O OE1 . GLU A 1 40  ? 0.966   0.226   -18.738 1.00 47.85  ? 54  GLU A OE1 1 
ATOM   287  O OE2 . GLU A 1 40  ? -0.623  1.331   -19.846 1.00 59.95  ? 54  GLU A OE2 1 
ATOM   288  N N   . ALA A 1 41  ? -1.872  3.363   -15.133 1.00 37.86  ? 55  ALA A N   1 
ATOM   289  C CA  . ALA A 1 41  ? -1.592  3.062   -13.727 1.00 31.09  ? 55  ALA A CA  1 
ATOM   290  C C   . ALA A 1 41  ? -1.873  4.282   -12.889 1.00 35.92  ? 55  ALA A C   1 
ATOM   291  O O   . ALA A 1 41  ? -1.953  5.400   -13.425 1.00 36.40  ? 55  ALA A O   1 
ATOM   292  C CB  . ALA A 1 41  ? -0.145  2.645   -13.524 1.00 29.27  ? 55  ALA A CB  1 
ATOM   293  N N   . ILE A 1 42  ? -2.075  4.051   -11.585 1.00 34.73  ? 56  ILE A N   1 
ATOM   294  C CA  . ILE A 1 42  ? -2.013  5.098   -10.563 1.00 31.10  ? 56  ILE A CA  1 
ATOM   295  C C   . ILE A 1 42  ? -0.907  4.716   -9.533  1.00 39.10  ? 56  ILE A C   1 
ATOM   296  O O   . ILE A 1 42  ? -0.852  3.587   -9.055  1.00 36.26  ? 56  ILE A O   1 
ATOM   297  C CB  . ILE A 1 42  ? -3.376  5.328   -9.896  1.00 28.76  ? 56  ILE A CB  1 
ATOM   298  C CG1 . ILE A 1 42  ? -3.305  6.543   -8.995  1.00 17.09  ? 56  ILE A CG1 1 
ATOM   299  C CG2 . ILE A 1 42  ? -3.856  4.093   -9.124  1.00 30.69  ? 56  ILE A CG2 1 
ATOM   300  C CD1 . ILE A 1 42  ? -4.553  6.911   -8.369  1.00 28.91  ? 56  ILE A CD1 1 
ATOM   301  N N   . ILE A 1 43  ? 0.009   5.641   -9.263  1.00 40.10  ? 57  ILE A N   1 
ATOM   302  C CA  . ILE A 1 43  ? 0.980   5.478   -8.191  1.00 24.60  ? 57  ILE A CA  1 
ATOM   303  C C   . ILE A 1 43  ? 0.431   6.215   -6.982  1.00 26.87  ? 57  ILE A C   1 
ATOM   304  O O   . ILE A 1 43  ? 0.074   7.367   -7.073  1.00 29.02  ? 57  ILE A O   1 
ATOM   305  C CB  . ILE A 1 43  ? 2.409   6.001   -8.582  1.00 30.77  ? 57  ILE A CB  1 
ATOM   306  C CG1 . ILE A 1 43  ? 3.001   5.138   -9.714  1.00 22.61  ? 57  ILE A CG1 1 
ATOM   307  C CG2 . ILE A 1 43  ? 3.366   6.013   -7.355  1.00 14.32  ? 57  ILE A CG2 1 
ATOM   308  C CD1 . ILE A 1 43  ? 4.117   5.769   -10.519 1.00 23.42  ? 57  ILE A CD1 1 
ATOM   309  N N   . ILE A 1 44  ? 0.313   5.511   -5.866  1.00 28.82  ? 58  ILE A N   1 
ATOM   310  C CA  . ILE A 1 44  ? -0.064  6.114   -4.599  1.00 29.79  ? 58  ILE A CA  1 
ATOM   311  C C   . ILE A 1 44  ? 1.119   6.098   -3.628  1.00 28.76  ? 58  ILE A C   1 
ATOM   312  O O   . ILE A 1 44  ? 1.556   5.046   -3.189  1.00 31.79  ? 58  ILE A O   1 
ATOM   313  C CB  . ILE A 1 44  ? -1.320  5.443   -3.956  1.00 31.85  ? 58  ILE A CB  1 
ATOM   314  C CG1 . ILE A 1 44  ? -2.537  5.619   -4.863  1.00 29.79  ? 58  ILE A CG1 1 
ATOM   315  C CG2 . ILE A 1 44  ? -1.594  6.050   -2.578  1.00 26.54  ? 58  ILE A CG2 1 
ATOM   316  C CD1 . ILE A 1 44  ? -3.712  4.766   -4.511  1.00 36.02  ? 58  ILE A CD1 1 
ATOM   317  N N   . GLU A 1 45  ? 1.618   7.286   -3.299  1.00 24.70  ? 59  GLU A N   1 
ATOM   318  C CA  . GLU A 1 45  ? 2.687   7.436   -2.362  1.00 25.13  ? 59  GLU A CA  1 
ATOM   319  C C   . GLU A 1 45  ? 2.085   7.291   -0.957  1.00 26.50  ? 59  GLU A C   1 
ATOM   320  O O   . GLU A 1 45  ? 1.312   8.137   -0.521  1.00 30.22  ? 59  GLU A O   1 
ATOM   321  C CB  . GLU A 1 45  ? 3.404   8.811   -2.575  1.00 17.28  ? 59  GLU A CB  1 
ATOM   322  C CG  . GLU A 1 45  ? 3.965   8.982   -3.974  1.00 20.90  ? 59  GLU A CG  1 
ATOM   323  C CD  . GLU A 1 45  ? 4.481   10.404  -4.299  1.00 31.08  ? 59  GLU A CD  1 
ATOM   324  O OE1 . GLU A 1 45  ? 4.256   11.357  -3.522  1.00 29.93  ? 59  GLU A OE1 1 
ATOM   325  O OE2 . GLU A 1 45  ? 5.118   10.566  -5.360  1.00 30.07  ? 59  GLU A OE2 1 
ATOM   326  N N   . LEU A 1 46  ? 2.478   6.232   -0.243  1.00 30.04  ? 60  LEU A N   1 
ATOM   327  C CA  . LEU A 1 46  ? 1.916   5.897   1.060   1.00 21.01  ? 60  LEU A CA  1 
ATOM   328  C C   . LEU A 1 46  ? 2.834   6.166   2.269   1.00 32.62  ? 60  LEU A C   1 
ATOM   329  O O   . LEU A 1 46  ? 3.999   5.768   2.289   1.00 27.01  ? 60  LEU A O   1 
ATOM   330  C CB  . LEU A 1 46  ? 1.490   4.404   1.068   1.00 26.07  ? 60  LEU A CB  1 
ATOM   331  C CG  . LEU A 1 46  ? 0.696   3.899   2.306   1.00 24.55  ? 60  LEU A CG  1 
ATOM   332  C CD1 . LEU A 1 46  ? -0.626  4.709   2.554   1.00 20.79  ? 60  LEU A CD1 1 
ATOM   333  C CD2 . LEU A 1 46  ? 0.404   2.432   2.195   1.00 21.24  ? 60  LEU A CD2 1 
ATOM   334  N N   . ASP A 1 47  ? 2.291   6.790   3.311   1.00 27.50  ? 61  ASP A N   1 
ATOM   335  C CA  . ASP A 1 47  ? 3.074   6.989   4.523   1.00 28.88  ? 61  ASP A CA  1 
ATOM   336  C C   . ASP A 1 47  ? 2.123   6.890   5.678   1.00 25.97  ? 61  ASP A C   1 
ATOM   337  O O   . ASP A 1 47  ? 1.432   7.846   5.964   1.00 25.76  ? 61  ASP A O   1 
ATOM   338  C CB  . ASP A 1 47  ? 3.741   8.358   4.486   1.00 34.85  ? 61  ASP A CB  1 
ATOM   339  C CG  . ASP A 1 47  ? 4.677   8.604   5.657   1.00 44.52  ? 61  ASP A CG  1 
ATOM   340  O OD1 . ASP A 1 47  ? 5.370   9.648   5.588   1.00 45.40  ? 61  ASP A OD1 1 
ATOM   341  O OD2 . ASP A 1 47  ? 4.744   7.784   6.618   1.00 44.50  ? 61  ASP A OD2 1 
ATOM   342  N N   . THR A 1 48  ? 2.061   5.720   6.318   1.00 26.66  ? 62  THR A N   1 
ATOM   343  C CA  . THR A 1 48  ? 1.066   5.442   7.380   1.00 31.18  ? 62  THR A CA  1 
ATOM   344  C C   . THR A 1 48  ? 1.657   4.648   8.545   1.00 23.09  ? 62  THR A C   1 
ATOM   345  O O   . THR A 1 48  ? 2.373   3.688   8.308   1.00 34.31  ? 62  THR A O   1 
ATOM   346  C CB  . THR A 1 48  ? -0.253  4.764   6.800   1.00 31.38  ? 62  THR A CB  1 
ATOM   347  O OG1 . THR A 1 48  ? -1.180  4.482   7.858   1.00 32.09  ? 62  THR A OG1 1 
ATOM   348  C CG2 . THR A 1 48  ? 0.022   3.458   5.978   1.00 20.92  ? 62  THR A CG2 1 
ATOM   349  N N   . PRO A 1 49  ? 1.380   5.057   9.813   1.00 30.60  ? 63  PRO A N   1 
ATOM   350  C CA  . PRO A 1 49  ? 1.783   4.235   10.972  1.00 29.11  ? 63  PRO A CA  1 
ATOM   351  C C   . PRO A 1 49  ? 0.730   3.169   11.343  1.00 30.24  ? 63  PRO A C   1 
ATOM   352  O O   . PRO A 1 49  ? 0.850   2.525   12.392  1.00 45.08  ? 63  PRO A O   1 
ATOM   353  C CB  . PRO A 1 49  ? 1.856   5.257   12.105  1.00 32.06  ? 63  PRO A CB  1 
ATOM   354  C CG  . PRO A 1 49  ? 0.663   6.152   11.819  1.00 23.85  ? 63  PRO A CG  1 
ATOM   355  C CD  . PRO A 1 49  ? 0.661   6.271   10.257  1.00 33.05  ? 63  PRO A CD  1 
ATOM   356  N N   . GLY A 1 50  ? -0.285  3.021   10.487  1.00 37.64  ? 64  GLY A N   1 
ATOM   357  C CA  . GLY A 1 50  ? -1.421  2.131   10.692  1.00 35.12  ? 64  GLY A CA  1 
ATOM   358  C C   . GLY A 1 50  ? -2.762  2.869   10.705  1.00 42.39  ? 64  GLY A C   1 
ATOM   359  O O   . GLY A 1 50  ? -2.864  4.033   10.308  1.00 41.45  ? 64  GLY A O   1 
ATOM   360  N N   . GLY A 1 51  ? -3.796  2.175   11.159  1.00 35.11  ? 65  GLY A N   1 
ATOM   361  C CA  . GLY A 1 51  ? -5.081  2.794   11.419  1.00 35.28  ? 65  GLY A CA  1 
ATOM   362  C C   . GLY A 1 51  ? -6.149  1.744   11.633  1.00 39.68  ? 65  GLY A C   1 
ATOM   363  O O   . GLY A 1 51  ? -5.878  0.659   12.166  1.00 38.56  ? 65  GLY A O   1 
ATOM   364  N N   . ARG A 1 52  ? -7.353  2.071   11.183  1.00 35.60  ? 66  ARG A N   1 
ATOM   365  C CA  . ARG A 1 52  ? -8.531  1.229   11.356  1.00 41.22  ? 66  ARG A CA  1 
ATOM   366  C C   . ARG A 1 52  ? -8.536  0.011   10.444  1.00 40.30  ? 66  ARG A C   1 
ATOM   367  O O   . ARG A 1 52  ? -8.297  0.121   9.244   1.00 30.56  ? 66  ARG A O   1 
ATOM   368  C CB  . ARG A 1 52  ? -9.788  2.069   11.133  1.00 42.26  ? 66  ARG A CB  1 
ATOM   369  C CG  . ARG A 1 52  ? -9.980  3.104   12.240  1.00 59.66  ? 66  ARG A CG  1 
ATOM   370  C CD  . ARG A 1 52  ? -11.450 3.420   12.489  1.00 73.75  ? 66  ARG A CD  1 
ATOM   371  N NE  . ARG A 1 52  ? -12.211 2.220   12.843  1.00 77.76  ? 66  ARG A NE  1 
ATOM   372  C CZ  . ARG A 1 52  ? -13.485 2.208   13.220  1.00 80.68  ? 66  ARG A CZ  1 
ATOM   373  N NH1 . ARG A 1 52  ? -14.066 1.054   13.513  1.00 87.81  ? 66  ARG A NH1 1 
ATOM   374  N NH2 . ARG A 1 52  ? -14.179 3.335   13.315  1.00 78.84  ? 66  ARG A NH2 1 
ATOM   375  N N   . ALA A 1 53  ? -8.826  -1.148  11.032  1.00 40.47  ? 67  ALA A N   1 
ATOM   376  C CA  . ALA A 1 53  ? -8.870  -2.421  10.310  1.00 32.66  ? 67  ALA A CA  1 
ATOM   377  C C   . ALA A 1 53  ? -9.920  -2.462  9.215   1.00 31.19  ? 67  ALA A C   1 
ATOM   378  O O   . ALA A 1 53  ? -9.679  -2.976  8.105   1.00 35.25  ? 67  ALA A O   1 
ATOM   379  C CB  . ALA A 1 53  ? -9.100  -3.550  11.287  1.00 47.51  ? 67  ALA A CB  1 
ATOM   380  N N   . ASP A 1 54  ? -11.103 -1.930  9.514   1.00 36.43  ? 68  ASP A N   1 
ATOM   381  C CA  . ASP A 1 54  ? -12.198 -2.049  8.568   1.00 27.32  ? 68  ASP A CA  1 
ATOM   382  C C   . ASP A 1 54  ? -11.971 -1.149  7.328   1.00 30.58  ? 68  ASP A C   1 
ATOM   383  O O   . ASP A 1 54  ? -12.153 -1.595  6.205   1.00 26.50  ? 68  ASP A O   1 
ATOM   384  C CB  . ASP A 1 54  ? -13.551 -1.874  9.260   1.00 34.84  ? 68  ASP A CB  1 
ATOM   385  C CG  . ASP A 1 54  ? -13.731 -0.499  9.893   1.00 45.53  ? 68  ASP A CG  1 
ATOM   386  O OD1 . ASP A 1 54  ? -14.891 -0.052  9.973   1.00 50.35  ? 68  ASP A OD1 1 
ATOM   387  O OD2 . ASP A 1 54  ? -12.747 0.129   10.317  1.00 43.79  ? 68  ASP A OD2 1 
ATOM   388  N N   . ALA A 1 55  ? -11.493 0.080   7.543   1.00 29.21  ? 69  ALA A N   1 
ATOM   389  C CA  . ALA A 1 55  ? -11.074 0.975   6.457   1.00 31.96  ? 69  ALA A CA  1 
ATOM   390  C C   . ALA A 1 55  ? -9.967  0.365   5.575   1.00 34.02  ? 69  ALA A C   1 
ATOM   391  O O   . ALA A 1 55  ? -9.985  0.470   4.331   1.00 37.95  ? 69  ALA A O   1 
ATOM   392  C CB  . ALA A 1 55  ? -10.631 2.299   7.046   1.00 32.20  ? 69  ALA A CB  1 
ATOM   393  N N   . MET A 1 56  ? -9.009  -0.286  6.225   1.00 31.61  ? 70  MET A N   1 
ATOM   394  C CA  . MET A 1 56  ? -7.957  -1.018  5.541   1.00 28.17  ? 70  MET A CA  1 
ATOM   395  C C   . MET A 1 56  ? -8.484  -2.107  4.612   1.00 30.38  ? 70  MET A C   1 
ATOM   396  O O   . MET A 1 56  ? -8.076  -2.219  3.460   1.00 32.15  ? 70  MET A O   1 
ATOM   397  C CB  . MET A 1 56  ? -7.045  -1.645  6.599   1.00 33.96  ? 70  MET A CB  1 
ATOM   398  C CG  . MET A 1 56  ? -5.908  -2.523  6.047   1.00 37.97  ? 70  MET A CG  1 
ATOM   399  S SD  . MET A 1 56  ? -6.397  -4.202  5.696   1.00 39.81  ? 70  MET A SD  1 
ATOM   400  C CE  . MET A 1 56  ? -6.347  -4.947  7.329   1.00 20.14  ? 70  MET A CE  1 
ATOM   401  N N   . MET A 1 57  ? -9.367  -2.942  5.145   1.00 32.86  ? 71  MET A N   1 
ATOM   402  C CA  . MET A 1 57  ? -9.958  -4.016  4.379   1.00 38.06  ? 71  MET A CA  1 
ATOM   403  C C   . MET A 1 57  ? -10.806 -3.476  3.230   1.00 26.29  ? 71  MET A C   1 
ATOM   404  O O   . MET A 1 57  ? -10.861 -4.093  2.168   1.00 24.47  ? 71  MET A O   1 
ATOM   405  C CB  . MET A 1 57  ? -10.795 -4.922  5.294   1.00 39.13  ? 71  MET A CB  1 
ATOM   406  C CG  . MET A 1 57  ? -10.025 -5.509  6.488   1.00 35.32  ? 71  MET A CG  1 
ATOM   407  S SD  . MET A 1 57  ? -11.079 -6.541  7.540   1.00 44.09  ? 71  MET A SD  1 
ATOM   408  C CE  . MET A 1 57  ? -10.138 -6.604  9.054   1.00 35.24  ? 71  MET A CE  1 
ATOM   409  N N   . ASN A 1 58  ? -11.460 -2.333  3.445   1.00 31.57  ? 72  ASN A N   1 
ATOM   410  C CA  . ASN A 1 58  ? -12.192 -1.635  2.368   1.00 37.58  ? 72  ASN A CA  1 
ATOM   411  C C   . ASN A 1 58  ? -11.295 -1.167  1.231   1.00 37.26  ? 72  ASN A C   1 
ATOM   412  O O   . ASN A 1 58  ? -11.597 -1.385  0.035   1.00 29.77  ? 72  ASN A O   1 
ATOM   413  C CB  . ASN A 1 58  ? -12.948 -0.435  2.925   1.00 41.93  ? 72  ASN A CB  1 
ATOM   414  C CG  . ASN A 1 58  ? -14.318 -0.790  3.410   1.00 53.00  ? 72  ASN A CG  1 
ATOM   415  O OD1 . ASN A 1 58  ? -14.611 -1.954  3.729   1.00 53.45  ? 72  ASN A OD1 1 
ATOM   416  N ND2 . ASN A 1 58  ? -15.183 0.210   3.467   1.00 60.92  ? 72  ASN A ND2 1 
ATOM   417  N N   . ILE A 1 59  ? -10.192 -0.521  1.625   1.00 36.58  ? 73  ILE A N   1 
ATOM   418  C CA  . ILE A 1 59  ? -9.142  -0.085  0.700   1.00 25.15  ? 73  ILE A CA  1 
ATOM   419  C C   . ILE A 1 59  ? -8.536  -1.266  -0.071  1.00 25.85  ? 73  ILE A C   1 
ATOM   420  O O   . ILE A 1 59  ? -8.327  -1.184  -1.272  1.00 24.93  ? 73  ILE A O   1 
ATOM   421  C CB  . ILE A 1 59  ? -8.051  0.723   1.429   1.00 31.43  ? 73  ILE A CB  1 
ATOM   422  C CG1 . ILE A 1 59  ? -8.666  2.014   1.992   1.00 26.20  ? 73  ILE A CG1 1 
ATOM   423  C CG2 . ILE A 1 59  ? -6.851  0.976   0.485   1.00 27.67  ? 73  ILE A CG2 1 
ATOM   424  C CD1 . ILE A 1 59  ? -7.922  2.606   3.130   1.00 28.87  ? 73  ILE A CD1 1 
ATOM   425  N N   . VAL A 1 60  ? -8.286  -2.384  0.600   1.00 27.12  ? 74  VAL A N   1 
ATOM   426  C CA  . VAL A 1 60  ? -7.637  -3.520  -0.085  1.00 25.71  ? 74  VAL A CA  1 
ATOM   427  C C   . VAL A 1 60  ? -8.575  -4.028  -1.187  1.00 28.96  ? 74  VAL A C   1 
ATOM   428  O O   . VAL A 1 60  ? -8.154  -4.318  -2.298  1.00 44.55  ? 74  VAL A O   1 
ATOM   429  C CB  . VAL A 1 60  ? -7.216  -4.635  0.939   1.00 31.25  ? 74  VAL A CB  1 
ATOM   430  C CG1 . VAL A 1 60  ? -7.002  -5.974  0.253   1.00 31.82  ? 74  VAL A CG1 1 
ATOM   431  C CG2 . VAL A 1 60  ? -5.941  -4.208  1.730   1.00 31.95  ? 74  VAL A CG2 1 
ATOM   432  N N   . GLN A 1 61  ? -9.858  -4.108  -0.867  1.00 32.44  ? 75  GLN A N   1 
ATOM   433  C CA  . GLN A 1 61  ? -10.889 -4.485  -1.826  1.00 35.53  ? 75  GLN A CA  1 
ATOM   434  C C   . GLN A 1 61  ? -11.013 -3.522  -3.007  1.00 30.48  ? 75  GLN A C   1 
ATOM   435  O O   . GLN A 1 61  ? -10.981 -3.948  -4.156  1.00 32.52  ? 75  GLN A O   1 
ATOM   436  C CB  . GLN A 1 61  ? -12.225 -4.563  -1.101  1.00 42.88  ? 75  GLN A CB  1 
ATOM   437  C CG  . GLN A 1 61  ? -13.164 -5.621  -1.637  1.00 57.66  ? 75  GLN A CG  1 
ATOM   438  C CD  . GLN A 1 61  ? -14.245 -5.940  -0.629  1.00 61.28  ? 75  GLN A CD  1 
ATOM   439  O OE1 . GLN A 1 61  ? -14.164 -6.945  0.089   1.00 62.08  ? 75  GLN A OE1 1 
ATOM   440  N NE2 . GLN A 1 61  ? -15.240 -5.056  -0.530  1.00 52.55  ? 75  GLN A NE2 1 
ATOM   441  N N   . ARG A 1 62  ? -11.141 -2.223  -2.717  1.00 35.72  ? 76  ARG A N   1 
ATOM   442  C CA  . ARG A 1 62  ? -11.120 -1.179  -3.748  1.00 33.58  ? 76  ARG A CA  1 
ATOM   443  C C   . ARG A 1 62  ? -9.939  -1.358  -4.723  1.00 33.54  ? 76  ARG A C   1 
ATOM   444  O O   . ARG A 1 62  ? -10.099 -1.245  -5.953  1.00 36.77  ? 76  ARG A O   1 
ATOM   445  C CB  . ARG A 1 62  ? -11.121 0.205   -3.074  1.00 35.17  ? 76  ARG A CB  1 
ATOM   446  C CG  . ARG A 1 62  ? -11.276 1.417   -4.014  1.00 42.20  ? 76  ARG A CG  1 
ATOM   447  C CD  . ARG A 1 62  ? -12.411 1.246   -5.035  1.00 38.07  ? 76  ARG A CD  1 
ATOM   448  N NE  . ARG A 1 62  ? -12.601 2.416   -5.901  1.00 29.71  ? 76  ARG A NE  1 
ATOM   449  C CZ  . ARG A 1 62  ? -12.331 2.452   -7.199  1.00 34.96  ? 76  ARG A CZ  1 
ATOM   450  N NH1 . ARG A 1 62  ? -11.841 1.384   -7.835  1.00 27.62  ? 76  ARG A NH1 1 
ATOM   451  N NH2 . ARG A 1 62  ? -12.553 3.572   -7.876  1.00 40.21  ? 76  ARG A NH2 1 
ATOM   452  N N   . ILE A 1 63  ? -8.765  -1.684  -4.176  1.00 30.16  ? 77  ILE A N   1 
ATOM   453  C CA  . ILE A 1 63  ? -7.553  -1.860  -4.980  1.00 23.20  ? 77  ILE A CA  1 
ATOM   454  C C   . ILE A 1 63  ? -7.598  -3.157  -5.754  1.00 39.74  ? 77  ILE A C   1 
ATOM   455  O O   . ILE A 1 63  ? -7.268  -3.190  -6.944  1.00 48.47  ? 77  ILE A O   1 
ATOM   456  C CB  . ILE A 1 63  ? -6.253  -1.808  -4.098  1.00 25.89  ? 77  ILE A CB  1 
ATOM   457  C CG1 . ILE A 1 63  ? -5.972  -0.391  -3.591  1.00 20.52  ? 77  ILE A CG1 1 
ATOM   458  C CG2 . ILE A 1 63  ? -5.037  -2.326  -4.867  1.00 26.01  ? 77  ILE A CG2 1 
ATOM   459  C CD1 . ILE A 1 63  ? -4.763  -0.331  -2.598  1.00 27.15  ? 77  ILE A CD1 1 
ATOM   460  N N   . GLN A 1 64  ? -7.993  -4.233  -5.072  1.00 42.05  ? 78  GLN A N   1 
ATOM   461  C CA  . GLN A 1 64  ? -8.138  -5.519  -5.726  1.00 41.22  ? 78  GLN A CA  1 
ATOM   462  C C   . GLN A 1 64  ? -9.120  -5.411  -6.868  1.00 35.52  ? 78  GLN A C   1 
ATOM   463  O O   . GLN A 1 64  ? -8.923  -6.054  -7.884  1.00 38.68  ? 78  GLN A O   1 
ATOM   464  C CB  . GLN A 1 64  ? -8.599  -6.596  -4.751  1.00 40.65  ? 78  GLN A CB  1 
ATOM   465  C CG  . GLN A 1 64  ? -7.524  -7.043  -3.785  1.00 35.25  ? 78  GLN A CG  1 
ATOM   466  C CD  . GLN A 1 64  ? -8.041  -7.946  -2.685  1.00 35.77  ? 78  GLN A CD  1 
ATOM   467  O OE1 . GLN A 1 64  ? -7.259  -8.612  -2.010  1.00 39.43  ? 78  GLN A OE1 1 
ATOM   468  N NE2 . GLN A 1 64  ? -9.357  -7.965  -2.487  1.00 42.08  ? 78  GLN A NE2 1 
ATOM   469  N N   . GLN A 1 65  ? -10.153 -4.583  -6.700  1.00 41.12  ? 79  GLN A N   1 
ATOM   470  C CA  . GLN A 1 65  ? -11.219 -4.430  -7.707  1.00 45.60  ? 79  GLN A CA  1 
ATOM   471  C C   . GLN A 1 65  ? -11.010 -3.300  -8.740  1.00 54.24  ? 79  GLN A C   1 
ATOM   472  O O   . GLN A 1 65  ? -11.868 -3.079  -9.622  1.00 54.68  ? 79  GLN A O   1 
ATOM   473  C CB  . GLN A 1 65  ? -12.578 -4.270  -7.023  1.00 45.20  ? 79  GLN A CB  1 
ATOM   474  C CG  . GLN A 1 65  ? -13.187 -5.571  -6.514  1.00 51.53  ? 79  GLN A CG  1 
ATOM   475  C CD  . GLN A 1 65  ? -14.484 -5.313  -5.770  1.00 62.56  ? 79  GLN A CD  1 
ATOM   476  O OE1 . GLN A 1 65  ? -14.475 -4.857  -4.621  1.00 62.54  ? 79  GLN A OE1 1 
ATOM   477  N NE2 . GLN A 1 65  ? -15.612 -5.586  -6.428  1.00 64.82  ? 79  GLN A NE2 1 
ATOM   478  N N   . SER A 1 66  ? -9.867  -2.614  -8.630  1.00 49.69  ? 80  SER A N   1 
ATOM   479  C CA  . SER A 1 66  ? -9.485  -1.513  -9.521  1.00 43.06  ? 80  SER A CA  1 
ATOM   480  C C   . SER A 1 66  ? -9.344  -1.960  -10.975 1.00 33.73  ? 80  SER A C   1 
ATOM   481  O O   . SER A 1 66  ? -8.752  -3.013  -11.254 1.00 45.59  ? 80  SER A O   1 
ATOM   482  C CB  . SER A 1 66  ? -8.151  -0.918  -9.048  1.00 43.79  ? 80  SER A CB  1 
ATOM   483  O OG  . SER A 1 66  ? -7.743  0.160   -9.869  1.00 48.53  ? 80  SER A OG  1 
ATOM   484  N N   . LYS A 1 67  ? -9.840  -1.134  -11.891 1.00 38.66  ? 81  LYS A N   1 
ATOM   485  C CA  . LYS A 1 67  ? -9.727  -1.406  -13.328 1.00 47.59  ? 81  LYS A CA  1 
ATOM   486  C C   . LYS A 1 67  ? -8.360  -1.054  -13.939 1.00 53.62  ? 81  LYS A C   1 
ATOM   487  O O   . LYS A 1 67  ? -8.034  -1.487  -15.055 1.00 63.19  ? 81  LYS A O   1 
ATOM   488  C CB  . LYS A 1 67  ? -10.868 -0.735  -14.098 1.00 53.14  ? 81  LYS A CB  1 
ATOM   489  C CG  . LYS A 1 67  ? -12.249 -1.336  -13.793 1.00 58.58  ? 81  LYS A CG  1 
ATOM   490  C CD  . LYS A 1 67  ? -13.236 -1.090  -14.932 1.00 65.55  ? 81  LYS A CD  1 
ATOM   491  C CE  . LYS A 1 67  ? -14.467 -1.986  -14.803 1.00 64.96  ? 81  LYS A CE  1 
ATOM   492  N NZ  . LYS A 1 67  ? -15.301 -1.936  -16.046 1.00 62.79  ? 81  LYS A NZ  1 
ATOM   493  N N   . ILE A 1 68  ? -7.566  -0.280  -13.195 1.00 55.41  ? 82  ILE A N   1 
ATOM   494  C CA  . ILE A 1 68  ? -6.162  0.037   -13.538 1.00 49.39  ? 82  ILE A CA  1 
ATOM   495  C C   . ILE A 1 68  ? -5.240  -0.392  -12.394 1.00 44.12  ? 82  ILE A C   1 
ATOM   496  O O   . ILE A 1 68  ? -5.657  -0.360  -11.226 1.00 47.52  ? 82  ILE A O   1 
ATOM   497  C CB  . ILE A 1 68  ? -5.954  1.556   -13.835 1.00 46.32  ? 82  ILE A CB  1 
ATOM   498  C CG1 . ILE A 1 68  ? -6.373  2.426   -12.629 1.00 33.95  ? 82  ILE A CG1 1 
ATOM   499  C CG2 . ILE A 1 68  ? -6.688  1.943   -15.112 1.00 44.94  ? 82  ILE A CG2 1 
ATOM   500  C CD1 . ILE A 1 68  ? -5.788  3.794   -12.632 1.00 36.15  ? 82  ILE A CD1 1 
ATOM   501  N N   . PRO A 1 69  ? -3.985  -0.781  -12.715 1.00 37.45  ? 83  PRO A N   1 
ATOM   502  C CA  . PRO A 1 69  ? -3.017  -1.204  -11.702 1.00 33.14  ? 83  PRO A CA  1 
ATOM   503  C C   . PRO A 1 69  ? -2.715  -0.116  -10.682 1.00 36.31  ? 83  PRO A C   1 
ATOM   504  O O   . PRO A 1 69  ? -2.601  1.044   -11.039 1.00 41.35  ? 83  PRO A O   1 
ATOM   505  C CB  . PRO A 1 69  ? -1.753  -1.532  -12.498 1.00 39.14  ? 83  PRO A CB  1 
ATOM   506  C CG  . PRO A 1 69  ? -2.066  -1.334  -13.895 1.00 31.38  ? 83  PRO A CG  1 
ATOM   507  C CD  . PRO A 1 69  ? -3.420  -0.786  -14.074 1.00 37.37  ? 83  PRO A CD  1 
ATOM   508  N N   . VAL A 1 70  ? -2.633  -0.498  -9.414  1.00 41.80  ? 84  VAL A N   1 
ATOM   509  C CA  . VAL A 1 70  ? -2.384  0.436   -8.345  1.00 34.06  ? 84  VAL A CA  1 
ATOM   510  C C   . VAL A 1 70  ? -0.996  0.150   -7.810  1.00 42.74  ? 84  VAL A C   1 
ATOM   511  O O   . VAL A 1 70  ? -0.741  -0.950  -7.320  1.00 32.16  ? 84  VAL A O   1 
ATOM   512  C CB  . VAL A 1 70  ? -3.463  0.364   -7.234  1.00 34.78  ? 84  VAL A CB  1 
ATOM   513  C CG1 . VAL A 1 70  ? -3.138  1.329   -6.104  1.00 26.72  ? 84  VAL A CG1 1 
ATOM   514  C CG2 . VAL A 1 70  ? -4.863  0.730   -7.792  1.00 26.27  ? 84  VAL A CG2 1 
ATOM   515  N N   . ILE A 1 71  ? -0.080  1.116   -7.961  1.00 38.80  ? 85  ILE A N   1 
ATOM   516  C CA  . ILE A 1 71  ? 1.272   0.939   -7.432  1.00 27.82  ? 85  ILE A CA  1 
ATOM   517  C C   . ILE A 1 71  ? 1.335   1.607   -6.093  1.00 31.07  ? 85  ILE A C   1 
ATOM   518  O O   . ILE A 1 71  ? 1.074   2.796   -5.968  1.00 32.36  ? 85  ILE A O   1 
ATOM   519  C CB  . ILE A 1 71  ? 2.383   1.524   -8.335  1.00 28.84  ? 85  ILE A CB  1 
ATOM   520  C CG1 . ILE A 1 71  ? 2.360   0.837   -9.692  1.00 35.92  ? 85  ILE A CG1 1 
ATOM   521  C CG2 . ILE A 1 71  ? 3.790   1.400   -7.636  1.00 25.01  ? 85  ILE A CG2 1 
ATOM   522  C CD1 . ILE A 1 71  ? 3.474   1.237   -10.655 1.00 32.86  ? 85  ILE A CD1 1 
ATOM   523  N N   . ILE A 1 72  ? 1.658   0.838   -5.071  1.00 30.24  ? 86  ILE A N   1 
ATOM   524  C CA  . ILE A 1 72  ? 1.823   1.436   -3.775  1.00 28.46  ? 86  ILE A CA  1 
ATOM   525  C C   . ILE A 1 72  ? 3.313   1.752   -3.638  1.00 32.79  ? 86  ILE A C   1 
ATOM   526  O O   . ILE A 1 72  ? 4.159   0.886   -3.848  1.00 29.18  ? 86  ILE A O   1 
ATOM   527  C CB  . ILE A 1 72  ? 1.265   0.512   -2.673  1.00 20.09  ? 86  ILE A CB  1 
ATOM   528  C CG1 . ILE A 1 72  ? -0.285  0.453   -2.786  1.00 22.89  ? 86  ILE A CG1 1 
ATOM   529  C CG2 . ILE A 1 72  ? 1.717   0.968   -1.333  1.00 18.79  ? 86  ILE A CG2 1 
ATOM   530  C CD1 . ILE A 1 72  ? -1.032  1.700   -2.233  1.00 18.54  ? 86  ILE A CD1 1 
ATOM   531  N N   . TYR A 1 73  ? 3.616   3.014   -3.336  1.00 28.61  ? 87  TYR A N   1 
ATOM   532  C CA  . TYR A 1 73  ? 4.982   3.511   -3.266  1.00 16.78  ? 87  TYR A CA  1 
ATOM   533  C C   . TYR A 1 73  ? 5.184   4.004   -1.841  1.00 17.52  ? 87  TYR A C   1 
ATOM   534  O O   . TYR A 1 73  ? 4.534   4.936   -1.408  1.00 24.18  ? 87  TYR A O   1 
ATOM   535  C CB  . TYR A 1 73  ? 5.189   4.610   -4.341  1.00 17.76  ? 87  TYR A CB  1 
ATOM   536  C CG  . TYR A 1 73  ? 6.599   5.186   -4.519  1.00 18.30  ? 87  TYR A CG  1 
ATOM   537  C CD1 . TYR A 1 73  ? 7.733   4.472   -4.141  1.00 19.61  ? 87  TYR A CD1 1 
ATOM   538  C CD2 . TYR A 1 73  ? 6.780   6.453   -5.073  1.00 29.80  ? 87  TYR A CD2 1 
ATOM   539  C CE1 . TYR A 1 73  ? 8.989   4.991   -4.290  1.00 21.32  ? 87  TYR A CE1 1 
ATOM   540  C CE2 . TYR A 1 73  ? 8.041   7.001   -5.240  1.00 18.12  ? 87  TYR A CE2 1 
ATOM   541  C CZ  . TYR A 1 73  ? 9.141   6.256   -4.851  1.00 28.53  ? 87  TYR A CZ  1 
ATOM   542  O OH  . TYR A 1 73  ? 10.390  6.766   -5.010  1.00 21.95  ? 87  TYR A OH  1 
ATOM   543  N N   . VAL A 1 74  ? 6.046   3.341   -1.076  1.00 20.78  ? 88  VAL A N   1 
ATOM   544  C CA  . VAL A 1 74  ? 6.336   3.844   0.260   1.00 19.84  ? 88  VAL A CA  1 
ATOM   545  C C   . VAL A 1 74  ? 7.327   5.002   0.058   1.00 20.15  ? 88  VAL A C   1 
ATOM   546  O O   . VAL A 1 74  ? 8.439   4.811   -0.445  1.00 18.39  ? 88  VAL A O   1 
ATOM   547  C CB  . VAL A 1 74  ? 6.808   2.749   1.261   1.00 18.60  ? 88  VAL A CB  1 
ATOM   548  C CG1 . VAL A 1 74  ? 6.640   3.243   2.589   1.00 13.72  ? 88  VAL A CG1 1 
ATOM   549  C CG2 . VAL A 1 74  ? 5.927   1.486   1.144   1.00 23.42  ? 88  VAL A CG2 1 
ATOM   550  N N   . TYR A 1 75  ? 6.845   6.206   0.378   1.00 26.94  ? 89  TYR A N   1 
ATOM   551  C CA  . TYR A 1 75  ? 7.455   7.461   -0.034  1.00 24.48  ? 89  TYR A CA  1 
ATOM   552  C C   . TYR A 1 75  ? 6.796   8.590   0.786   1.00 27.60  ? 89  TYR A C   1 
ATOM   553  O O   . TYR A 1 75  ? 5.608   8.463   1.135   1.00 22.94  ? 89  TYR A O   1 
ATOM   554  C CB  . TYR A 1 75  ? 7.238   7.627   -1.531  1.00 25.04  ? 89  TYR A CB  1 
ATOM   555  C CG  . TYR A 1 75  ? 7.811   8.878   -2.163  1.00 29.69  ? 89  TYR A CG  1 
ATOM   556  C CD1 . TYR A 1 75  ? 9.069   8.874   -2.703  1.00 27.93  ? 89  TYR A CD1 1 
ATOM   557  C CD2 . TYR A 1 75  ? 7.080   10.067  -2.215  1.00 33.02  ? 89  TYR A CD2 1 
ATOM   558  C CE1 . TYR A 1 75  ? 9.595   9.972   -3.300  1.00 30.22  ? 89  TYR A CE1 1 
ATOM   559  C CE2 . TYR A 1 75  ? 7.616   11.198  -2.794  1.00 33.90  ? 89  TYR A CE2 1 
ATOM   560  C CZ  . TYR A 1 75  ? 8.883   11.139  -3.343  1.00 31.34  ? 89  TYR A CZ  1 
ATOM   561  O OH  . TYR A 1 75  ? 9.454   12.238  -3.955  1.00 27.28  ? 89  TYR A OH  1 
ATOM   562  N N   . PRO A 1 76  ? 7.546   9.689   1.114   1.00 22.40  ? 90  PRO A N   1 
ATOM   563  C CA  . PRO A 1 76  ? 8.966   9.980   0.854   1.00 19.04  ? 90  PRO A CA  1 
ATOM   564  C C   . PRO A 1 76  ? 9.942   9.193   1.724   1.00 31.56  ? 90  PRO A C   1 
ATOM   565  O O   . PRO A 1 76  ? 9.502   8.415   2.571   1.00 42.08  ? 90  PRO A O   1 
ATOM   566  C CB  . PRO A 1 76  ? 9.070   11.497  1.114   1.00 21.73  ? 90  PRO A CB  1 
ATOM   567  C CG  . PRO A 1 76  ? 7.996   11.783  2.133   1.00 22.50  ? 90  PRO A CG  1 
ATOM   568  C CD  . PRO A 1 76  ? 6.869   10.825  1.789   1.00 18.34  ? 90  PRO A CD  1 
ATOM   569  N N   . PRO A 1 77  ? 11.269  9.352   1.493   1.00 38.67  ? 91  PRO A N   1 
ATOM   570  C CA  . PRO A 1 77  ? 12.190  8.697   2.419   1.00 33.36  ? 91  PRO A CA  1 
ATOM   571  C C   . PRO A 1 77  ? 11.881  9.012   3.899   1.00 34.43  ? 91  PRO A C   1 
ATOM   572  O O   . PRO A 1 77  ? 11.565  10.145  4.256   1.00 39.30  ? 91  PRO A O   1 
ATOM   573  C CB  . PRO A 1 77  ? 13.557  9.221   1.974   1.00 37.53  ? 91  PRO A CB  1 
ATOM   574  C CG  . PRO A 1 77  ? 13.379  9.453   0.476   1.00 34.15  ? 91  PRO A CG  1 
ATOM   575  C CD  . PRO A 1 77  ? 11.993  10.061  0.409   1.00 34.38  ? 91  PRO A CD  1 
ATOM   576  N N   . GLY A 1 78  ? 11.940  7.992   4.748   1.00 44.48  ? 92  GLY A N   1 
ATOM   577  C CA  . GLY A 1 78  ? 11.479  8.134   6.130   1.00 40.83  ? 92  GLY A CA  1 
ATOM   578  C C   . GLY A 1 78  ? 10.010  7.793   6.356   1.00 39.14  ? 92  GLY A C   1 
ATOM   579  O O   . GLY A 1 78  ? 9.554   7.754   7.501   1.00 40.00  ? 92  GLY A O   1 
ATOM   580  N N   . ALA A 1 79  ? 9.248   7.576   5.285   1.00 30.85  ? 93  ALA A N   1 
ATOM   581  C CA  . ALA A 1 79  ? 7.868   7.139   5.457   1.00 36.60  ? 93  ALA A CA  1 
ATOM   582  C C   . ALA A 1 79  ? 7.885   5.701   5.971   1.00 34.13  ? 93  ALA A C   1 
ATOM   583  O O   . ALA A 1 79  ? 8.922   5.063   5.996   1.00 30.72  ? 93  ALA A O   1 
ATOM   584  C CB  . ALA A 1 79  ? 7.127   7.203   4.146   1.00 29.88  ? 93  ALA A CB  1 
ATOM   585  N N   . SER A 1 80  ? 6.724   5.197   6.362   1.00 38.29  ? 94  SER A N   1 
ATOM   586  C CA  . SER A 1 80  ? 6.563   3.791   6.665   1.00 37.15  ? 94  SER A CA  1 
ATOM   587  C C   . SER A 1 80  ? 5.209   3.305   6.142   1.00 35.16  ? 94  SER A C   1 
ATOM   588  O O   . SER A 1 80  ? 4.258   4.057   6.164   1.00 42.05  ? 94  SER A O   1 
ATOM   589  C CB  . SER A 1 80  ? 6.708   3.565   8.170   1.00 30.06  ? 94  SER A CB  1 
ATOM   590  O OG  . SER A 1 80  ? 5.542   3.950   8.874   1.00 44.55  ? 94  SER A OG  1 
ATOM   591  N N   . ALA A 1 81  ? 5.136   2.073   5.628   1.00 34.53  ? 95  ALA A N   1 
ATOM   592  C CA  . ALA A 1 81  ? 3.845   1.378   5.478   1.00 30.76  ? 95  ALA A CA  1 
ATOM   593  C C   . ALA A 1 81  ? 3.696   0.335   6.593   1.00 27.98  ? 95  ALA A C   1 
ATOM   594  O O   . ALA A 1 81  ? 3.936   -0.843  6.365   1.00 41.51  ? 95  ALA A O   1 
ATOM   595  C CB  . ALA A 1 81  ? 3.722   0.712   4.093   1.00 26.09  ? 95  ALA A CB  1 
ATOM   596  N N   . ALA A 1 82  ? 3.334   0.781   7.796   1.00 21.71  ? 96  ALA A N   1 
ATOM   597  C CA  . ALA A 1 82  ? 3.228   -0.084  8.970   1.00 20.08  ? 96  ALA A CA  1 
ATOM   598  C C   . ALA A 1 82  ? 1.789   -0.499  9.331   1.00 31.67  ? 96  ALA A C   1 
ATOM   599  O O   . ALA A 1 82  ? 0.817   0.100   8.872   1.00 33.86  ? 96  ALA A O   1 
ATOM   600  C CB  . ALA A 1 82  ? 3.877   0.585   10.165  1.00 30.42  ? 96  ALA A CB  1 
ATOM   601  N N   . SER A 1 83  ? 1.686   -1.478  10.228  1.00 37.89  ? 97  SER A N   1 
ATOM   602  C CA  . SER A 1 83  ? 0.449   -2.218  10.506  1.00 29.33  ? 97  SER A CA  1 
ATOM   603  C C   . SER A 1 83  ? -0.505  -2.190  9.315   1.00 28.61  ? 97  SER A C   1 
ATOM   604  O O   . SER A 1 83  ? -0.232  -2.852  8.315   1.00 36.86  ? 97  SER A O   1 
ATOM   605  C CB  . SER A 1 83  ? -0.196  -1.777  11.828  1.00 44.12  ? 97  SER A CB  1 
ATOM   606  O OG  . SER A 1 83  ? -0.999  -2.834  12.353  1.00 55.82  ? 97  SER A OG  1 
ATOM   607  N N   . ALA A 1 84  ? -1.602  -1.423  9.389   1.00 33.88  ? 98  ALA A N   1 
ATOM   608  C CA  . ALA A 1 84  ? -2.610  -1.426  8.310   1.00 30.57  ? 98  ALA A CA  1 
ATOM   609  C C   . ALA A 1 84  ? -2.086  -1.098  6.932   1.00 28.76  ? 98  ALA A C   1 
ATOM   610  O O   . ALA A 1 84  ? -2.607  -1.599  5.936   1.00 28.26  ? 98  ALA A O   1 
ATOM   611  C CB  . ALA A 1 84  ? -3.785  -0.494  8.638   1.00 31.86  ? 98  ALA A CB  1 
ATOM   612  N N   . GLY A 1 85  ? -1.096  -0.213  6.861   1.00 27.00  ? 99  GLY A N   1 
ATOM   613  C CA  . GLY A 1 85  ? -0.515  0.132   5.584   1.00 18.74  ? 99  GLY A CA  1 
ATOM   614  C C   . GLY A 1 85  ? 0.215   -1.003  4.895   1.00 24.17  ? 99  GLY A C   1 
ATOM   615  O O   . GLY A 1 85  ? 0.386   -0.958  3.672   1.00 26.53  ? 99  GLY A O   1 
ATOM   616  N N   . THR A 1 86  ? 0.683   -2.005  5.661   1.00 23.40  ? 100 THR A N   1 
ATOM   617  C CA  . THR A 1 86  ? 1.321   -3.178  5.051   1.00 30.02  ? 100 THR A CA  1 
ATOM   618  C C   . THR A 1 86  ? 0.342   -3.970  4.192   1.00 24.62  ? 100 THR A C   1 
ATOM   619  O O   . THR A 1 86  ? 0.697   -4.429  3.103   1.00 25.15  ? 100 THR A O   1 
ATOM   620  C CB  . THR A 1 86  ? 1.963   -4.123  6.077   1.00 38.10  ? 100 THR A CB  1 
ATOM   621  O OG1 . THR A 1 86  ? 2.995   -3.434  6.772   1.00 33.23  ? 100 THR A OG1 1 
ATOM   622  C CG2 . THR A 1 86  ? 2.598   -5.330  5.366   1.00 30.34  ? 100 THR A CG2 1 
ATOM   623  N N   . TYR A 1 87  ? -0.891  -4.125  4.681   1.00 25.88  ? 101 TYR A N   1 
ATOM   624  C CA  . TYR A 1 87  ? -1.900  -4.914  3.951   1.00 27.76  ? 101 TYR A CA  1 
ATOM   625  C C   . TYR A 1 87  ? -2.308  -4.226  2.669   1.00 22.34  ? 101 TYR A C   1 
ATOM   626  O O   . TYR A 1 87  ? -2.504  -4.879  1.646   1.00 31.02  ? 101 TYR A O   1 
ATOM   627  C CB  . TYR A 1 87  ? -3.130  -5.184  4.815   1.00 27.01  ? 101 TYR A CB  1 
ATOM   628  C CG  . TYR A 1 87  ? -2.893  -5.906  6.158   1.00 26.31  ? 101 TYR A CG  1 
ATOM   629  C CD1 . TYR A 1 87  ? -2.541  -5.189  7.271   1.00 24.10  ? 101 TYR A CD1 1 
ATOM   630  C CD2 . TYR A 1 87  ? -3.067  -7.288  6.301   1.00 35.01  ? 101 TYR A CD2 1 
ATOM   631  C CE1 . TYR A 1 87  ? -2.375  -5.770  8.493   1.00 28.98  ? 101 TYR A CE1 1 
ATOM   632  C CE2 . TYR A 1 87  ? -2.865  -7.917  7.555   1.00 27.06  ? 101 TYR A CE2 1 
ATOM   633  C CZ  . TYR A 1 87  ? -2.527  -7.129  8.645   1.00 30.68  ? 101 TYR A CZ  1 
ATOM   634  O OH  . TYR A 1 87  ? -2.314  -7.631  9.929   1.00 33.17  ? 101 TYR A OH  1 
ATOM   635  N N   . ILE A 1 88  ? -2.460  -2.904  2.728   1.00 21.93  ? 102 ILE A N   1 
ATOM   636  C CA  . ILE A 1 88  ? -2.749  -2.083  1.541   1.00 22.25  ? 102 ILE A CA  1 
ATOM   637  C C   . ILE A 1 88  ? -1.682  -2.368  0.473   1.00 21.67  ? 102 ILE A C   1 
ATOM   638  O O   . ILE A 1 88  ? -1.989  -2.641  -0.681  1.00 28.37  ? 102 ILE A O   1 
ATOM   639  C CB  . ILE A 1 88  ? -2.830  -0.559  1.940   1.00 31.02  ? 102 ILE A CB  1 
ATOM   640  C CG1 . ILE A 1 88  ? -4.026  -0.306  2.876   1.00 14.17  ? 102 ILE A CG1 1 
ATOM   641  C CG2 . ILE A 1 88  ? -2.882  0.379   0.703   1.00 17.12  ? 102 ILE A CG2 1 
ATOM   642  C CD1 . ILE A 1 88  ? -3.977  1.074   3.557   1.00 26.02  ? 102 ILE A CD1 1 
ATOM   643  N N   . ALA A 1 89  ? -0.424  -2.314  0.900   1.00 26.82  ? 103 ALA A N   1 
ATOM   644  C CA  . ALA A 1 89  ? 0.730   -2.593  0.078   1.00 27.79  ? 103 ALA A CA  1 
ATOM   645  C C   . ALA A 1 89  ? 0.697   -4.033  -0.443  1.00 31.29  ? 103 ALA A C   1 
ATOM   646  O O   . ALA A 1 89  ? 0.714   -4.280  -1.656  1.00 27.99  ? 103 ALA A O   1 
ATOM   647  C CB  . ALA A 1 89  ? 1.993   -2.328  0.892   1.00 29.41  ? 103 ALA A CB  1 
ATOM   648  N N   . LEU A 1 90  ? 0.608   -4.994  0.464   1.00 22.96  ? 104 LEU A N   1 
ATOM   649  C CA  . LEU A 1 90  ? 0.438   -6.406  0.010   1.00 28.32  ? 104 LEU A CA  1 
ATOM   650  C C   . LEU A 1 90  ? -0.736  -6.651  -0.918  1.00 21.94  ? 104 LEU A C   1 
ATOM   651  O O   . LEU A 1 90  ? -0.623  -7.449  -1.864  1.00 40.04  ? 104 LEU A O   1 
ATOM   652  C CB  . LEU A 1 90  ? 0.380   -7.358  1.199   1.00 26.32  ? 104 LEU A CB  1 
ATOM   653  C CG  . LEU A 1 90  ? 1.769   -7.450  1.804   1.00 20.59  ? 104 LEU A CG  1 
ATOM   654  C CD1 . LEU A 1 90  ? 1.710   -8.225  3.063   1.00 32.49  ? 104 LEU A CD1 1 
ATOM   655  C CD2 . LEU A 1 90  ? 2.753   -8.098  0.770   1.00 23.65  ? 104 LEU A CD2 1 
ATOM   656  N N   . GLY A 1 91  ? -1.861  -5.976  -0.688  1.00 19.53  ? 105 GLY A N   1 
ATOM   657  C CA  . GLY A 1 91  ? -2.998  -6.081  -1.622  1.00 18.40  ? 105 GLY A CA  1 
ATOM   658  C C   . GLY A 1 91  ? -2.825  -5.503  -3.018  1.00 28.06  ? 105 GLY A C   1 
ATOM   659  O O   . GLY A 1 91  ? -3.758  -5.618  -3.853  1.00 26.17  ? 105 GLY A O   1 
ATOM   660  N N   . SER A 1 92  ? -1.666  -4.871  -3.292  1.00 26.50  ? 106 SER A N   1 
ATOM   661  C CA  . SER A 1 92  ? -1.483  -4.108  -4.537  1.00 31.25  ? 106 SER A CA  1 
ATOM   662  C C   . SER A 1 92  ? -0.848  -4.854  -5.720  1.00 22.79  ? 106 SER A C   1 
ATOM   663  O O   . SER A 1 92  ? -0.228  -5.897  -5.558  1.00 41.14  ? 106 SER A O   1 
ATOM   664  C CB  . SER A 1 92  ? -0.696  -2.814  -4.277  1.00 32.62  ? 106 SER A CB  1 
ATOM   665  O OG  . SER A 1 92  ? 0.549   -3.124  -3.649  1.00 25.88  ? 106 SER A OG  1 
ATOM   666  N N   . HIS A 1 93  ? -0.986  -4.235  -6.894  1.00 28.09  ? 107 HIS A N   1 
ATOM   667  C CA  . HIS A 1 93  ? -0.420  -4.676  -8.146  1.00 29.66  ? 107 HIS A CA  1 
ATOM   668  C C   . HIS A 1 93  ? 1.090   -4.478  -8.255  1.00 33.76  ? 107 HIS A C   1 
ATOM   669  O O   . HIS A 1 93  ? 1.724   -5.104  -9.100  1.00 37.90  ? 107 HIS A O   1 
ATOM   670  C CB  . HIS A 1 93  ? -1.048  -3.898  -9.297  1.00 34.79  ? 107 HIS A CB  1 
ATOM   671  C CG  . HIS A 1 93  ? -2.531  -4.045  -9.422  1.00 36.17  ? 107 HIS A CG  1 
ATOM   672  N ND1 . HIS A 1 93  ? -3.423  -3.279  -8.707  1.00 48.12  ? 107 HIS A ND1 1 
ATOM   673  C CD2 . HIS A 1 93  ? -3.278  -4.831  -10.233 1.00 38.47  ? 107 HIS A CD2 1 
ATOM   674  C CE1 . HIS A 1 93  ? -4.659  -3.604  -9.055  1.00 44.61  ? 107 HIS A CE1 1 
ATOM   675  N NE2 . HIS A 1 93  ? -4.595  -4.546  -9.978  1.00 35.09  ? 107 HIS A NE2 1 
ATOM   676  N N   . LEU A 1 94  ? 1.662   -3.590  -7.440  1.00 40.25  ? 108 LEU A N   1 
ATOM   677  C CA  . LEU A 1 94  ? 3.112   -3.415  -7.365  1.00 32.79  ? 108 LEU A CA  1 
ATOM   678  C C   . LEU A 1 94  ? 3.487   -2.526  -6.179  1.00 33.11  ? 108 LEU A C   1 
ATOM   679  O O   . LEU A 1 94  ? 2.907   -1.464  -6.012  1.00 27.76  ? 108 LEU A O   1 
ATOM   680  C CB  . LEU A 1 94  ? 3.660   -2.844  -8.685  1.00 40.85  ? 108 LEU A CB  1 
ATOM   681  C CG  . LEU A 1 94  ? 5.133   -3.089  -9.070  1.00 48.58  ? 108 LEU A CG  1 
ATOM   682  C CD1 . LEU A 1 94  ? 5.307   -4.416  -9.745  1.00 45.61  ? 108 LEU A CD1 1 
ATOM   683  C CD2 . LEU A 1 94  ? 5.664   -1.993  -9.983  1.00 44.88  ? 108 LEU A CD2 1 
ATOM   684  N N   . ILE A 1 95  ? 4.430   -2.993  -5.348  1.00 20.99  ? 109 ILE A N   1 
ATOM   685  C CA  . ILE A 1 95  ? 4.987   -2.214  -4.292  1.00 25.13  ? 109 ILE A CA  1 
ATOM   686  C C   . ILE A 1 95  ? 6.371   -1.712  -4.683  1.00 27.20  ? 109 ILE A C   1 
ATOM   687  O O   . ILE A 1 95  ? 7.192   -2.466  -5.195  1.00 27.18  ? 109 ILE A O   1 
ATOM   688  C CB  . ILE A 1 95  ? 5.099   -2.987  -2.951  1.00 31.80  ? 109 ILE A CB  1 
ATOM   689  C CG1 . ILE A 1 95  ? 3.918   -3.956  -2.758  1.00 22.08  ? 109 ILE A CG1 1 
ATOM   690  C CG2 . ILE A 1 95  ? 5.256   -1.993  -1.760  1.00 27.84  ? 109 ILE A CG2 1 
ATOM   691  C CD1 . ILE A 1 95  ? 4.064   -4.836  -1.516  1.00 16.92  ? 109 ILE A CD1 1 
ATOM   692  N N   . ALA A 1 96  ? 6.600   -0.413  -4.459  1.00 33.20  ? 110 ALA A N   1 
ATOM   693  C CA  . ALA A 1 96  ? 7.947   0.190   -4.458  1.00 22.03  ? 110 ALA A CA  1 
ATOM   694  C C   . ALA A 1 96  ? 8.153   0.822   -3.096  1.00 30.30  ? 110 ALA A C   1 
ATOM   695  O O   . ALA A 1 96  ? 7.185   1.158   -2.400  1.00 28.89  ? 110 ALA A O   1 
ATOM   696  C CB  . ALA A 1 96  ? 8.081   1.229   -5.582  1.00 20.79  ? 110 ALA A CB  1 
ATOM   697  N N   . MET A 1 97  ? 9.417   0.950   -2.708  1.00 33.43  ? 111 MET A N   1 
ATOM   698  C CA  . MET A 1 97  ? 9.813   1.594   -1.475  1.00 28.44  ? 111 MET A CA  1 
ATOM   699  C C   . MET A 1 97  ? 10.931  2.603   -1.755  1.00 36.71  ? 111 MET A C   1 
ATOM   700  O O   . MET A 1 97  ? 11.849  2.313   -2.500  1.00 27.94  ? 111 MET A O   1 
ATOM   701  C CB  . MET A 1 97  ? 10.303  0.556   -0.468  1.00 28.22  ? 111 MET A CB  1 
ATOM   702  C CG  . MET A 1 97  ? 9.188   -0.260  0.146   1.00 35.03  ? 111 MET A CG  1 
ATOM   703  S SD  . MET A 1 97  ? 9.750   -1.354  1.436   1.00 28.83  ? 111 MET A SD  1 
ATOM   704  C CE  . MET A 1 97  ? 9.672   -0.288  2.862   1.00 31.03  ? 111 MET A CE  1 
ATOM   705  N N   . ALA A 1 98  ? 10.854  3.794   -1.173  1.00 29.39  ? 112 ALA A N   1 
ATOM   706  C CA  . ALA A 1 98  ? 11.994  4.704   -1.275  1.00 29.89  ? 112 ALA A CA  1 
ATOM   707  C C   . ALA A 1 98  ? 13.073  4.264   -0.269  1.00 35.54  ? 112 ALA A C   1 
ATOM   708  O O   . ALA A 1 98  ? 12.748  3.656   0.757   1.00 38.57  ? 112 ALA A O   1 
ATOM   709  C CB  . ALA A 1 98  ? 11.558  6.171   -1.010  1.00 22.20  ? 112 ALA A CB  1 
ATOM   710  N N   . PRO A 1 99  ? 14.361  4.545   -0.561  1.00 36.97  ? 113 PRO A N   1 
ATOM   711  C CA  . PRO A 1 99  ? 15.425  4.447   0.437   1.00 31.66  ? 113 PRO A CA  1 
ATOM   712  C C   . PRO A 1 99  ? 15.039  5.114   1.746   1.00 28.86  ? 113 PRO A C   1 
ATOM   713  O O   . PRO A 1 99  ? 14.513  6.205   1.731   1.00 33.42  ? 113 PRO A O   1 
ATOM   714  C CB  . PRO A 1 99  ? 16.595  5.207   -0.218  1.00 45.78  ? 113 PRO A CB  1 
ATOM   715  C CG  . PRO A 1 99  ? 16.048  5.808   -1.491  1.00 47.41  ? 113 PRO A CG  1 
ATOM   716  C CD  . PRO A 1 99  ? 14.904  4.929   -1.872  1.00 48.24  ? 113 PRO A CD  1 
ATOM   717  N N   . GLY A 1 100 ? 15.243  4.432   2.865   1.00 22.14  ? 114 GLY A N   1 
ATOM   718  C CA  . GLY A 1 100 ? 15.011  5.019   4.155   1.00 17.38  ? 114 GLY A CA  1 
ATOM   719  C C   . GLY A 1 100 ? 13.628  4.812   4.727   1.00 33.24  ? 114 GLY A C   1 
ATOM   720  O O   . GLY A 1 100 ? 13.252  5.405   5.763   1.00 41.95  ? 114 GLY A O   1 
ATOM   721  N N   . THR A 1 101 ? 12.867  3.956   4.071   1.00 25.21  ? 115 THR A N   1 
ATOM   722  C CA  . THR A 1 101 ? 11.499  3.677   4.499   1.00 32.85  ? 115 THR A CA  1 
ATOM   723  C C   . THR A 1 101 ? 11.372  2.254   5.063   1.00 43.02  ? 115 THR A C   1 
ATOM   724  O O   . THR A 1 101 ? 12.301  1.433   4.963   1.00 45.34  ? 115 THR A O   1 
ATOM   725  C CB  . THR A 1 101 ? 10.523  3.809   3.325   1.00 20.38  ? 115 THR A CB  1 
ATOM   726  O OG1 . THR A 1 101 ? 10.949  2.922   2.302   1.00 19.75  ? 115 THR A OG1 1 
ATOM   727  C CG2 . THR A 1 101 ? 10.550  5.186   2.746   1.00 20.35  ? 115 THR A CG2 1 
ATOM   728  N N   . SER A 1 102 ? 10.205  1.978   5.642   1.00 41.28  ? 116 SER A N   1 
ATOM   729  C CA  . SER A 1 102 ? 9.953   0.757   6.377   1.00 38.07  ? 116 SER A CA  1 
ATOM   730  C C   . SER A 1 102 ? 8.624   0.103   5.915   1.00 45.09  ? 116 SER A C   1 
ATOM   731  O O   . SER A 1 102 ? 7.698   0.785   5.443   1.00 37.52  ? 116 SER A O   1 
ATOM   732  C CB  . SER A 1 102 ? 9.936   1.104   7.863   1.00 34.62  ? 116 SER A CB  1 
ATOM   733  O OG  . SER A 1 102 ? 9.542   0.006   8.641   1.00 52.10  ? 116 SER A OG  1 
ATOM   734  N N   . ILE A 1 103 ? 8.560   -1.224  6.024   1.00 42.34  ? 117 ILE A N   1 
ATOM   735  C CA  . ILE A 1 103 ? 7.340   -2.008  5.757   1.00 43.19  ? 117 ILE A CA  1 
ATOM   736  C C   . ILE A 1 103 ? 7.186   -3.105  6.807   1.00 40.63  ? 117 ILE A C   1 
ATOM   737  O O   . ILE A 1 103 ? 8.157   -3.719  7.186   1.00 39.08  ? 117 ILE A O   1 
ATOM   738  C CB  . ILE A 1 103 ? 7.331   -2.629  4.351   1.00 37.84  ? 117 ILE A CB  1 
ATOM   739  C CG1 . ILE A 1 103 ? 5.922   -3.143  4.009   1.00 34.76  ? 117 ILE A CG1 1 
ATOM   740  C CG2 . ILE A 1 103 ? 8.447   -3.712  4.228   1.00 34.38  ? 117 ILE A CG2 1 
ATOM   741  C CD1 . ILE A 1 103 ? 5.698   -3.510  2.580   1.00 26.75  ? 117 ILE A CD1 1 
ATOM   742  N N   . GLY A 1 104 ? 5.964   -3.319  7.287   1.00 39.26  ? 118 GLY A N   1 
ATOM   743  C CA  . GLY A 1 104 ? 5.683   -4.379  8.236   1.00 23.44  ? 118 GLY A CA  1 
ATOM   744  C C   . GLY A 1 104 ? 5.389   -3.816  9.594   1.00 34.93  ? 118 GLY A C   1 
ATOM   745  O O   . GLY A 1 104 ? 4.944   -2.680  9.698   1.00 35.71  ? 118 GLY A O   1 
ATOM   746  N N   . ALA A 1 105 ? 5.703   -4.590  10.637  1.00 34.67  ? 119 ALA A N   1 
ATOM   747  C CA  . ALA A 1 105 ? 5.342   -4.259  12.016  1.00 36.70  ? 119 ALA A CA  1 
ATOM   748  C C   . ALA A 1 105 ? 3.829   -4.192  12.149  1.00 44.10  ? 119 ALA A C   1 
ATOM   749  O O   . ALA A 1 105 ? 3.241   -3.135  12.443  1.00 35.76  ? 119 ALA A O   1 
ATOM   750  C CB  . ALA A 1 105 ? 6.014   -2.982  12.504  1.00 39.42  ? 119 ALA A CB  1 
ATOM   751  N N   . CYS A 1 106 ? 3.228   -5.366  11.951  1.00 46.87  ? 120 CYS A N   1 
ATOM   752  C CA  . CYS A 1 106 ? 1.785   -5.566  11.909  1.00 38.72  ? 120 CYS A CA  1 
ATOM   753  C C   . CYS A 1 106 ? 1.237   -6.319  13.106  1.00 45.22  ? 120 CYS A C   1 
ATOM   754  O O   . CYS A 1 106 ? 0.165   -6.922  13.003  1.00 49.83  ? 120 CYS A O   1 
ATOM   755  C CB  . CYS A 1 106 ? 1.439   -6.362  10.667  1.00 31.67  ? 120 CYS A CB  1 
ATOM   756  S SG  . CYS A 1 106 ? 1.910   -5.509  9.233   1.00 34.44  ? 120 CYS A SG  1 
ATOM   757  N N   . ARG A 1 107 ? 1.963   -6.306  14.225  1.00 49.79  ? 121 ARG A N   1 
ATOM   758  C CA  . ARG A 1 107 ? 1.438   -6.865  15.468  1.00 58.79  ? 121 ARG A CA  1 
ATOM   759  C C   . ARG A 1 107 ? 0.154   -6.133  15.916  1.00 65.73  ? 121 ARG A C   1 
ATOM   760  O O   . ARG A 1 107 ? 0.187   -4.910  16.175  1.00 57.56  ? 121 ARG A O   1 
ATOM   761  C CB  . ARG A 1 107 ? 2.488   -6.847  16.586  1.00 62.41  ? 121 ARG A CB  1 
ATOM   762  C CG  . ARG A 1 107 ? 2.062   -7.632  17.848  1.00 70.69  ? 121 ARG A CG  1 
ATOM   763  C CD  . ARG A 1 107 ? 3.141   -7.643  18.925  1.00 67.82  ? 121 ARG A CD  1 
ATOM   764  N NE  . ARG A 1 107 ? 4.108   -8.715  18.697  1.00 71.21  ? 121 ARG A NE  1 
ATOM   765  C CZ  . ARG A 1 107 ? 5.347   -8.744  19.187  1.00 68.35  ? 121 ARG A CZ  1 
ATOM   766  N NH1 . ARG A 1 107 ? 5.802   -7.751  19.949  1.00 67.89  ? 121 ARG A NH1 1 
ATOM   767  N NH2 . ARG A 1 107 ? 6.138   -9.770  18.905  1.00 64.89  ? 121 ARG A NH2 1 
ATOM   768  N N   . PRO A 1 108 ? -0.975  -6.883  16.008  1.00 68.82  ? 122 PRO A N   1 
ATOM   769  C CA  . PRO A 1 108 ? -2.249  -6.294  16.398  1.00 68.78  ? 122 PRO A CA  1 
ATOM   770  C C   . PRO A 1 108 ? -2.337  -6.144  17.902  1.00 72.70  ? 122 PRO A C   1 
ATOM   771  O O   . PRO A 1 108 ? -2.129  -7.099  18.657  1.00 81.33  ? 122 PRO A O   1 
ATOM   772  C CB  . PRO A 1 108 ? -3.291  -7.300  15.885  1.00 66.43  ? 122 PRO A CB  1 
ATOM   773  C CG  . PRO A 1 108 ? -2.602  -8.599  15.866  1.00 64.45  ? 122 PRO A CG  1 
ATOM   774  C CD  . PRO A 1 108 ? -1.103  -8.336  15.763  1.00 68.54  ? 122 PRO A CD  1 
ATOM   775  N N   . ILE A 1 109 ? -2.607  -4.924  18.325  1.00 73.04  ? 123 ILE A N   1 
ATOM   776  C CA  . ILE A 1 109 ? -2.887  -4.657  19.711  1.00 72.99  ? 123 ILE A CA  1 
ATOM   777  C C   . ILE A 1 109 ? -4.362  -4.280  19.737  1.00 68.21  ? 123 ILE A C   1 
ATOM   778  O O   . ILE A 1 109 ? -4.966  -4.084  18.683  1.00 72.30  ? 123 ILE A O   1 
ATOM   779  C CB  . ILE A 1 109 ? -1.925  -3.590  20.290  1.00 71.79  ? 123 ILE A CB  1 
ATOM   780  C CG1 . ILE A 1 109 ? -2.263  -2.184  19.789  1.00 73.33  ? 123 ILE A CG1 1 
ATOM   781  C CG2 . ILE A 1 109 ? -0.478  -3.957  19.935  1.00 70.88  ? 123 ILE A CG2 1 
ATOM   782  C CD1 . ILE A 1 109 ? -1.681  -1.075  20.651  1.00 77.92  ? 123 ILE A CD1 1 
ATOM   783  N N   . LEU A 1 110 ? -4.958  -4.228  20.917  1.00 62.34  ? 124 LEU A N   1 
ATOM   784  C CA  . LEU A 1 110 ? -6.389  -3.979  20.991  1.00 58.61  ? 124 LEU A CA  1 
ATOM   785  C C   . LEU A 1 110 ? -6.721  -2.599  21.559  1.00 64.89  ? 124 LEU A C   1 
ATOM   786  O O   . LEU A 1 110 ? -7.849  -2.108  21.401  1.00 65.61  ? 124 LEU A O   1 
ATOM   787  C CB  . LEU A 1 110 ? -7.093  -5.100  21.769  1.00 57.63  ? 124 LEU A CB  1 
ATOM   788  C CG  . LEU A 1 110 ? -7.503  -6.383  21.029  1.00 52.63  ? 124 LEU A CG  1 
ATOM   789  C CD1 . LEU A 1 110 ? -8.333  -7.279  21.944  1.00 55.21  ? 124 LEU A CD1 1 
ATOM   790  C CD2 . LEU A 1 110 ? -8.278  -6.089  19.738  1.00 49.57  ? 124 LEU A CD2 1 
ATOM   791  N N   . GLY A 1 111 ? -5.732  -1.973  22.196  1.00 66.88  ? 125 GLY A N   1 
ATOM   792  C CA  . GLY A 1 111 ? -5.915  -0.687  22.870  1.00 75.22  ? 125 GLY A CA  1 
ATOM   793  C C   . GLY A 1 111 ? -4.935  -0.501  24.014  1.00 80.05  ? 125 GLY A C   1 
ATOM   794  O O   . GLY A 1 111 ? -3.848  -1.102  24.011  1.00 76.46  ? 125 GLY A O   1 
ATOM   795  N N   . TYR A 1 112 ? -5.322  0.325   24.992  1.00 88.78  ? 126 TYR A N   1 
ATOM   796  C CA  . TYR A 1 112 ? -4.455  0.671   26.141  1.00 97.45  ? 126 TYR A CA  1 
ATOM   797  C C   . TYR A 1 112 ? -5.161  0.534   27.505  1.00 101.26 ? 126 TYR A C   1 
ATOM   798  O O   . TYR A 1 112 ? -6.298  0.985   27.676  1.00 96.28  ? 126 TYR A O   1 
ATOM   799  C CB  . TYR A 1 112 ? -3.807  2.053   25.932  1.00 95.71  ? 126 TYR A CB  1 
ATOM   800  C CG  . TYR A 1 112 ? -3.138  2.150   24.573  1.00 97.08  ? 126 TYR A CG  1 
ATOM   801  C CD1 . TYR A 1 112 ? -3.821  2.689   23.478  1.00 99.75  ? 126 TYR A CD1 1 
ATOM   802  C CD2 . TYR A 1 112 ? -1.849  1.645   24.363  1.00 95.09  ? 126 TYR A CD2 1 
ATOM   803  C CE1 . TYR A 1 112 ? -3.227  2.751   22.217  1.00 98.18  ? 126 TYR A CE1 1 
ATOM   804  C CE2 . TYR A 1 112 ? -1.247  1.703   23.103  1.00 94.60  ? 126 TYR A CE2 1 
ATOM   805  C CZ  . TYR A 1 112 ? -1.946  2.259   22.040  1.00 96.56  ? 126 TYR A CZ  1 
ATOM   806  O OH  . TYR A 1 112 ? -1.375  2.327   20.794  1.00 97.16  ? 126 TYR A OH  1 
ATOM   807  N N   . SER A 1 113 ? -4.467  -0.090  28.461  1.00 109.61 ? 127 SER A N   1 
ATOM   808  C CA  . SER A 1 113 ? -5.094  -0.632  29.684  1.00 118.40 ? 127 SER A CA  1 
ATOM   809  C C   . SER A 1 113 ? -5.354  0.354   30.838  1.00 123.14 ? 127 SER A C   1 
ATOM   810  O O   . SER A 1 113 ? -6.505  0.522   31.266  1.00 125.02 ? 127 SER A O   1 
ATOM   811  C CB  . SER A 1 113 ? -4.317  -1.868  30.189  1.00 116.16 ? 127 SER A CB  1 
ATOM   812  O OG  . SER A 1 113 ? -5.086  -2.643  31.103  1.00 110.27 ? 127 SER A OG  1 
ATOM   813  N N   . GLN A 1 114 ? -4.295  0.987   31.346  1.00 127.19 ? 128 GLN A N   1 
ATOM   814  C CA  . GLN A 1 114 ? -4.393  1.816   32.558  1.00 130.79 ? 128 GLN A CA  1 
ATOM   815  C C   . GLN A 1 114 ? -3.718  3.180   32.379  1.00 130.78 ? 128 GLN A C   1 
ATOM   816  O O   . GLN A 1 114 ? -3.929  3.851   31.364  1.00 130.58 ? 128 GLN A O   1 
ATOM   817  C CB  . GLN A 1 114 ? -3.802  1.070   33.768  1.00 132.49 ? 128 GLN A CB  1 
ATOM   818  C CG  . GLN A 1 114 ? -4.647  -0.093  34.295  1.00 130.22 ? 128 GLN A CG  1 
ATOM   819  C CD  . GLN A 1 114 ? -3.903  -0.941  35.315  1.00 129.32 ? 128 GLN A CD  1 
ATOM   820  O OE1 . GLN A 1 114 ? -2.867  -1.543  35.010  1.00 128.41 ? 128 GLN A OE1 1 
ATOM   821  N NE2 . GLN A 1 114 ? -4.433  -0.997  36.534  1.00 127.95 ? 128 GLN A NE2 1 
ATOM   822  N N   . ASN A 1 115 ? -2.933  3.591   33.379  1.00 132.76 ? 129 ASN A N   1 
ATOM   823  C CA  . ASN A 1 115 ? -2.082  4.782   33.283  1.00 135.13 ? 129 ASN A CA  1 
ATOM   824  C C   . ASN A 1 115 ? -0.980  4.553   32.245  1.00 135.80 ? 129 ASN A C   1 
ATOM   825  O O   . ASN A 1 115 ? -0.754  5.389   31.363  1.00 137.47 ? 129 ASN A O   1 
ATOM   826  C CB  . ASN A 1 115 ? -1.459  5.142   34.650  1.00 133.25 ? 129 ASN A CB  1 
ATOM   827  C CG  . ASN A 1 115 ? -2.405  5.942   35.559  1.00 130.53 ? 129 ASN A CG  1 
ATOM   828  O OD1 . ASN A 1 115 ? -3.457  6.425   35.131  1.00 128.24 ? 129 ASN A OD1 1 
ATOM   829  N ND2 . ASN A 1 115 ? -2.015  6.088   36.824  1.00 128.68 ? 129 ASN A ND2 1 
ATOM   830  N N   . GLY A 1 116 ? -0.309  3.408   32.359  1.00 133.99 ? 130 GLY A N   1 
ATOM   831  C CA  . GLY A 1 116 ? 0.762   3.032   31.445  1.00 131.13 ? 130 GLY A CA  1 
ATOM   832  C C   . GLY A 1 116 ? 0.770   1.542   31.181  1.00 128.79 ? 130 GLY A C   1 
ATOM   833  O O   . GLY A 1 116 ? 1.162   0.750   32.044  1.00 126.90 ? 130 GLY A O   1 
ATOM   834  N N   . SER A 1 117 ? 0.318   1.170   29.984  1.00 126.41 ? 131 SER A N   1 
ATOM   835  C CA  . SER A 1 117 ? 0.329   -0.215  29.508  1.00 122.59 ? 131 SER A CA  1 
ATOM   836  C C   . SER A 1 117 ? -0.078  -0.290  28.033  1.00 119.31 ? 131 SER A C   1 
ATOM   837  O O   . SER A 1 117 ? -0.249  0.744   27.375  1.00 117.20 ? 131 SER A O   1 
ATOM   838  C CB  . SER A 1 117 ? -0.573  -1.113  30.368  1.00 123.78 ? 131 SER A CB  1 
ATOM   839  O OG  . SER A 1 117 ? -1.767  -0.441  30.724  1.00 126.87 ? 131 SER A OG  1 
ATOM   840  N N   . ILE A 1 118 ? -0.213  -1.520  27.532  1.00 113.78 ? 132 ILE A N   1 
ATOM   841  C CA  . ILE A 1 118 ? -0.576  -1.811  26.138  1.00 105.72 ? 132 ILE A CA  1 
ATOM   842  C C   . ILE A 1 118 ? -1.146  -3.240  26.035  1.00 101.25 ? 132 ILE A C   1 
ATOM   843  O O   . ILE A 1 118 ? -0.460  -4.212  26.369  1.00 100.00 ? 132 ILE A O   1 
ATOM   844  C CB  . ILE A 1 118 ? 0.626   -1.523  25.138  1.00 103.86 ? 132 ILE A CB  1 
ATOM   845  C CG1 . ILE A 1 118 ? 0.345   -2.030  23.708  1.00 100.32 ? 132 ILE A CG1 1 
ATOM   846  C CG2 . ILE A 1 118 ? 2.004   -1.945  25.741  1.00 106.10 ? 132 ILE A CG2 1 
ATOM   847  C CD1 . ILE A 1 118 ? 0.875   -3.410  23.374  1.00 98.40  ? 132 ILE A CD1 1 
ATOM   848  N N   . ILE A 1 119 ? -2.402  -3.350  25.585  1.00 95.48  ? 133 ILE A N   1 
ATOM   849  C CA  . ILE A 1 119 ? -3.141  -4.630  25.569  1.00 86.36  ? 133 ILE A CA  1 
ATOM   850  C C   . ILE A 1 119 ? -2.931  -5.447  24.292  1.00 82.26  ? 133 ILE A C   1 
ATOM   851  O O   . ILE A 1 119 ? -3.234  -4.988  23.190  1.00 81.70  ? 133 ILE A O   1 
ATOM   852  C CB  . ILE A 1 119 ? -4.666  -4.435  25.840  1.00 84.40  ? 133 ILE A CB  1 
ATOM   853  C CG1 . ILE A 1 119 ? -4.929  -4.211  27.336  1.00 81.77  ? 133 ILE A CG1 1 
ATOM   854  C CG2 . ILE A 1 119 ? -5.474  -5.645  25.350  1.00 85.64  ? 133 ILE A CG2 1 
ATOM   855  C CD1 . ILE A 1 119 ? -6.353  -3.744  27.670  1.00 81.21  ? 133 ILE A CD1 1 
ATOM   856  N N   . GLU A 1 120 ? -2.411  -6.660  24.465  1.00 83.93  ? 134 GLU A N   1 
ATOM   857  C CA  . GLU A 1 120 ? -2.208  -7.607  23.364  1.00 85.82  ? 134 GLU A CA  1 
ATOM   858  C C   . GLU A 1 120 ? -3.533  -8.252  22.979  1.00 81.17  ? 134 GLU A C   1 
ATOM   859  O O   . GLU A 1 120 ? -4.399  -8.463  23.834  1.00 80.26  ? 134 GLU A O   1 
ATOM   860  C CB  . GLU A 1 120 ? -1.213  -8.702  23.764  1.00 93.32  ? 134 GLU A CB  1 
ATOM   861  C CG  . GLU A 1 120 ? 0.120   -8.209  24.342  1.00 99.77  ? 134 GLU A CG  1 
ATOM   862  C CD  . GLU A 1 120 ? 1.009   -7.516  23.317  1.00 102.55 ? 134 GLU A CD  1 
ATOM   863  O OE1 . GLU A 1 120 ? 0.947   -7.880  22.121  1.00 105.06 ? 134 GLU A OE1 1 
ATOM   864  O OE2 . GLU A 1 120 ? 1.779   -6.610  23.713  1.00 101.72 ? 134 GLU A OE2 1 
ATOM   865  N N   . ALA A 1 121 ? -3.685  -8.566  21.696  1.00 74.63  ? 135 ALA A N   1 
ATOM   866  C CA  . ALA A 1 121 ? -4.910  -9.182  21.187  1.00 69.76  ? 135 ALA A CA  1 
ATOM   867  C C   . ALA A 1 121 ? -4.901  -10.696 21.415  1.00 70.45  ? 135 ALA A C   1 
ATOM   868  O O   . ALA A 1 121 ? -3.868  -11.334 21.220  1.00 76.86  ? 135 ALA A O   1 
ATOM   869  C CB  . ALA A 1 121 ? -5.070  -8.876  19.707  1.00 62.78  ? 135 ALA A CB  1 
ATOM   870  N N   . PRO A 1 122 ? -6.045  -11.278 21.835  1.00 68.06  ? 136 PRO A N   1 
ATOM   871  C CA  . PRO A 1 122 ? -6.244  -12.737 21.868  1.00 63.77  ? 136 PRO A CA  1 
ATOM   872  C C   . PRO A 1 122 ? -5.805  -13.477 20.594  1.00 56.06  ? 136 PRO A C   1 
ATOM   873  O O   . PRO A 1 122 ? -5.815  -12.900 19.507  1.00 59.32  ? 136 PRO A O   1 
ATOM   874  C CB  . PRO A 1 122 ? -7.767  -12.885 22.062  1.00 63.06  ? 136 PRO A CB  1 
ATOM   875  C CG  . PRO A 1 122 ? -8.334  -11.499 21.965  1.00 65.73  ? 136 PRO A CG  1 
ATOM   876  C CD  . PRO A 1 122 ? -7.232  -10.580 22.356  1.00 68.81  ? 136 PRO A CD  1 
ATOM   877  N N   . PRO A 1 123 ? -5.426  -14.762 20.722  1.00 53.51  ? 137 PRO A N   1 
ATOM   878  C CA  . PRO A 1 123 ? -4.973  -15.526 19.557  1.00 42.52  ? 137 PRO A CA  1 
ATOM   879  C C   . PRO A 1 123 ? -6.025  -15.684 18.473  1.00 38.77  ? 137 PRO A C   1 
ATOM   880  O O   . PRO A 1 123 ? -5.683  -15.805 17.285  1.00 39.92  ? 137 PRO A O   1 
ATOM   881  C CB  . PRO A 1 123 ? -4.620  -16.890 20.146  1.00 51.03  ? 137 PRO A CB  1 
ATOM   882  C CG  . PRO A 1 123 ? -5.322  -16.949 21.455  1.00 51.36  ? 137 PRO A CG  1 
ATOM   883  C CD  . PRO A 1 123 ? -5.380  -15.563 21.958  1.00 54.08  ? 137 PRO A CD  1 
ATOM   884  N N   . ALA A 1 124 ? -7.294  -15.682 18.877  1.00 40.32  ? 138 ALA A N   1 
ATOM   885  C CA  . ALA A 1 124 ? -8.404  -15.878 17.955  1.00 44.12  ? 138 ALA A CA  1 
ATOM   886  C C   . ALA A 1 124 ? -8.375  -14.843 16.804  1.00 44.37  ? 138 ALA A C   1 
ATOM   887  O O   . ALA A 1 124 ? -8.259  -15.206 15.626  1.00 38.48  ? 138 ALA A O   1 
ATOM   888  C CB  . ALA A 1 124 ? -9.732  -15.846 18.718  1.00 49.06  ? 138 ALA A CB  1 
ATOM   889  N N   . ILE A 1 125 ? -8.442  -13.560 17.157  1.00 42.70  ? 139 ILE A N   1 
ATOM   890  C CA  . ILE A 1 125 ? -8.377  -12.481 16.157  1.00 41.06  ? 139 ILE A CA  1 
ATOM   891  C C   . ILE A 1 125 ? -6.968  -12.326 15.540  1.00 43.82  ? 139 ILE A C   1 
ATOM   892  O O   . ILE A 1 125 ? -6.831  -11.919 14.389  1.00 42.51  ? 139 ILE A O   1 
ATOM   893  C CB  . ILE A 1 125 ? -8.942  -11.144 16.737  1.00 42.66  ? 139 ILE A CB  1 
ATOM   894  C CG1 . ILE A 1 125 ? -9.142  -10.080 15.643  1.00 37.44  ? 139 ILE A CG1 1 
ATOM   895  C CG2 . ILE A 1 125 ? -8.092  -10.632 17.921  1.00 35.38  ? 139 ILE A CG2 1 
ATOM   896  C CD1 . ILE A 1 125 ? -10.030 -10.508 14.475  1.00 44.12  ? 139 ILE A CD1 1 
ATOM   897  N N   . THR A 1 126 ? -5.929  -12.703 16.289  1.00 42.32  ? 140 THR A N   1 
ATOM   898  C CA  . THR A 1 126 ? -4.555  -12.671 15.764  1.00 39.26  ? 140 THR A CA  1 
ATOM   899  C C   . THR A 1 126 ? -4.413  -13.661 14.622  1.00 35.06  ? 140 THR A C   1 
ATOM   900  O O   . THR A 1 126 ? -3.851  -13.337 13.568  1.00 43.75  ? 140 THR A O   1 
ATOM   901  C CB  . THR A 1 126 ? -3.511  -12.892 16.915  1.00 45.57  ? 140 THR A CB  1 
ATOM   902  O OG1 . THR A 1 126 ? -3.797  -11.965 17.964  1.00 39.47  ? 140 THR A OG1 1 
ATOM   903  C CG2 . THR A 1 126 ? -2.062  -12.677 16.450  1.00 36.86  ? 140 THR A CG2 1 
ATOM   904  N N   . ASN A 1 127 ? -4.981  -14.851 14.795  1.00 33.97  ? 141 ASN A N   1 
ATOM   905  C CA  . ASN A 1 127 ? -4.965  -15.868 13.731  1.00 38.99  ? 141 ASN A CA  1 
ATOM   906  C C   . ASN A 1 127 ? -5.715  -15.488 12.480  1.00 29.46  ? 141 ASN A C   1 
ATOM   907  O O   . ASN A 1 127 ? -5.411  -16.014 11.409  1.00 38.15  ? 141 ASN A O   1 
ATOM   908  C CB  . ASN A 1 127 ? -5.485  -17.231 14.258  1.00 45.73  ? 141 ASN A CB  1 
ATOM   909  C CG  . ASN A 1 127 ? -4.642  -17.768 15.397  1.00 45.30  ? 141 ASN A CG  1 
ATOM   910  O OD1 . ASN A 1 127 ? -3.435  -17.472 15.495  1.00 41.65  ? 141 ASN A OD1 1 
ATOM   911  N ND2 . ASN A 1 127 ? -5.270  -18.537 16.286  1.00 45.82  ? 141 ASN A ND2 1 
ATOM   912  N N   . TYR A 1 128 ? -6.728  -14.619 12.617  1.00 37.94  ? 142 TYR A N   1 
ATOM   913  C CA  . TYR A 1 128 ? -7.434  -14.096 11.441  1.00 35.45  ? 142 TYR A CA  1 
ATOM   914  C C   . TYR A 1 128 ? -6.491  -13.205 10.583  1.00 27.37  ? 142 TYR A C   1 
ATOM   915  O O   . TYR A 1 128 ? -6.369  -13.392 9.355   1.00 35.59  ? 142 TYR A O   1 
ATOM   916  C CB  . TYR A 1 128 ? -8.752  -13.336 11.801  1.00 35.07  ? 142 TYR A CB  1 
ATOM   917  C CG  . TYR A 1 128 ? -9.186  -12.457 10.630  1.00 40.03  ? 142 TYR A CG  1 
ATOM   918  C CD1 . TYR A 1 128 ? -9.931  -12.995 9.579   1.00 41.99  ? 142 TYR A CD1 1 
ATOM   919  C CD2 . TYR A 1 128 ? -8.762  -11.117 10.523  1.00 31.68  ? 142 TYR A CD2 1 
ATOM   920  C CE1 . TYR A 1 128 ? -10.266 -12.226 8.451   1.00 39.57  ? 142 TYR A CE1 1 
ATOM   921  C CE2 . TYR A 1 128 ? -9.079  -10.353 9.404   1.00 38.08  ? 142 TYR A CE2 1 
ATOM   922  C CZ  . TYR A 1 128 ? -9.849  -10.909 8.375   1.00 41.52  ? 142 TYR A CZ  1 
ATOM   923  O OH  . TYR A 1 128 ? -10.190 -10.160 7.257   1.00 48.08  ? 142 TYR A OH  1 
ATOM   924  N N   . PHE A 1 129 ? -5.841  -12.235 11.226  1.00 34.50  ? 143 PHE A N   1 
ATOM   925  C CA  . PHE A 1 129 ? -4.974  -11.288 10.502  1.00 35.04  ? 143 PHE A CA  1 
ATOM   926  C C   . PHE A 1 129 ? -3.778  -12.032 9.904   1.00 35.05  ? 143 PHE A C   1 
ATOM   927  O O   . PHE A 1 129 ? -3.396  -11.771 8.753   1.00 31.16  ? 143 PHE A O   1 
ATOM   928  C CB  . PHE A 1 129 ? -4.534  -10.140 11.417  1.00 35.84  ? 143 PHE A CB  1 
ATOM   929  C CG  . PHE A 1 129 ? -5.620  -9.127  11.695  1.00 34.70  ? 143 PHE A CG  1 
ATOM   930  C CD1 . PHE A 1 129 ? -6.199  -9.031  12.959  1.00 38.75  ? 143 PHE A CD1 1 
ATOM   931  C CD2 . PHE A 1 129 ? -6.057  -8.258  10.695  1.00 37.19  ? 143 PHE A CD2 1 
ATOM   932  C CE1 . PHE A 1 129 ? -7.214  -8.094  13.225  1.00 33.07  ? 143 PHE A CE1 1 
ATOM   933  C CE2 . PHE A 1 129 ? -7.051  -7.322  10.945  1.00 33.50  ? 143 PHE A CE2 1 
ATOM   934  C CZ  . PHE A 1 129 ? -7.637  -7.239  12.212  1.00 30.17  ? 143 PHE A CZ  1 
ATOM   935  N N   . ILE A 1 130 ? -3.239  -12.998 10.667  1.00 36.45  ? 144 ILE A N   1 
ATOM   936  C CA  . ILE A 1 130 ? -2.167  -13.887 10.191  1.00 41.13  ? 144 ILE A CA  1 
ATOM   937  C C   . ILE A 1 130 ? -2.552  -14.488 8.860   1.00 35.42  ? 144 ILE A C   1 
ATOM   938  O O   . ILE A 1 130 ? -1.791  -14.453 7.893   1.00 42.77  ? 144 ILE A O   1 
ATOM   939  C CB  . ILE A 1 130 ? -1.863  -15.069 11.183  1.00 45.90  ? 144 ILE A CB  1 
ATOM   940  C CG1 . ILE A 1 130 ? -1.357  -14.564 12.537  1.00 45.73  ? 144 ILE A CG1 1 
ATOM   941  C CG2 . ILE A 1 130 ? -0.882  -16.092 10.564  1.00 42.09  ? 144 ILE A CG2 1 
ATOM   942  C CD1 . ILE A 1 130 ? 0.085   -14.409 12.643  1.00 50.80  ? 144 ILE A CD1 1 
ATOM   943  N N   . ALA A 1 131 ? -3.763  -15.035 8.818   1.00 43.73  ? 145 ALA A N   1 
ATOM   944  C CA  . ALA A 1 131 ? -4.225  -15.790 7.677   1.00 27.21  ? 145 ALA A CA  1 
ATOM   945  C C   . ALA A 1 131 ? -4.665  -14.844 6.579   1.00 30.02  ? 145 ALA A C   1 
ATOM   946  O O   . ALA A 1 131 ? -4.499  -15.126 5.396   1.00 26.35  ? 145 ALA A O   1 
ATOM   947  C CB  . ALA A 1 131 ? -5.359  -16.675 8.115   1.00 40.60  ? 145 ALA A CB  1 
ATOM   948  N N   . TYR A 1 132 ? -5.258  -13.722 6.970   1.00 26.75  ? 146 TYR A N   1 
ATOM   949  C CA  . TYR A 1 132 ? -5.481  -12.617 6.024   1.00 28.88  ? 146 TYR A CA  1 
ATOM   950  C C   . TYR A 1 132 ? -4.187  -12.161 5.310   1.00 27.16  ? 146 TYR A C   1 
ATOM   951  O O   . TYR A 1 132 ? -4.150  -12.053 4.073   1.00 32.70  ? 146 TYR A O   1 
ATOM   952  C CB  . TYR A 1 132 ? -6.139  -11.440 6.757   1.00 33.57  ? 146 TYR A CB  1 
ATOM   953  C CG  . TYR A 1 132 ? -6.620  -10.343 5.840   1.00 39.02  ? 146 TYR A CG  1 
ATOM   954  C CD1 . TYR A 1 132 ? -7.554  -10.606 4.835   1.00 38.10  ? 146 TYR A CD1 1 
ATOM   955  C CD2 . TYR A 1 132 ? -6.142  -9.033  5.982   1.00 41.59  ? 146 TYR A CD2 1 
ATOM   956  C CE1 . TYR A 1 132 ? -7.997  -9.603  4.009   1.00 42.94  ? 146 TYR A CE1 1 
ATOM   957  C CE2 . TYR A 1 132 ? -6.568  -8.026  5.145   1.00 24.57  ? 146 TYR A CE2 1 
ATOM   958  C CZ  . TYR A 1 132 ? -7.491  -8.311  4.176   1.00 32.71  ? 146 TYR A CZ  1 
ATOM   959  O OH  . TYR A 1 132 ? -7.927  -7.323  3.351   1.00 33.48  ? 146 TYR A OH  1 
ATOM   960  N N   . ILE A 1 133 ? -3.117  -11.930 6.075   1.00 28.75  ? 147 ILE A N   1 
ATOM   961  C CA  . ILE A 1 133 ? -1.857  -11.478 5.453   1.00 35.76  ? 147 ILE A CA  1 
ATOM   962  C C   . ILE A 1 133 ? -1.184  -12.521 4.555   1.00 38.64  ? 147 ILE A C   1 
ATOM   963  O O   . ILE A 1 133 ? -0.707  -12.191 3.467   1.00 40.00  ? 147 ILE A O   1 
ATOM   964  C CB  . ILE A 1 133 ? -0.859  -10.875 6.491   1.00 38.23  ? 147 ILE A CB  1 
ATOM   965  C CG1 . ILE A 1 133 ? -0.060  -9.728  5.853   1.00 35.95  ? 147 ILE A CG1 1 
ATOM   966  C CG2 . ILE A 1 133 ? 0.086   -11.933 7.088   1.00 41.07  ? 147 ILE A CG2 1 
ATOM   967  C CD1 . ILE A 1 133 ? 0.711   -8.984  6.835   1.00 17.06  ? 147 ILE A CD1 1 
ATOM   968  N N   . LYS A 1 134 ? -1.179  -13.784 4.988   1.00 45.46  ? 148 LYS A N   1 
ATOM   969  C CA  . LYS A 1 134 ? -0.656  -14.885 4.162   1.00 34.14  ? 148 LYS A CA  1 
ATOM   970  C C   . LYS A 1 134 ? -1.289  -14.923 2.807   1.00 37.38  ? 148 LYS A C   1 
ATOM   971  O O   . LYS A 1 134 ? -0.602  -15.087 1.792   1.00 46.68  ? 148 LYS A O   1 
ATOM   972  C CB  . LYS A 1 134 ? -0.861  -16.226 4.854   1.00 48.50  ? 148 LYS A CB  1 
ATOM   973  C CG  . LYS A 1 134 ? 0.123   -16.514 5.982   1.00 51.09  ? 148 LYS A CG  1 
ATOM   974  C CD  . LYS A 1 134 ? 0.633   -17.971 5.919   1.00 68.21  ? 148 LYS A CD  1 
ATOM   975  C CE  . LYS A 1 134 ? -0.471  -19.018 6.123   1.00 68.36  ? 148 LYS A CE  1 
ATOM   976  N NZ  . LYS A 1 134 ? 0.075   -20.324 6.615   1.00 70.94  ? 148 LYS A NZ  1 
ATOM   977  N N   . SER A 1 135 ? -2.610  -14.741 2.788   1.00 41.43  ? 149 SER A N   1 
ATOM   978  C CA  . SER A 1 135 ? -3.402  -14.798 1.565   1.00 34.49  ? 149 SER A CA  1 
ATOM   979  C C   . SER A 1 135 ? -3.157  -13.656 0.615   1.00 33.44  ? 149 SER A C   1 
ATOM   980  O O   . SER A 1 135 ? -3.057  -13.871 -0.595  1.00 36.21  ? 149 SER A O   1 
ATOM   981  C CB  . SER A 1 135 ? -4.887  -14.831 1.921   1.00 42.74  ? 149 SER A CB  1 
ATOM   982  O OG  . SER A 1 135 ? -5.014  -15.379 3.218   1.00 50.58  ? 149 SER A OG  1 
ATOM   983  N N   . LEU A 1 136 ? -3.101  -12.432 1.142   1.00 40.07  ? 150 LEU A N   1 
ATOM   984  C CA  . LEU A 1 136 ? -2.645  -11.294 0.320   1.00 32.74  ? 150 LEU A CA  1 
ATOM   985  C C   . LEU A 1 136 ? -1.278  -11.624 -0.253  1.00 27.41  ? 150 LEU A C   1 
ATOM   986  O O   . LEU A 1 136 ? -1.047  -11.442 -1.429  1.00 32.48  ? 150 LEU A O   1 
ATOM   987  C CB  . LEU A 1 136 ? -2.576  -9.996  1.124   1.00 27.61  ? 150 LEU A CB  1 
ATOM   988  C CG  . LEU A 1 136 ? -3.909  -9.471  1.639   1.00 26.11  ? 150 LEU A CG  1 
ATOM   989  C CD1 . LEU A 1 136 ? -3.655  -8.299  2.478   1.00 26.81  ? 150 LEU A CD1 1 
ATOM   990  C CD2 . LEU A 1 136 ? -4.858  -9.121  0.483   1.00 31.08  ? 150 LEU A CD2 1 
ATOM   991  N N   . ALA A 1 137 ? -0.380  -12.116 0.586   1.00 26.10  ? 151 ALA A N   1 
ATOM   992  C CA  . ALA A 1 137 ? 0.949   -12.435 0.121   1.00 28.94  ? 151 ALA A CA  1 
ATOM   993  C C   . ALA A 1 137 ? 0.928   -13.533 -0.930  1.00 39.43  ? 151 ALA A C   1 
ATOM   994  O O   . ALA A 1 137 ? 1.442   -13.322 -2.031  1.00 47.12  ? 151 ALA A O   1 
ATOM   995  C CB  . ALA A 1 137 ? 1.842   -12.773 1.284   1.00 24.31  ? 151 ALA A CB  1 
ATOM   996  N N   . GLN A 1 138 ? 0.293   -14.678 -0.625  1.00 51.33  ? 152 GLN A N   1 
ATOM   997  C CA  . GLN A 1 138 ? 0.118   -15.773 -1.606  1.00 46.34  ? 152 GLN A CA  1 
ATOM   998  C C   . GLN A 1 138 ? -0.543  -15.284 -2.893  1.00 42.90  ? 152 GLN A C   1 
ATOM   999  O O   . GLN A 1 138 ? -0.036  -15.521 -3.994  1.00 51.04  ? 152 GLN A O   1 
ATOM   1000 C CB  . GLN A 1 138 ? -0.661  -16.970 -0.994  1.00 54.63  ? 152 GLN A CB  1 
ATOM   1001 C CG  . GLN A 1 138 ? -1.294  -17.981 -2.028  1.00 59.22  ? 152 GLN A CG  1 
ATOM   1002 C CD  . GLN A 1 138 ? -2.853  -17.893 -2.176  1.00 67.25  ? 152 GLN A CD  1 
ATOM   1003 O OE1 . GLN A 1 138 ? -3.603  -18.182 -1.235  1.00 71.79  ? 152 GLN A OE1 1 
ATOM   1004 N NE2 . GLN A 1 138 ? -3.324  -17.531 -3.371  1.00 55.81  ? 152 GLN A NE2 1 
ATOM   1005 N N   . GLU A 1 139 ? -1.681  -14.604 -2.750  1.00 45.75  ? 153 GLU A N   1 
ATOM   1006 C CA  . GLU A 1 139 ? -2.437  -14.085 -3.896  1.00 53.65  ? 153 GLU A CA  1 
ATOM   1007 C C   . GLU A 1 139 ? -1.576  -13.318 -4.898  1.00 54.61  ? 153 GLU A C   1 
ATOM   1008 O O   . GLU A 1 139 ? -1.836  -13.364 -6.093  1.00 59.07  ? 153 GLU A O   1 
ATOM   1009 C CB  . GLU A 1 139 ? -3.550  -13.141 -3.431  1.00 53.28  ? 153 GLU A CB  1 
ATOM   1010 C CG  . GLU A 1 139 ? -4.825  -13.780 -2.934  1.00 57.96  ? 153 GLU A CG  1 
ATOM   1011 C CD  . GLU A 1 139 ? -5.966  -12.767 -2.876  1.00 64.26  ? 153 GLU A CD  1 
ATOM   1012 O OE1 . GLU A 1 139 ? -6.300  -12.304 -1.758  1.00 60.82  ? 153 GLU A OE1 1 
ATOM   1013 O OE2 . GLU A 1 139 ? -6.513  -12.415 -3.954  1.00 68.61  ? 153 GLU A OE2 1 
ATOM   1014 N N   . SER A 1 140 ? -0.575  -12.587 -4.403  1.00 57.26  ? 154 SER A N   1 
ATOM   1015 C CA  . SER A 1 140 ? 0.166   -11.632 -5.240  1.00 57.08  ? 154 SER A CA  1 
ATOM   1016 C C   . SER A 1 140 ? 1.487   -12.197 -5.730  1.00 60.21  ? 154 SER A C   1 
ATOM   1017 O O   . SER A 1 140 ? 2.072   -11.682 -6.690  1.00 65.88  ? 154 SER A O   1 
ATOM   1018 C CB  . SER A 1 140 ? 0.357   -10.266 -4.541  1.00 38.13  ? 154 SER A CB  1 
ATOM   1019 O OG  . SER A 1 140 ? 1.121   -10.351 -3.340  1.00 33.24  ? 154 SER A OG  1 
ATOM   1020 N N   . GLY A 1 141 ? 1.927   -13.278 -5.087  1.00 55.90  ? 155 GLY A N   1 
ATOM   1021 C CA  . GLY A 1 141 ? 3.184   -13.904 -5.424  1.00 51.25  ? 155 GLY A CA  1 
ATOM   1022 C C   . GLY A 1 141 ? 4.278   -13.221 -4.644  1.00 54.05  ? 155 GLY A C   1 
ATOM   1023 O O   . GLY A 1 141 ? 5.322   -12.860 -5.188  1.00 61.06  ? 155 GLY A O   1 
ATOM   1024 N N   . ARG A 1 142 ? 4.024   -13.040 -3.356  1.00 54.92  ? 156 ARG A N   1 
ATOM   1025 C CA  . ARG A 1 142 ? 4.977   -12.409 -2.448  1.00 46.87  ? 156 ARG A CA  1 
ATOM   1026 C C   . ARG A 1 142 ? 5.266   -13.334 -1.276  1.00 47.48  ? 156 ARG A C   1 
ATOM   1027 O O   . ARG A 1 142 ? 4.609   -14.356 -1.092  1.00 63.15  ? 156 ARG A O   1 
ATOM   1028 C CB  . ARG A 1 142 ? 4.456   -11.038 -1.974  1.00 42.18  ? 156 ARG A CB  1 
ATOM   1029 C CG  . ARG A 1 142 ? 4.298   -10.032 -3.123  1.00 41.85  ? 156 ARG A CG  1 
ATOM   1030 C CD  . ARG A 1 142 ? 3.861   -8.627  -2.675  1.00 38.90  ? 156 ARG A CD  1 
ATOM   1031 N NE  . ARG A 1 142 ? 3.712   -7.765  -3.846  1.00 30.12  ? 156 ARG A NE  1 
ATOM   1032 C CZ  . ARG A 1 142 ? 2.593   -7.160  -4.216  1.00 34.84  ? 156 ARG A CZ  1 
ATOM   1033 N NH1 . ARG A 1 142 ? 1.495   -7.289  -3.485  1.00 35.09  ? 156 ARG A NH1 1 
ATOM   1034 N NH2 . ARG A 1 142 ? 2.579   -6.411  -5.315  1.00 28.11  ? 156 ARG A NH2 1 
ATOM   1035 N N   . ASN A 1 143 ? 6.249   -12.967 -0.476  1.00 54.46  ? 157 ASN A N   1 
ATOM   1036 C CA  . ASN A 1 143 ? 6.719   -13.824 0.586   1.00 51.94  ? 157 ASN A CA  1 
ATOM   1037 C C   . ASN A 1 143 ? 5.708   -14.002 1.706   1.00 54.86  ? 157 ASN A C   1 
ATOM   1038 O O   . ASN A 1 143 ? 5.795   -13.327 2.759   1.00 56.73  ? 157 ASN A O   1 
ATOM   1039 C CB  . ASN A 1 143 ? 8.014   -13.260 1.139   1.00 56.98  ? 157 ASN A CB  1 
ATOM   1040 C CG  . ASN A 1 143 ? 8.962   -14.329 1.587   1.00 58.07  ? 157 ASN A CG  1 
ATOM   1041 O OD1 . ASN A 1 143 ? 8.927   -14.766 2.749   1.00 54.63  ? 157 ASN A OD1 1 
ATOM   1042 N ND2 . ASN A 1 143 ? 9.853   -14.742 0.675   1.00 47.08  ? 157 ASN A ND2 1 
ATOM   1043 N N   . ALA A 1 144 ? 4.767   -14.927 1.487   1.00 48.03  ? 158 ALA A N   1 
ATOM   1044 C CA  . ALA A 1 144 ? 3.787   -15.323 2.515   1.00 45.09  ? 158 ALA A CA  1 
ATOM   1045 C C   . ALA A 1 144 ? 4.423   -15.607 3.871   1.00 38.17  ? 158 ALA A C   1 
ATOM   1046 O O   . ALA A 1 144 ? 3.865   -15.281 4.929   1.00 50.20  ? 158 ALA A O   1 
ATOM   1047 C CB  . ALA A 1 144 ? 2.952   -16.511 2.039   1.00 53.01  ? 158 ALA A CB  1 
ATOM   1048 N N   . THR A 1 145 ? 5.622   -16.161 3.844   1.00 46.77  ? 159 THR A N   1 
ATOM   1049 C CA  . THR A 1 145 ? 6.314   -16.542 5.078   1.00 46.32  ? 159 THR A CA  1 
ATOM   1050 C C   . THR A 1 145 ? 6.890   -15.327 5.805   1.00 42.66  ? 159 THR A C   1 
ATOM   1051 O O   . THR A 1 145 ? 6.853   -15.261 7.048   1.00 44.44  ? 159 THR A O   1 
ATOM   1052 C CB  . THR A 1 145 ? 7.445   -17.598 4.810   1.00 54.82  ? 159 THR A CB  1 
ATOM   1053 O OG1 . THR A 1 145 ? 7.072   -18.467 3.717   1.00 41.85  ? 159 THR A OG1 1 
ATOM   1054 C CG2 . THR A 1 145 ? 7.768   -18.409 6.103   1.00 42.66  ? 159 THR A CG2 1 
ATOM   1055 N N   . ILE A 1 146 ? 7.449   -14.374 5.052   1.00 51.41  ? 160 ILE A N   1 
ATOM   1056 C CA  . ILE A 1 146 ? 7.843   -13.099 5.686   1.00 51.78  ? 160 ILE A CA  1 
ATOM   1057 C C   . ILE A 1 146 ? 6.591   -12.311 6.113   1.00 36.62  ? 160 ILE A C   1 
ATOM   1058 O O   . ILE A 1 146 ? 6.517   -11.827 7.236   1.00 42.06  ? 160 ILE A O   1 
ATOM   1059 C CB  . ILE A 1 146 ? 8.789   -12.222 4.814   1.00 56.30  ? 160 ILE A CB  1 
ATOM   1060 C CG1 . ILE A 1 146 ? 10.105  -12.958 4.495   1.00 57.28  ? 160 ILE A CG1 1 
ATOM   1061 C CG2 . ILE A 1 146 ? 9.092   -10.898 5.536   1.00 52.74  ? 160 ILE A CG2 1 
ATOM   1062 C CD1 . ILE A 1 146 ? 10.981  -13.255 5.718   1.00 45.83  ? 160 ILE A CD1 1 
ATOM   1063 N N   . ALA A 1 147 ? 5.604   -12.227 5.221   1.00 35.53  ? 161 ALA A N   1 
ATOM   1064 C CA  . ALA A 1 147 ? 4.359   -11.506 5.522   1.00 34.34  ? 161 ALA A CA  1 
ATOM   1065 C C   . ALA A 1 147 ? 3.849   -11.850 6.904   1.00 34.27  ? 161 ALA A C   1 
ATOM   1066 O O   . ALA A 1 147 ? 3.607   -10.963 7.711   1.00 42.13  ? 161 ALA A O   1 
ATOM   1067 C CB  . ALA A 1 147 ? 3.297   -11.775 4.456   1.00 42.19  ? 161 ALA A CB  1 
ATOM   1068 N N   . GLU A 1 148 ? 3.738   -13.143 7.203   1.00 45.12  ? 162 GLU A N   1 
ATOM   1069 C CA  . GLU A 1 148 ? 3.216   -13.601 8.502   1.00 38.38  ? 162 GLU A CA  1 
ATOM   1070 C C   . GLU A 1 148 ? 3.999   -13.065 9.668   1.00 32.22  ? 162 GLU A C   1 
ATOM   1071 O O   . GLU A 1 148 ? 3.440   -12.719 10.736  1.00 39.39  ? 162 GLU A O   1 
ATOM   1072 C CB  . GLU A 1 148 ? 3.219   -15.126 8.533   1.00 46.45  ? 162 GLU A CB  1 
ATOM   1073 C CG  . GLU A 1 148 ? 3.018   -15.710 9.913   1.00 39.95  ? 162 GLU A CG  1 
ATOM   1074 C CD  . GLU A 1 148 ? 2.806   -17.202 9.868   1.00 49.86  ? 162 GLU A CD  1 
ATOM   1075 O OE1 . GLU A 1 148 ? 2.748   -17.810 10.957  1.00 39.70  ? 162 GLU A OE1 1 
ATOM   1076 O OE2 . GLU A 1 148 ? 2.696   -17.749 8.739   1.00 56.92  ? 162 GLU A OE2 1 
ATOM   1077 N N   . GLU A 1 149 ? 5.317   -12.997 9.461   1.00 47.70  ? 163 GLU A N   1 
ATOM   1078 C CA  . GLU A 1 149 ? 6.271   -12.475 10.455  1.00 37.55  ? 163 GLU A CA  1 
ATOM   1079 C C   . GLU A 1 149 ? 6.064   -11.000 10.792  1.00 33.53  ? 163 GLU A C   1 
ATOM   1080 O O   . GLU A 1 149 ? 6.409   -10.552 11.896  1.00 31.54  ? 163 GLU A O   1 
ATOM   1081 C CB  . GLU A 1 149 ? 7.693   -12.695 9.960   1.00 48.66  ? 163 GLU A CB  1 
ATOM   1082 C CG  . GLU A 1 149 ? 7.970   -14.115 9.495   1.00 49.72  ? 163 GLU A CG  1 
ATOM   1083 C CD  . GLU A 1 149 ? 9.408   -14.506 9.755   1.00 53.17  ? 163 GLU A CD  1 
ATOM   1084 O OE1 . GLU A 1 149 ? 9.820   -14.473 10.937  1.00 55.69  ? 163 GLU A OE1 1 
ATOM   1085 O OE2 . GLU A 1 149 ? 10.130  -14.820 8.787   1.00 42.58  ? 163 GLU A OE2 1 
ATOM   1086 N N   . PHE A 1 150 ? 5.479   -10.247 9.854   1.00 41.80  ? 164 PHE A N   1 
ATOM   1087 C CA  . PHE A 1 150 ? 5.042   -8.857  10.136  1.00 29.07  ? 164 PHE A CA  1 
ATOM   1088 C C   . PHE A 1 150 ? 4.165   -8.883  11.340  1.00 19.87  ? 164 PHE A C   1 
ATOM   1089 O O   . PHE A 1 150 ? 4.279   -8.032  12.239  1.00 36.52  ? 164 PHE A O   1 
ATOM   1090 C CB  . PHE A 1 150 ? 4.321   -8.246  8.939   1.00 22.38  ? 164 PHE A CB  1 
ATOM   1091 C CG  . PHE A 1 150 ? 5.179   -8.107  7.710   1.00 18.33  ? 164 PHE A CG  1 
ATOM   1092 C CD1 . PHE A 1 150 ? 4.590   -8.048  6.462   1.00 19.16  ? 164 PHE A CD1 1 
ATOM   1093 C CD2 . PHE A 1 150 ? 6.578   -7.994  7.797   1.00 26.12  ? 164 PHE A CD2 1 
ATOM   1094 C CE1 . PHE A 1 150 ? 5.336   -7.859  5.307   1.00 19.78  ? 164 PHE A CE1 1 
ATOM   1095 C CE2 . PHE A 1 150 ? 7.357   -7.835  6.628   1.00 22.96  ? 164 PHE A CE2 1 
ATOM   1096 C CZ  . PHE A 1 150 ? 6.732   -7.765  5.385   1.00 32.74  ? 164 PHE A CZ  1 
ATOM   1097 N N   . ILE A 1 151 ? 3.321   -9.913  11.429  1.00 35.16  ? 165 ILE A N   1 
ATOM   1098 C CA  . ILE A 1 151 ? 2.530   -10.081 12.645  1.00 36.78  ? 165 ILE A CA  1 
ATOM   1099 C C   . ILE A 1 151 ? 3.233   -10.864 13.764  1.00 37.00  ? 165 ILE A C   1 
ATOM   1100 O O   . ILE A 1 151 ? 3.291   -10.395 14.905  1.00 32.98  ? 165 ILE A O   1 
ATOM   1101 C CB  . ILE A 1 151 ? 1.140   -10.708 12.376  1.00 41.12  ? 165 ILE A CB  1 
ATOM   1102 C CG1 . ILE A 1 151 ? 0.375   -9.929  11.304  1.00 35.96  ? 165 ILE A CG1 1 
ATOM   1103 C CG2 . ILE A 1 151 ? 0.355   -10.804 13.693  1.00 35.71  ? 165 ILE A CG2 1 
ATOM   1104 C CD1 . ILE A 1 151 ? -0.566  -10.788 10.462  1.00 35.77  ? 165 ILE A CD1 1 
ATOM   1105 N N   . THR A 1 152 ? 3.712   -12.080 13.470  1.00 46.71  ? 166 THR A N   1 
ATOM   1106 C CA  . THR A 1 152 ? 4.132   -12.976 14.583  1.00 47.39  ? 166 THR A CA  1 
ATOM   1107 C C   . THR A 1 152 ? 5.352   -12.476 15.342  1.00 55.12  ? 166 THR A C   1 
ATOM   1108 O O   . THR A 1 152 ? 5.412   -12.571 16.583  1.00 51.43  ? 166 THR A O   1 
ATOM   1109 C CB  . THR A 1 152 ? 4.266   -14.476 14.182  1.00 50.59  ? 166 THR A CB  1 
ATOM   1110 O OG1 . THR A 1 152 ? 5.296   -14.653 13.211  1.00 51.96  ? 166 THR A OG1 1 
ATOM   1111 C CG2 . THR A 1 152 ? 2.948   -15.016 13.614  1.00 41.15  ? 166 THR A CG2 1 
ATOM   1112 N N   . LYS A 1 153 ? 6.307   -11.887 14.624  1.00 51.68  ? 167 LYS A N   1 
ATOM   1113 C CA  . LYS A 1 153 ? 7.492   -11.376 15.317  1.00 60.27  ? 167 LYS A CA  1 
ATOM   1114 C C   . LYS A 1 153 ? 7.662   -9.846  15.278  1.00 61.40  ? 167 LYS A C   1 
ATOM   1115 O O   . LYS A 1 153 ? 8.770   -9.327  15.381  1.00 67.78  ? 167 LYS A O   1 
ATOM   1116 C CB  . LYS A 1 153 ? 8.733   -12.177 14.897  1.00 58.96  ? 167 LYS A CB  1 
ATOM   1117 C CG  . LYS A 1 153 ? 8.731   -13.579 15.551  1.00 65.38  ? 167 LYS A CG  1 
ATOM   1118 C CD  . LYS A 1 153 ? 9.732   -14.539 14.941  1.00 76.19  ? 167 LYS A CD  1 
ATOM   1119 C CE  . LYS A 1 153 ? 9.141   -15.356 13.808  1.00 75.55  ? 167 LYS A CE  1 
ATOM   1120 N NZ  . LYS A 1 153 ? 10.206  -16.151 13.123  1.00 71.12  ? 167 LYS A NZ  1 
ATOM   1121 N N   . ASP A 1 154 ? 6.524   -9.151  15.189  1.00 58.75  ? 168 ASP A N   1 
ATOM   1122 C CA  . ASP A 1 154 ? 6.436   -7.701  14.974  1.00 35.98  ? 168 ASP A CA  1 
ATOM   1123 C C   . ASP A 1 154 ? 7.468   -7.172  13.982  1.00 37.83  ? 168 ASP A C   1 
ATOM   1124 O O   . ASP A 1 154 ? 8.006   -6.087  14.152  1.00 38.50  ? 168 ASP A O   1 
ATOM   1125 C CB  . ASP A 1 154 ? 6.511   -6.937  16.300  1.00 54.30  ? 168 ASP A CB  1 
ATOM   1126 C CG  . ASP A 1 154 ? 5.831   -5.567  16.233  1.00 56.69  ? 168 ASP A CG  1 
ATOM   1127 O OD1 . ASP A 1 154 ? 5.319   -5.186  15.154  1.00 47.34  ? 168 ASP A OD1 1 
ATOM   1128 O OD2 . ASP A 1 154 ? 5.793   -4.883  17.279  1.00 61.53  ? 168 ASP A OD2 1 
ATOM   1129 N N   . LEU A 1 155 ? 7.697   -7.950  12.931  1.00 31.60  ? 169 LEU A N   1 
ATOM   1130 C CA  . LEU A 1 155 ? 8.728   -7.719  11.952  1.00 33.92  ? 169 LEU A CA  1 
ATOM   1131 C C   . LEU A 1 155 ? 8.535   -6.558  10.970  1.00 51.55  ? 169 LEU A C   1 
ATOM   1132 O O   . LEU A 1 155 ? 7.548   -6.521  10.199  1.00 50.78  ? 169 LEU A O   1 
ATOM   1133 C CB  . LEU A 1 155 ? 8.949   -8.998  11.134  1.00 22.51  ? 169 LEU A CB  1 
ATOM   1134 C CG  . LEU A 1 155 ? 10.016  -8.815  10.065  1.00 33.00  ? 169 LEU A CG  1 
ATOM   1135 C CD1 . LEU A 1 155 ? 11.413  -8.656  10.689  1.00 36.64  ? 169 LEU A CD1 1 
ATOM   1136 C CD2 . LEU A 1 155 ? 9.985   -9.914  9.054   1.00 20.67  ? 169 LEU A CD2 1 
ATOM   1137 N N   . SER A 1 156 ? 9.551   -5.681  10.967  1.00 50.95  ? 170 SER A N   1 
ATOM   1138 C CA  . SER A 1 156 ? 9.717   -4.528  10.068  1.00 46.79  ? 170 SER A CA  1 
ATOM   1139 C C   . SER A 1 156 ? 10.827  -4.780  9.034   1.00 46.68  ? 170 SER A C   1 
ATOM   1140 O O   . SER A 1 156 ? 11.765  -5.510  9.314   1.00 60.46  ? 170 SER A O   1 
ATOM   1141 C CB  . SER A 1 156 ? 10.100  -3.346  10.937  1.00 48.33  ? 170 SER A CB  1 
ATOM   1142 O OG  . SER A 1 156 ? 9.964   -2.132  10.239  1.00 67.50  ? 170 SER A OG  1 
ATOM   1143 N N   . LEU A 1 157 ? 10.742  -4.192  7.843   1.00 49.80  ? 171 LEU A N   1 
ATOM   1144 C CA  . LEU A 1 157 ? 11.794  -4.376  6.814   1.00 42.49  ? 171 LEU A CA  1 
ATOM   1145 C C   . LEU A 1 157 ? 12.321  -3.082  6.173   1.00 48.59  ? 171 LEU A C   1 
ATOM   1146 O O   . LEU A 1 157 ? 11.547  -2.176  5.881   1.00 41.91  ? 171 LEU A O   1 
ATOM   1147 C CB  . LEU A 1 157 ? 11.350  -5.344  5.708   1.00 37.38  ? 171 LEU A CB  1 
ATOM   1148 C CG  . LEU A 1 157 ? 11.102  -6.814  6.081   1.00 42.67  ? 171 LEU A CG  1 
ATOM   1149 C CD1 . LEU A 1 157 ? 10.595  -7.594  4.897   1.00 30.29  ? 171 LEU A CD1 1 
ATOM   1150 C CD2 . LEU A 1 157 ? 12.384  -7.452  6.619   1.00 43.17  ? 171 LEU A CD2 1 
ATOM   1151 N N   . THR A 1 158 ? 13.644  -3.018  5.963   1.00 45.37  ? 172 THR A N   1 
ATOM   1152 C CA  . THR A 1 158 ? 14.288  -1.936  5.202   1.00 44.33  ? 172 THR A CA  1 
ATOM   1153 C C   . THR A 1 158 ? 13.958  -2.310  3.784   1.00 29.94  ? 172 THR A C   1 
ATOM   1154 O O   . THR A 1 158 ? 13.608  -3.449  3.569   1.00 41.83  ? 172 THR A O   1 
ATOM   1155 C CB  . THR A 1 158 ? 15.859  -1.839  5.418   1.00 41.31  ? 172 THR A CB  1 
ATOM   1156 O OG1 . THR A 1 158 ? 16.523  -2.981  4.855   1.00 44.18  ? 172 THR A OG1 1 
ATOM   1157 C CG2 . THR A 1 158 ? 16.217  -1.715  6.882   1.00 40.27  ? 172 THR A CG2 1 
ATOM   1158 N N   . PRO A 1 159 ? 14.010  -1.353  2.818   1.00 33.28  ? 173 PRO A N   1 
ATOM   1159 C CA  . PRO A 1 159 ? 13.629  -1.612  1.426   1.00 22.10  ? 173 PRO A CA  1 
ATOM   1160 C C   . PRO A 1 159 ? 14.426  -2.670  0.684   1.00 38.31  ? 173 PRO A C   1 
ATOM   1161 O O   . PRO A 1 159 ? 13.916  -3.258  -0.290  1.00 37.82  ? 173 PRO A O   1 
ATOM   1162 C CB  . PRO A 1 159 ? 13.919  -0.258  0.735   1.00 22.05  ? 173 PRO A CB  1 
ATOM   1163 C CG  . PRO A 1 159 ? 13.797  0.690   1.727   1.00 25.47  ? 173 PRO A CG  1 
ATOM   1164 C CD  . PRO A 1 159 ? 14.330  0.073   2.990   1.00 24.14  ? 173 PRO A CD  1 
ATOM   1165 N N   . GLU A 1 160 ? 15.691  -2.834  1.084   1.00 41.46  ? 174 GLU A N   1 
ATOM   1166 C CA  . GLU A 1 160 ? 16.644  -3.710  0.393   1.00 41.10  ? 174 GLU A CA  1 
ATOM   1167 C C   . GLU A 1 160 ? 16.382  -5.156  0.799   1.00 37.13  ? 174 GLU A C   1 
ATOM   1168 O O   . GLU A 1 160 ? 16.394  -6.056  -0.052  1.00 41.19  ? 174 GLU A O   1 
ATOM   1169 C CB  . GLU A 1 160 ? 18.095  -3.306  0.714   1.00 53.34  ? 174 GLU A CB  1 
ATOM   1170 C CG  . GLU A 1 160 ? 18.597  -2.026  0.003   1.00 60.95  ? 174 GLU A CG  1 
ATOM   1171 C CD  . GLU A 1 160 ? 17.995  -0.718  0.537   1.00 59.26  ? 174 GLU A CD  1 
ATOM   1172 O OE1 . GLU A 1 160 ? 17.846  0.213   -0.288  1.00 69.80  ? 174 GLU A OE1 1 
ATOM   1173 O OE2 . GLU A 1 160 ? 17.682  -0.597  1.755   1.00 51.95  ? 174 GLU A OE2 1 
ATOM   1174 N N   . GLU A 1 161 ? 16.156  -5.357  2.096   1.00 22.58  ? 175 GLU A N   1 
ATOM   1175 C CA  . GLU A 1 161 ? 15.563  -6.594  2.628   1.00 41.42  ? 175 GLU A CA  1 
ATOM   1176 C C   . GLU A 1 161 ? 14.257  -6.903  1.885   1.00 46.63  ? 175 GLU A C   1 
ATOM   1177 O O   . GLU A 1 161 ? 14.196  -7.859  1.109   1.00 41.96  ? 175 GLU A O   1 
ATOM   1178 C CB  . GLU A 1 161 ? 15.294  -6.452  4.122   1.00 40.29  ? 175 GLU A CB  1 
ATOM   1179 C CG  . GLU A 1 161 ? 16.535  -6.590  4.988   1.00 43.74  ? 175 GLU A CG  1 
ATOM   1180 C CD  . GLU A 1 161 ? 16.317  -6.136  6.429   1.00 47.46  ? 175 GLU A CD  1 
ATOM   1181 O OE1 . GLU A 1 161 ? 17.204  -6.368  7.275   1.00 61.45  ? 175 GLU A OE1 1 
ATOM   1182 O OE2 . GLU A 1 161 ? 15.275  -5.540  6.727   1.00 43.88  ? 175 GLU A OE2 1 
ATOM   1183 N N   . ALA A 1 162 ? 13.239  -6.054  2.069   1.00 40.69  ? 176 ALA A N   1 
ATOM   1184 C CA  . ALA A 1 162 ? 11.947  -6.239  1.401   1.00 27.40  ? 176 ALA A CA  1 
ATOM   1185 C C   . ALA A 1 162 ? 12.041  -6.772  -0.014  1.00 30.27  ? 176 ALA A C   1 
ATOM   1186 O O   . ALA A 1 162 ? 11.389  -7.750  -0.339  1.00 44.12  ? 176 ALA A O   1 
ATOM   1187 C CB  . ALA A 1 162 ? 11.073  -4.941  1.460   1.00 21.34  ? 176 ALA A CB  1 
ATOM   1188 N N   . LEU A 1 163 ? 12.832  -6.134  -0.864  1.00 26.53  ? 177 LEU A N   1 
ATOM   1189 C CA  . LEU A 1 163 ? 12.978  -6.570  -2.235  1.00 27.14  ? 177 LEU A CA  1 
ATOM   1190 C C   . LEU A 1 163 ? 13.733  -7.910  -2.404  1.00 44.53  ? 177 LEU A C   1 
ATOM   1191 O O   . LEU A 1 163 ? 13.451  -8.679  -3.340  1.00 45.62  ? 177 LEU A O   1 
ATOM   1192 C CB  . LEU A 1 163 ? 13.657  -5.472  -3.045  1.00 27.01  ? 177 LEU A CB  1 
ATOM   1193 C CG  . LEU A 1 163 ? 14.140  -5.756  -4.462  1.00 25.20  ? 177 LEU A CG  1 
ATOM   1194 C CD1 . LEU A 1 163 ? 13.097  -5.467  -5.517  1.00 30.83  ? 177 LEU A CD1 1 
ATOM   1195 C CD2 . LEU A 1 163 ? 15.392  -4.905  -4.731  1.00 36.80  ? 177 LEU A CD2 1 
ATOM   1196 N N   . LYS A 1 164 ? 14.680  -8.189  -1.513  1.00 42.26  ? 178 LYS A N   1 
ATOM   1197 C CA  . LYS A 1 164 ? 15.428  -9.449  -1.589  1.00 56.77  ? 178 LYS A CA  1 
ATOM   1198 C C   . LYS A 1 164 ? 14.553  -10.633 -1.154  1.00 54.53  ? 178 LYS A C   1 
ATOM   1199 O O   . LYS A 1 164 ? 14.517  -11.645 -1.858  1.00 55.05  ? 178 LYS A O   1 
ATOM   1200 C CB  . LYS A 1 164 ? 16.798  -9.379  -0.864  1.00 53.14  ? 178 LYS A CB  1 
ATOM   1201 C CG  . LYS A 1 164 ? 16.850  -9.790  0.613   1.00 53.25  ? 178 LYS A CG  1 
ATOM   1202 C CD  . LYS A 1 164 ? 18.300  -9.872  1.122   1.00 56.64  ? 178 LYS A CD  1 
ATOM   1203 C CE  . LYS A 1 164 ? 19.104  -11.013 0.474   1.00 67.02  ? 178 LYS A CE  1 
ATOM   1204 N NZ  . LYS A 1 164 ? 20.540  -11.038 0.911   1.00 56.62  ? 178 LYS A NZ  1 
ATOM   1205 N N   . TYR A 1 165 ? 13.819  -10.475 -0.041  1.00 47.30  ? 179 TYR A N   1 
ATOM   1206 C CA  . TYR A 1 165 ? 12.798  -11.443 0.383   1.00 47.15  ? 179 TYR A CA  1 
ATOM   1207 C C   . TYR A 1 165 ? 11.624  -11.580 -0.596  1.00 36.66  ? 179 TYR A C   1 
ATOM   1208 O O   . TYR A 1 165 ? 10.732  -12.380 -0.359  1.00 51.88  ? 179 TYR A O   1 
ATOM   1209 C CB  . TYR A 1 165 ? 12.240  -11.125 1.768   1.00 53.15  ? 179 TYR A CB  1 
ATOM   1210 C CG  . TYR A 1 165 ? 13.217  -11.199 2.920   1.00 56.49  ? 179 TYR A CG  1 
ATOM   1211 C CD1 . TYR A 1 165 ? 13.362  -10.123 3.786   1.00 63.31  ? 179 TYR A CD1 1 
ATOM   1212 C CD2 . TYR A 1 165 ? 13.967  -12.341 3.164   1.00 60.57  ? 179 TYR A CD2 1 
ATOM   1213 C CE1 . TYR A 1 165 ? 14.244  -10.161 4.856   1.00 64.08  ? 179 TYR A CE1 1 
ATOM   1214 C CE2 . TYR A 1 165 ? 14.860  -12.393 4.229   1.00 65.88  ? 179 TYR A CE2 1 
ATOM   1215 C CZ  . TYR A 1 165 ? 14.996  -11.292 5.069   1.00 66.61  ? 179 TYR A CZ  1 
ATOM   1216 O OH  . TYR A 1 165 ? 15.868  -11.317 6.136   1.00 67.64  ? 179 TYR A OH  1 
ATOM   1217 N N   . GLY A 1 166 ? 11.643  -10.827 -1.693  1.00 42.17  ? 180 GLY A N   1 
ATOM   1218 C CA  . GLY A 1 166 ? 10.532  -10.781 -2.662  1.00 38.76  ? 180 GLY A CA  1 
ATOM   1219 C C   . GLY A 1 166 ? 9.225   -10.162 -2.153  1.00 51.69  ? 180 GLY A C   1 
ATOM   1220 O O   . GLY A 1 166 ? 8.189   -10.275 -2.821  1.00 46.63  ? 180 GLY A O   1 
ATOM   1221 N N   . VAL A 1 167 ? 9.273   -9.522  -0.973  1.00 42.07  ? 181 VAL A N   1 
ATOM   1222 C CA  . VAL A 1 167 ? 8.143   -8.775  -0.395  1.00 36.12  ? 181 VAL A CA  1 
ATOM   1223 C C   . VAL A 1 167 ? 7.668   -7.578  -1.256  1.00 44.17  ? 181 VAL A C   1 
ATOM   1224 O O   . VAL A 1 167 ? 6.466   -7.357  -1.363  1.00 47.80  ? 181 VAL A O   1 
ATOM   1225 C CB  . VAL A 1 167 ? 8.458   -8.325  1.057   1.00 41.05  ? 181 VAL A CB  1 
ATOM   1226 C CG1 . VAL A 1 167 ? 7.373   -7.395  1.610   1.00 36.21  ? 181 VAL A CG1 1 
ATOM   1227 C CG2 . VAL A 1 167 ? 8.645   -9.540  1.966   1.00 41.35  ? 181 VAL A CG2 1 
ATOM   1228 N N   . ILE A 1 168 ? 8.605   -6.806  -1.836  1.00 42.23  ? 182 ILE A N   1 
ATOM   1229 C CA  . ILE A 1 168 ? 8.299   -5.706  -2.788  1.00 30.42  ? 182 ILE A CA  1 
ATOM   1230 C C   . ILE A 1 168 ? 9.032   -5.949  -4.098  1.00 32.37  ? 182 ILE A C   1 
ATOM   1231 O O   . ILE A 1 168 ? 9.858   -6.842  -4.167  1.00 36.31  ? 182 ILE A O   1 
ATOM   1232 C CB  . ILE A 1 168 ? 8.687   -4.296  -2.269  1.00 25.05  ? 182 ILE A CB  1 
ATOM   1233 C CG1 . ILE A 1 168 ? 10.211  -4.157  -2.221  1.00 24.18  ? 182 ILE A CG1 1 
ATOM   1234 C CG2 . ILE A 1 168 ? 8.058   -4.011  -0.902  1.00 19.53  ? 182 ILE A CG2 1 
ATOM   1235 C CD1 . ILE A 1 168 ? 10.712  -2.734  -2.151  1.00 30.76  ? 182 ILE A CD1 1 
ATOM   1236 N N   . GLU A 1 169 ? 8.728   -5.151  -5.121  1.00 31.76  ? 183 GLU A N   1 
ATOM   1237 C CA  . GLU A 1 169 ? 9.253   -5.325  -6.491  1.00 34.31  ? 183 GLU A CA  1 
ATOM   1238 C C   . GLU A 1 169 ? 10.243  -4.241  -7.015  1.00 44.95  ? 183 GLU A C   1 
ATOM   1239 O O   . GLU A 1 169 ? 11.203  -4.586  -7.685  1.00 55.85  ? 183 GLU A O   1 
ATOM   1240 C CB  . GLU A 1 169 ? 8.093   -5.441  -7.485  1.00 28.57  ? 183 GLU A CB  1 
ATOM   1241 C CG  . GLU A 1 169 ? 7.232   -6.715  -7.335  1.00 42.17  ? 183 GLU A CG  1 
ATOM   1242 C CD  . GLU A 1 169 ? 6.257   -6.638  -6.156  1.00 43.66  ? 183 GLU A CD  1 
ATOM   1243 O OE1 . GLU A 1 169 ? 6.422   -7.396  -5.162  1.00 41.73  ? 183 GLU A OE1 1 
ATOM   1244 O OE2 . GLU A 1 169 ? 5.338   -5.797  -6.212  1.00 42.30  ? 183 GLU A OE2 1 
ATOM   1245 N N   . VAL A 1 170 ? 9.994   -2.950  -6.745  1.00 51.48  ? 184 VAL A N   1 
ATOM   1246 C CA  . VAL A 1 170 ? 10.873  -1.829  -7.185  1.00 40.22  ? 184 VAL A CA  1 
ATOM   1247 C C   . VAL A 1 170 ? 11.390  -1.059  -5.971  1.00 39.81  ? 184 VAL A C   1 
ATOM   1248 O O   . VAL A 1 170 ? 10.606  -0.728  -5.088  1.00 45.73  ? 184 VAL A O   1 
ATOM   1249 C CB  . VAL A 1 170 ? 10.127  -0.798  -8.119  1.00 39.75  ? 184 VAL A CB  1 
ATOM   1250 C CG1 . VAL A 1 170 ? 11.077  0.300   -8.673  1.00 29.81  ? 184 VAL A CG1 1 
ATOM   1251 C CG2 . VAL A 1 170 ? 9.392   -1.481  -9.272  1.00 43.98  ? 184 VAL A CG2 1 
ATOM   1252 N N   . VAL A 1 171 ? 12.701  -0.791  -5.903  1.00 53.29  ? 185 VAL A N   1 
ATOM   1253 C CA  . VAL A 1 171 ? 13.253  0.251   -4.981  1.00 48.85  ? 185 VAL A CA  1 
ATOM   1254 C C   . VAL A 1 171 ? 13.614  1.490   -5.813  1.00 48.55  ? 185 VAL A C   1 
ATOM   1255 O O   . VAL A 1 171 ? 14.342  1.380   -6.800  1.00 52.10  ? 185 VAL A O   1 
ATOM   1256 C CB  . VAL A 1 171 ? 14.504  -0.195  -4.213  1.00 40.53  ? 185 VAL A CB  1 
ATOM   1257 C CG1 . VAL A 1 171 ? 15.075  0.976   -3.382  1.00 30.91  ? 185 VAL A CG1 1 
ATOM   1258 C CG2 . VAL A 1 171 ? 14.193  -1.362  -3.316  1.00 40.03  ? 185 VAL A CG2 1 
ATOM   1259 N N   . ALA A 1 172 ? 13.101  2.659   -5.427  1.00 41.75  ? 186 ALA A N   1 
ATOM   1260 C CA  . ALA A 1 172 ? 13.194  3.842   -6.291  1.00 27.41  ? 186 ALA A CA  1 
ATOM   1261 C C   . ALA A 1 172 ? 13.239  5.137   -5.500  1.00 36.77  ? 186 ALA A C   1 
ATOM   1262 O O   . ALA A 1 172 ? 12.448  5.338   -4.552  1.00 32.53  ? 186 ALA A O   1 
ATOM   1263 C CB  . ALA A 1 172 ? 12.060  3.862   -7.241  1.00 31.95  ? 186 ALA A CB  1 
ATOM   1264 N N   . ARG A 1 173 ? 14.160  6.017   -5.910  1.00 28.68  ? 187 ARG A N   1 
ATOM   1265 C CA  . ARG A 1 173 ? 14.445  7.281   -5.212  1.00 34.67  ? 187 ARG A CA  1 
ATOM   1266 C C   . ARG A 1 173 ? 13.315  8.275   -5.401  1.00 24.12  ? 187 ARG A C   1 
ATOM   1267 O O   . ARG A 1 173 ? 13.019  9.080   -4.511  1.00 28.37  ? 187 ARG A O   1 
ATOM   1268 C CB  . ARG A 1 173 ? 15.750  7.909   -5.756  1.00 36.08  ? 187 ARG A CB  1 
ATOM   1269 C CG  . ARG A 1 173 ? 17.033  7.152   -5.384  1.00 49.89  ? 187 ARG A CG  1 
ATOM   1270 C CD  . ARG A 1 173 ? 18.232  7.725   -6.119  1.00 57.88  ? 187 ARG A CD  1 
ATOM   1271 N NE  . ARG A 1 173 ? 19.286  6.742   -6.415  1.00 69.54  ? 187 ARG A NE  1 
ATOM   1272 C CZ  . ARG A 1 173 ? 19.604  6.318   -7.642  1.00 70.72  ? 187 ARG A CZ  1 
ATOM   1273 N NH1 . ARG A 1 173 ? 20.580  5.439   -7.810  1.00 70.61  ? 187 ARG A NH1 1 
ATOM   1274 N NH2 . ARG A 1 173 ? 18.952  6.773   -8.707  1.00 74.17  ? 187 ARG A NH2 1 
ATOM   1275 N N   . ASP A 1 174 ? 12.728  8.247   -6.602  1.00 29.34  ? 188 ASP A N   1 
ATOM   1276 C CA  . ASP A 1 174 ? 11.661  9.152   -6.957  1.00 30.06  ? 188 ASP A CA  1 
ATOM   1277 C C   . ASP A 1 174 ? 10.750  8.566   -8.026  1.00 27.85  ? 188 ASP A C   1 
ATOM   1278 O O   . ASP A 1 174 ? 10.998  7.493   -8.540  1.00 34.31  ? 188 ASP A O   1 
ATOM   1279 C CB  . ASP A 1 174 ? 12.235  10.520  -7.367  1.00 31.87  ? 188 ASP A CB  1 
ATOM   1280 C CG  . ASP A 1 174 ? 13.213  10.456  -8.553  1.00 26.13  ? 188 ASP A CG  1 
ATOM   1281 O OD1 . ASP A 1 174 ? 13.883  11.467  -8.818  1.00 30.05  ? 188 ASP A OD1 1 
ATOM   1282 O OD2 . ASP A 1 174 ? 13.334  9.430   -9.227  1.00 32.50  ? 188 ASP A OD2 1 
ATOM   1283 N N   . ILE A 1 175 ? 9.705   9.304   -8.366  1.00 33.84  ? 189 ILE A N   1 
ATOM   1284 C CA  . ILE A 1 175 ? 8.736   8.899   -9.370  1.00 24.48  ? 189 ILE A CA  1 
ATOM   1285 C C   . ILE A 1 175 ? 9.313   8.605   -10.772 1.00 35.82  ? 189 ILE A C   1 
ATOM   1286 O O   . ILE A 1 175 ? 8.844   7.714   -11.461 1.00 46.82  ? 189 ILE A O   1 
ATOM   1287 C CB  . ILE A 1 175 ? 7.614   9.940   -9.423  1.00 31.27  ? 189 ILE A CB  1 
ATOM   1288 C CG1 . ILE A 1 175 ? 6.794   9.849   -8.136  1.00 26.62  ? 189 ILE A CG1 1 
ATOM   1289 C CG2 . ILE A 1 175 ? 6.757   9.823   -10.729 1.00 31.78  ? 189 ILE A CG2 1 
ATOM   1290 C CD1 . ILE A 1 175 ? 5.928   8.647   -8.081  1.00 31.82  ? 189 ILE A CD1 1 
ATOM   1291 N N   . ASN A 1 176 ? 10.308  9.367   -11.197 1.00 33.68  ? 190 ASN A N   1 
ATOM   1292 C CA  . ASN A 1 176 ? 11.058  9.089   -12.429 1.00 28.48  ? 190 ASN A CA  1 
ATOM   1293 C C   . ASN A 1 176 ? 11.793  7.728   -12.366 1.00 35.73  ? 190 ASN A C   1 
ATOM   1294 O O   . ASN A 1 176 ? 11.832  6.999   -13.336 1.00 36.88  ? 190 ASN A O   1 
ATOM   1295 C CB  . ASN A 1 176 ? 12.057  10.246  -12.653 1.00 35.86  ? 190 ASN A CB  1 
ATOM   1296 C CG  . ASN A 1 176 ? 13.000  10.030  -13.839 1.00 37.90  ? 190 ASN A CG  1 
ATOM   1297 O OD1 . ASN A 1 176 ? 12.574  9.955   -14.985 1.00 40.19  ? 190 ASN A OD1 1 
ATOM   1298 N ND2 . ASN A 1 176 ? 14.296  9.982   -13.556 1.00 43.50  ? 190 ASN A ND2 1 
ATOM   1299 N N   . GLU A 1 177 ? 12.386  7.395   -11.225 1.00 28.44  ? 191 GLU A N   1 
ATOM   1300 C CA  . GLU A 1 177 ? 13.135  6.160   -11.131 1.00 35.98  ? 191 GLU A CA  1 
ATOM   1301 C C   . GLU A 1 177 ? 12.197  4.963   -10.967 1.00 43.15  ? 191 GLU A C   1 
ATOM   1302 O O   . GLU A 1 177 ? 12.463  3.901   -11.528 1.00 33.81  ? 191 GLU A O   1 
ATOM   1303 C CB  . GLU A 1 177 ? 14.154  6.182   -9.989  1.00 24.40  ? 191 GLU A CB  1 
ATOM   1304 C CG  . GLU A 1 177 ? 15.074  4.951   -10.057 1.00 38.40  ? 191 GLU A CG  1 
ATOM   1305 C CD  . GLU A 1 177 ? 16.161  4.910   -9.005  1.00 41.19  ? 191 GLU A CD  1 
ATOM   1306 O OE1 . GLU A 1 177 ? 15.872  5.101   -7.811  1.00 42.14  ? 191 GLU A OE1 1 
ATOM   1307 O OE2 . GLU A 1 177 ? 17.320  4.652   -9.381  1.00 57.76  ? 191 GLU A OE2 1 
ATOM   1308 N N   . LEU A 1 178 ? 11.125  5.142   -10.185 1.00 43.47  ? 192 LEU A N   1 
ATOM   1309 C CA  . LEU A 1 178 ? 10.004  4.198   -10.141 1.00 37.24  ? 192 LEU A CA  1 
ATOM   1310 C C   . LEU A 1 178 ? 9.502   3.883   -11.539 1.00 35.65  ? 192 LEU A C   1 
ATOM   1311 O O   . LEU A 1 178 ? 9.287   2.731   -11.864 1.00 39.82  ? 192 LEU A O   1 
ATOM   1312 C CB  . LEU A 1 178 ? 8.848   4.733   -9.276  1.00 34.12  ? 192 LEU A CB  1 
ATOM   1313 C CG  . LEU A 1 178 ? 7.631   3.803   -9.087  1.00 36.66  ? 192 LEU A CG  1 
ATOM   1314 C CD1 . LEU A 1 178 ? 8.082   2.432   -8.695  1.00 36.62  ? 192 LEU A CD1 1 
ATOM   1315 C CD2 . LEU A 1 178 ? 6.674   4.289   -8.018  1.00 26.64  ? 192 LEU A CD2 1 
ATOM   1316 N N   . LEU A 1 179 ? 9.309   4.909   -12.361 1.00 40.23  ? 193 LEU A N   1 
ATOM   1317 C CA  . LEU A 1 179 ? 8.742   4.726   -13.688 1.00 39.74  ? 193 LEU A CA  1 
ATOM   1318 C C   . LEU A 1 179 ? 9.720   4.016   -14.634 1.00 52.21  ? 193 LEU A C   1 
ATOM   1319 O O   . LEU A 1 179 ? 9.307   3.212   -15.464 1.00 47.00  ? 193 LEU A O   1 
ATOM   1320 C CB  . LEU A 1 179 ? 8.260   6.067   -14.263 1.00 40.41  ? 193 LEU A CB  1 
ATOM   1321 C CG  . LEU A 1 179 ? 6.904   6.612   -13.790 1.00 32.94  ? 193 LEU A CG  1 
ATOM   1322 C CD1 . LEU A 1 179 ? 6.655   8.010   -14.301 1.00 43.86  ? 193 LEU A CD1 1 
ATOM   1323 C CD2 . LEU A 1 179 ? 5.751   5.728   -14.198 1.00 32.98  ? 193 LEU A CD2 1 
ATOM   1324 N N   . LYS A 1 180 ? 11.012  4.325   -14.488 1.00 56.62  ? 194 LYS A N   1 
ATOM   1325 C CA  . LYS A 1 180 ? 12.107  3.655   -15.200 1.00 49.83  ? 194 LYS A CA  1 
ATOM   1326 C C   . LYS A 1 180 ? 12.178  2.158   -14.868 1.00 44.94  ? 194 LYS A C   1 
ATOM   1327 O O   . LYS A 1 180 ? 12.086  1.314   -15.756 1.00 45.81  ? 194 LYS A O   1 
ATOM   1328 C CB  . LYS A 1 180 ? 13.465  4.331   -14.881 1.00 45.27  ? 194 LYS A CB  1 
ATOM   1329 C CG  . LYS A 1 180 ? 13.898  5.459   -15.838 1.00 55.65  ? 194 LYS A CG  1 
ATOM   1330 C CD  . LYS A 1 180 ? 14.924  6.473   -15.230 1.00 57.85  ? 194 LYS A CD  1 
ATOM   1331 C CE  . LYS A 1 180 ? 16.129  5.813   -14.514 1.00 70.13  ? 194 LYS A CE  1 
ATOM   1332 N NZ  . LYS A 1 180 ? 16.823  6.721   -13.521 1.00 62.38  ? 194 LYS A NZ  1 
ATOM   1333 N N   . LYS A 1 181 ? 12.355  1.845   -13.586 1.00 40.29  ? 195 LYS A N   1 
ATOM   1334 C CA  . LYS A 1 181 ? 12.564  0.493   -13.119 1.00 28.59  ? 195 LYS A CA  1 
ATOM   1335 C C   . LYS A 1 181 ? 11.310  -0.441  -13.138 1.00 42.81  ? 195 LYS A C   1 
ATOM   1336 O O   . LYS A 1 181 ? 11.448  -1.665  -12.945 1.00 40.25  ? 195 LYS A O   1 
ATOM   1337 C CB  . LYS A 1 181 ? 13.103  0.510   -11.688 1.00 35.84  ? 195 LYS A CB  1 
ATOM   1338 C CG  . LYS A 1 181 ? 14.522  0.954   -11.464 1.00 33.07  ? 195 LYS A CG  1 
ATOM   1339 C CD  . LYS A 1 181 ? 14.851  0.645   -10.016 1.00 35.96  ? 195 LYS A CD  1 
ATOM   1340 C CE  . LYS A 1 181 ? 16.190  1.133   -9.596  1.00 39.27  ? 195 LYS A CE  1 
ATOM   1341 N NZ  . LYS A 1 181 ? 16.522  0.535   -8.269  1.00 42.09  ? 195 LYS A NZ  1 
ATOM   1342 N N   . SER A 1 182 ? 10.119  0.143   -13.318 1.00 44.91  ? 196 SER A N   1 
ATOM   1343 C CA  . SER A 1 182 ? 8.826   -0.561  -13.372 1.00 36.99  ? 196 SER A CA  1 
ATOM   1344 C C   . SER A 1 182 ? 8.375   -0.786  -14.799 1.00 45.88  ? 196 SER A C   1 
ATOM   1345 O O   . SER A 1 182 ? 7.339   -1.404  -15.029 1.00 43.38  ? 196 SER A O   1 
ATOM   1346 C CB  . SER A 1 182 ? 7.718   0.273   -12.728 1.00 44.41  ? 196 SER A CB  1 
ATOM   1347 O OG  . SER A 1 182 ? 7.943   0.512   -11.367 1.00 44.45  ? 196 SER A OG  1 
ATOM   1348 N N   . ASN A 1 183 ? 9.106   -0.244  -15.764 1.00 49.12  ? 197 ASN A N   1 
ATOM   1349 C CA  . ASN A 1 183 ? 8.739   -0.448  -17.152 1.00 55.70  ? 197 ASN A CA  1 
ATOM   1350 C C   . ASN A 1 183 ? 8.861   -1.933  -17.495 1.00 60.62  ? 197 ASN A C   1 
ATOM   1351 O O   . ASN A 1 183 ? 9.808   -2.622  -17.033 1.00 46.04  ? 197 ASN A O   1 
ATOM   1352 C CB  . ASN A 1 183 ? 9.582   0.408   -18.100 1.00 59.23  ? 197 ASN A CB  1 
ATOM   1353 C CG  . ASN A 1 183 ? 8.773   0.935   -19.282 1.00 60.31  ? 197 ASN A CG  1 
ATOM   1354 O OD1 . ASN A 1 183 ? 7.591   0.631   -19.426 1.00 54.34  ? 197 ASN A OD1 1 
ATOM   1355 N ND2 . ASN A 1 183 ? 9.403   1.744   -20.117 1.00 64.31  ? 197 ASN A ND2 1 
ATOM   1356 N N   . GLY A 1 184 ? 7.872   -2.421  -18.257 1.00 54.20  ? 198 GLY A N   1 
ATOM   1357 C CA  . GLY A 1 184 ? 7.770   -3.830  -18.623 1.00 60.76  ? 198 GLY A CA  1 
ATOM   1358 C C   . GLY A 1 184 ? 7.800   -4.771  -17.430 1.00 62.95  ? 198 GLY A C   1 
ATOM   1359 O O   . GLY A 1 184 ? 8.347   -5.882  -17.509 1.00 65.40  ? 198 GLY A O   1 
ATOM   1360 N N   . MET A 1 185 ? 7.255   -4.313  -16.304 1.00 56.10  ? 199 MET A N   1 
ATOM   1361 C CA  . MET A 1 185 ? 6.928   -5.217  -15.218 1.00 50.55  ? 199 MET A CA  1 
ATOM   1362 C C   . MET A 1 185 ? 5.474   -5.674  -15.343 1.00 52.65  ? 199 MET A C   1 
ATOM   1363 O O   . MET A 1 185 ? 4.627   -4.966  -15.908 1.00 44.78  ? 199 MET A O   1 
ATOM   1364 C CB  . MET A 1 185 ? 7.245   -4.633  -13.852 1.00 49.96  ? 199 MET A CB  1 
ATOM   1365 C CG  . MET A 1 185 ? 8.627   -5.016  -13.363 1.00 48.30  ? 199 MET A CG  1 
ATOM   1366 S SD  . MET A 1 185 ? 8.828   -4.457  -11.676 1.00 53.27  ? 199 MET A SD  1 
ATOM   1367 C CE  . MET A 1 185 ? 10.273  -5.368  -11.117 1.00 55.99  ? 199 MET A CE  1 
ATOM   1368 N N   . LYS A 1 186 ? 5.216   -6.884  -14.855 1.00 56.91  ? 200 LYS A N   1 
ATOM   1369 C CA  . LYS A 1 186 ? 3.884   -7.486  -14.880 1.00 58.71  ? 200 LYS A CA  1 
ATOM   1370 C C   . LYS A 1 186 ? 3.270   -7.258  -13.498 1.00 48.81  ? 200 LYS A C   1 
ATOM   1371 O O   . LYS A 1 186 ? 3.929   -7.495  -12.472 1.00 33.88  ? 200 LYS A O   1 
ATOM   1372 C CB  . LYS A 1 186 ? 4.008   -9.003  -15.173 1.00 65.81  ? 200 LYS A CB  1 
ATOM   1373 C CG  . LYS A 1 186 ? 2.755   -9.702  -15.744 1.00 67.71  ? 200 LYS A CG  1 
ATOM   1374 C CD  . LYS A 1 186 ? 2.573   -9.419  -17.249 1.00 70.25  ? 200 LYS A CD  1 
ATOM   1375 C CE  . LYS A 1 186 ? 1.529   -10.330 -17.928 1.00 69.45  ? 200 LYS A CE  1 
ATOM   1376 N NZ  . LYS A 1 186 ? 1.025   -9.739  -19.215 1.00 50.76  ? 200 LYS A NZ  1 
ATOM   1377 N N   . THR A 1 187 ? 2.019   -6.811  -13.456 1.00 46.82  ? 201 THR A N   1 
ATOM   1378 C CA  . THR A 1 187 ? 1.314   -6.694  -12.170 1.00 39.70  ? 201 THR A CA  1 
ATOM   1379 C C   . THR A 1 187 ? 1.348   -8.013  -11.397 1.00 47.02  ? 201 THR A C   1 
ATOM   1380 O O   . THR A 1 187 ? 1.299   -9.084  -12.006 1.00 52.13  ? 201 THR A O   1 
ATOM   1381 C CB  . THR A 1 187 ? -0.124  -6.173  -12.336 1.00 42.13  ? 201 THR A CB  1 
ATOM   1382 O OG1 . THR A 1 187 ? -0.882  -7.013  -13.211 1.00 42.74  ? 201 THR A OG1 1 
ATOM   1383 C CG2 . THR A 1 187 ? -0.106  -4.815  -12.900 1.00 28.60  ? 201 THR A CG2 1 
ATOM   1384 N N   . LYS A 1 188 ? 1.495   -7.935  -10.070 1.00 50.43  ? 202 LYS A N   1 
ATOM   1385 C CA  . LYS A 1 188 ? 1.555   -9.124  -9.185  1.00 39.08  ? 202 LYS A CA  1 
ATOM   1386 C C   . LYS A 1 188 ? 0.169   -9.781  -8.936  1.00 39.27  ? 202 LYS A C   1 
ATOM   1387 O O   . LYS A 1 188 ? 0.079   -10.886 -8.414  1.00 35.69  ? 202 LYS A O   1 
ATOM   1388 C CB  . LYS A 1 188 ? 2.205   -8.796  -7.831  1.00 38.20  ? 202 LYS A CB  1 
ATOM   1389 C CG  . LYS A 1 188 ? 3.712   -8.548  -7.811  1.00 44.85  ? 202 LYS A CG  1 
ATOM   1390 C CD  . LYS A 1 188 ? 4.546   -9.406  -8.776  1.00 48.56  ? 202 LYS A CD  1 
ATOM   1391 C CE  . LYS A 1 188 ? 4.969   -10.738 -8.191  1.00 38.19  ? 202 LYS A CE  1 
ATOM   1392 N NZ  . LYS A 1 188 ? 5.528   -10.597 -6.858  1.00 38.29  ? 202 LYS A NZ  1 
ATOM   1393 N N   . ILE A 1 189 ? -0.888  -9.073  -9.321  1.00 38.50  ? 203 ILE A N   1 
ATOM   1394 C CA  . ILE A 1 189 ? -2.263  -9.528  -9.267  1.00 41.52  ? 203 ILE A CA  1 
ATOM   1395 C C   . ILE A 1 189 ? -2.887  -9.008  -10.561 1.00 38.25  ? 203 ILE A C   1 
ATOM   1396 O O   . ILE A 1 189 ? -2.384  -8.044  -11.117 1.00 45.63  ? 203 ILE A O   1 
ATOM   1397 C CB  . ILE A 1 189 ? -3.053  -8.991  -7.967  1.00 33.36  ? 203 ILE A CB  1 
ATOM   1398 C CG1 . ILE A 1 189 ? -2.945  -7.473  -7.802  1.00 36.49  ? 203 ILE A CG1 1 
ATOM   1399 C CG2 . ILE A 1 189 ? -2.536  -9.656  -6.731  1.00 40.39  ? 203 ILE A CG2 1 
ATOM   1400 C CD1 . ILE A 1 189 ? -4.078  -6.809  -6.977  1.00 32.05  ? 203 ILE A CD1 1 
ATOM   1401 N N   . PRO A 1 190 ? -3.953  -9.660  -11.070 1.00 41.19  ? 204 PRO A N   1 
ATOM   1402 C CA  . PRO A 1 190 ? -4.730  -9.204  -12.253 1.00 40.28  ? 204 PRO A CA  1 
ATOM   1403 C C   . PRO A 1 190 ? -5.444  -7.834  -12.166 1.00 46.63  ? 204 PRO A C   1 
ATOM   1404 O O   . PRO A 1 190 ? -5.728  -7.341  -11.073 1.00 54.43  ? 204 PRO A O   1 
ATOM   1405 C CB  . PRO A 1 190 ? -5.823  -10.292 -12.411 1.00 31.18  ? 204 PRO A CB  1 
ATOM   1406 C CG  . PRO A 1 190 ? -5.312  -11.475 -11.698 1.00 39.64  ? 204 PRO A CG  1 
ATOM   1407 C CD  . PRO A 1 190 ? -4.425  -10.972 -10.574 1.00 40.73  ? 204 PRO A CD  1 
ATOM   1408 N N   . VAL A 1 191 ? -5.802  -7.276  -13.322 1.00 36.93  ? 205 VAL A N   1 
ATOM   1409 C CA  . VAL A 1 191 ? -6.532  -6.014  -13.374 1.00 50.04  ? 205 VAL A CA  1 
ATOM   1410 C C   . VAL A 1 191 ? -7.846  -6.219  -14.131 1.00 47.72  ? 205 VAL A C   1 
ATOM   1411 O O   . VAL A 1 191 ? -7.830  -6.521  -15.326 1.00 50.44  ? 205 VAL A O   1 
ATOM   1412 C CB  . VAL A 1 191 ? -5.701  -4.879  -14.070 1.00 44.92  ? 205 VAL A CB  1 
ATOM   1413 C CG1 . VAL A 1 191 ? -6.404  -3.573  -13.939 1.00 43.61  ? 205 VAL A CG1 1 
ATOM   1414 C CG2 . VAL A 1 191 ? -4.295  -4.777  -13.509 1.00 33.44  ? 205 VAL A CG2 1 
ATOM   1415 N N   . ASN A 1 192 ? -8.973  -6.042  -13.441 1.00 45.82  ? 206 ASN A N   1 
ATOM   1416 C CA  . ASN A 1 192 ? -10.286 -6.421  -13.973 1.00 48.97  ? 206 ASN A CA  1 
ATOM   1417 C C   . ASN A 1 192 ? -10.321 -7.761  -14.731 1.00 52.76  ? 206 ASN A C   1 
ATOM   1418 O O   . ASN A 1 192 ? -11.074 -7.895  -15.694 1.00 63.37  ? 206 ASN A O   1 
ATOM   1419 C CB  . ASN A 1 192 ? -10.822 -5.314  -14.877 1.00 57.34  ? 206 ASN A CB  1 
ATOM   1420 C CG  . ASN A 1 192 ? -12.331 -5.196  -14.819 1.00 67.58  ? 206 ASN A CG  1 
ATOM   1421 O OD1 . ASN A 1 192 ? -12.978 -4.892  -15.825 1.00 75.26  ? 206 ASN A OD1 1 
ATOM   1422 N ND2 . ASN A 1 192 ? -12.907 -5.430  -13.632 1.00 63.41  ? 206 ASN A ND2 1 
ATOM   1423 N N   . GLY A 1 193 ? -9.497  -8.731  -14.320 1.00 44.61  ? 207 GLY A N   1 
ATOM   1424 C CA  . GLY A 1 193 ? -9.496  -10.073 -14.911 1.00 46.12  ? 207 GLY A CA  1 
ATOM   1425 C C   . GLY A 1 193 ? -8.275  -10.390 -15.743 1.00 49.36  ? 207 GLY A C   1 
ATOM   1426 O O   . GLY A 1 193 ? -8.003  -11.534 -16.065 1.00 55.90  ? 207 GLY A O   1 
ATOM   1427 N N   . ARG A 1 194 ? -7.522  -9.361  -16.074 1.00 62.78  ? 208 ARG A N   1 
ATOM   1428 C CA  . ARG A 1 194 ? -6.387  -9.480  -16.969 1.00 63.98  ? 208 ARG A CA  1 
ATOM   1429 C C   . ARG A 1 194 ? -5.109  -9.069  -16.250 1.00 69.10  ? 208 ARG A C   1 
ATOM   1430 O O   . ARG A 1 194 ? -5.046  -7.990  -15.639 1.00 68.88  ? 208 ARG A O   1 
ATOM   1431 C CB  . ARG A 1 194 ? -6.623  -8.572  -18.186 1.00 71.45  ? 208 ARG A CB  1 
ATOM   1432 C CG  . ARG A 1 194 ? -7.643  -9.110  -19.192 1.00 74.69  ? 208 ARG A CG  1 
ATOM   1433 C CD  . ARG A 1 194 ? -6.913  -9.919  -20.227 1.00 78.80  ? 208 ARG A CD  1 
ATOM   1434 N NE  . ARG A 1 194 ? -7.715  -10.953 -20.867 1.00 83.48  ? 208 ARG A NE  1 
ATOM   1435 C CZ  . ARG A 1 194 ? -7.180  -12.018 -21.471 1.00 87.86  ? 208 ARG A CZ  1 
ATOM   1436 N NH1 . ARG A 1 194 ? -5.858  -12.169 -21.481 1.00 83.68  ? 208 ARG A NH1 1 
ATOM   1437 N NH2 . ARG A 1 194 ? -7.953  -12.934 -22.055 1.00 80.45  ? 208 ARG A NH2 1 
ATOM   1438 N N   . TYR A 1 195 ? -4.092  -9.924  -16.297 1.00 65.44  ? 209 TYR A N   1 
ATOM   1439 C CA  . TYR A 1 195 ? -2.768  -9.465  -15.906 1.00 61.79  ? 209 TYR A CA  1 
ATOM   1440 C C   . TYR A 1 195 ? -2.412  -8.313  -16.851 1.00 69.44  ? 209 TYR A C   1 
ATOM   1441 O O   . TYR A 1 195 ? -2.810  -8.315  -18.022 1.00 74.84  ? 209 TYR A O   1 
ATOM   1442 C CB  . TYR A 1 195 ? -1.721  -10.580 -15.973 1.00 50.33  ? 209 TYR A CB  1 
ATOM   1443 C CG  . TYR A 1 195 ? -1.583  -11.380 -14.700 1.00 52.71  ? 209 TYR A CG  1 
ATOM   1444 C CD1 . TYR A 1 195 ? -0.923  -10.853 -13.593 1.00 52.68  ? 209 TYR A CD1 1 
ATOM   1445 C CD2 . TYR A 1 195 ? -2.115  -12.672 -14.590 1.00 55.85  ? 209 TYR A CD2 1 
ATOM   1446 C CE1 . TYR A 1 195 ? -0.783  -11.588 -12.413 1.00 53.68  ? 209 TYR A CE1 1 
ATOM   1447 C CE2 . TYR A 1 195 ? -1.984  -13.421 -13.398 1.00 42.87  ? 209 TYR A CE2 1 
ATOM   1448 C CZ  . TYR A 1 195 ? -1.322  -12.868 -12.324 1.00 53.42  ? 209 TYR A CZ  1 
ATOM   1449 O OH  . TYR A 1 195 ? -1.183  -13.575 -11.153 1.00 55.89  ? 209 TYR A OH  1 
ATOM   1450 N N   . VAL A 1 196 ? -1.724  -7.305  -16.324 1.00 71.13  ? 210 VAL A N   1 
ATOM   1451 C CA  . VAL A 1 196 ? -1.264  -6.183  -17.134 1.00 66.59  ? 210 VAL A CA  1 
ATOM   1452 C C   . VAL A 1 196 ? 0.259   -6.111  -17.084 1.00 66.23  ? 210 VAL A C   1 
ATOM   1453 O O   . VAL A 1 196 ? 0.880   -6.378  -16.049 1.00 59.65  ? 210 VAL A O   1 
ATOM   1454 C CB  . VAL A 1 196 ? -1.921  -4.847  -16.718 1.00 63.18  ? 210 VAL A CB  1 
ATOM   1455 C CG1 . VAL A 1 196 ? -1.139  -3.641  -17.258 1.00 66.98  ? 210 VAL A CG1 1 
ATOM   1456 C CG2 . VAL A 1 196 ? -3.349  -4.792  -17.210 1.00 56.81  ? 210 VAL A CG2 1 
ATOM   1457 N N   . THR A 1 197 ? 0.849   -5.800  -18.231 1.00 66.55  ? 211 THR A N   1 
ATOM   1458 C CA  . THR A 1 197 ? 2.290   -5.616  -18.316 1.00 65.20  ? 211 THR A CA  1 
ATOM   1459 C C   . THR A 1 197 ? 2.575   -4.114  -18.489 1.00 57.56  ? 211 THR A C   1 
ATOM   1460 O O   . THR A 1 197 ? 2.021   -3.438  -19.384 1.00 53.72  ? 211 THR A O   1 
ATOM   1461 C CB  . THR A 1 197 ? 2.941   -6.598  -19.352 1.00 69.25  ? 211 THR A CB  1 
ATOM   1462 O OG1 . THR A 1 197 ? 4.370   -6.614  -19.203 1.00 71.53  ? 211 THR A OG1 1 
ATOM   1463 C CG2 . THR A 1 197 ? 2.508   -6.303  -20.802 1.00 73.33  ? 211 THR A CG2 1 
ATOM   1464 N N   . LEU A 1 198 ? 3.369   -3.583  -17.561 1.00 52.89  ? 212 LEU A N   1 
ATOM   1465 C CA  . LEU A 1 198 ? 3.478   -2.122  -17.373 1.00 59.28  ? 212 LEU A CA  1 
ATOM   1466 C C   . LEU A 1 198 ? 4.275   -1.461  -18.492 1.00 52.41  ? 212 LEU A C   1 
ATOM   1467 O O   . LEU A 1 198 ? 5.362   -1.910  -18.847 1.00 43.23  ? 212 LEU A O   1 
ATOM   1468 C CB  . LEU A 1 198 ? 4.044   -1.760  -15.973 1.00 49.81  ? 212 LEU A CB  1 
ATOM   1469 C CG  . LEU A 1 198 ? 3.189   -2.097  -14.731 1.00 42.38  ? 212 LEU A CG  1 
ATOM   1470 C CD1 . LEU A 1 198 ? 3.906   -1.738  -13.418 1.00 32.97  ? 212 LEU A CD1 1 
ATOM   1471 C CD2 . LEU A 1 198 ? 1.789   -1.443  -14.794 1.00 23.60  ? 212 LEU A CD2 1 
ATOM   1472 N N   . ASN A 1 199 ? 3.706   -0.410  -19.066 1.00 59.90  ? 213 ASN A N   1 
ATOM   1473 C CA  . ASN A 1 199 ? 4.373   0.290   -20.148 1.00 67.41  ? 213 ASN A CA  1 
ATOM   1474 C C   . ASN A 1 199 ? 4.502   1.792   -19.903 1.00 65.86  ? 213 ASN A C   1 
ATOM   1475 O O   . ASN A 1 199 ? 3.641   2.576   -20.310 1.00 63.65  ? 213 ASN A O   1 
ATOM   1476 C CB  . ASN A 1 199 ? 3.688   -0.002  -21.493 1.00 72.25  ? 213 ASN A CB  1 
ATOM   1477 C CG  . ASN A 1 199 ? 4.584   0.313   -22.693 1.00 77.35  ? 213 ASN A CG  1 
ATOM   1478 O OD1 . ASN A 1 199 ? 4.094   0.738   -23.745 1.00 76.57  ? 213 ASN A OD1 1 
ATOM   1479 N ND2 . ASN A 1 199 ? 5.900   0.107   -22.537 1.00 70.07  ? 213 ASN A ND2 1 
ATOM   1480 N N   . PHE A 1 200 ? 5.588   2.185   -19.240 1.00 64.17  ? 214 PHE A N   1 
ATOM   1481 C CA  . PHE A 1 200 ? 5.875   3.601   -18.999 1.00 62.05  ? 214 PHE A CA  1 
ATOM   1482 C C   . PHE A 1 200 ? 6.985   4.146   -19.907 1.00 72.63  ? 214 PHE A C   1 
ATOM   1483 O O   . PHE A 1 200 ? 7.919   4.798   -19.414 1.00 69.72  ? 214 PHE A O   1 
ATOM   1484 C CB  . PHE A 1 200 ? 6.296   3.842   -17.551 1.00 49.46  ? 214 PHE A CB  1 
ATOM   1485 C CG  . PHE A 1 200 ? 5.430   3.173   -16.523 1.00 45.75  ? 214 PHE A CG  1 
ATOM   1486 C CD1 . PHE A 1 200 ? 4.052   3.374   -16.505 1.00 47.61  ? 214 PHE A CD1 1 
ATOM   1487 C CD2 . PHE A 1 200 ? 6.011   2.378   -15.535 1.00 37.97  ? 214 PHE A CD2 1 
ATOM   1488 C CE1 . PHE A 1 200 ? 3.263   2.778   -15.539 1.00 47.02  ? 214 PHE A CE1 1 
ATOM   1489 C CE2 . PHE A 1 200 ? 5.229   1.782   -14.562 1.00 45.83  ? 214 PHE A CE2 1 
ATOM   1490 C CZ  . PHE A 1 200 ? 3.846   1.985   -14.565 1.00 44.34  ? 214 PHE A CZ  1 
ATOM   1491 N N   . THR A 1 201 ? 6.900   3.886   -21.215 1.00 75.42  ? 215 THR A N   1 
ATOM   1492 C CA  . THR A 1 201 ? 7.896   4.426   -22.148 1.00 71.61  ? 215 THR A CA  1 
ATOM   1493 C C   . THR A 1 201 ? 7.652   5.912   -22.417 1.00 73.84  ? 215 THR A C   1 
ATOM   1494 O O   . THR A 1 201 ? 8.423   6.758   -21.951 1.00 73.19  ? 215 THR A O   1 
ATOM   1495 C CB  . THR A 1 201 ? 8.024   3.591   -23.442 1.00 68.18  ? 215 THR A CB  1 
ATOM   1496 O OG1 . THR A 1 201 ? 8.846   2.452   -23.180 1.00 64.60  ? 215 THR A OG1 1 
ATOM   1497 C CG2 . THR A 1 201 ? 8.683   4.390   -24.548 1.00 73.62  ? 215 THR A CG2 1 
ATOM   1498 N N   . ASN A 1 202 ? 6.576   6.238   -23.127 1.00 74.06  ? 216 ASN A N   1 
ATOM   1499 C CA  . ASN A 1 202 ? 6.306   7.635   -23.466 1.00 76.11  ? 216 ASN A CA  1 
ATOM   1500 C C   . ASN A 1 202 ? 5.412   8.340   -22.457 1.00 74.60  ? 216 ASN A C   1 
ATOM   1501 O O   . ASN A 1 202 ? 4.741   9.334   -22.790 1.00 71.42  ? 216 ASN A O   1 
ATOM   1502 C CB  . ASN A 1 202 ? 5.712   7.749   -24.871 1.00 77.82  ? 216 ASN A CB  1 
ATOM   1503 C CG  . ASN A 1 202 ? 6.623   8.480   -25.826 1.00 79.12  ? 216 ASN A CG  1 
ATOM   1504 O OD1 . ASN A 1 202 ? 7.769   8.079   -26.048 1.00 78.47  ? 216 ASN A OD1 1 
ATOM   1505 N ND2 . ASN A 1 202 ? 6.123   9.568   -26.396 1.00 82.78  ? 216 ASN A ND2 1 
ATOM   1506 N N   . VAL A 1 203 ? 5.431   7.849   -21.216 1.00 65.56  ? 217 VAL A N   1 
ATOM   1507 C CA  . VAL A 1 203 ? 4.343   8.154   -20.292 1.00 50.93  ? 217 VAL A CA  1 
ATOM   1508 C C   . VAL A 1 203 ? 4.351   9.573   -19.770 1.00 47.21  ? 217 VAL A C   1 
ATOM   1509 O O   . VAL A 1 203 ? 5.404   10.092  -19.421 1.00 56.13  ? 217 VAL A O   1 
ATOM   1510 C CB  . VAL A 1 203 ? 4.218   7.102   -19.175 1.00 47.81  ? 217 VAL A CB  1 
ATOM   1511 C CG1 . VAL A 1 203 ? 5.105   7.439   -17.963 1.00 49.62  ? 217 VAL A CG1 1 
ATOM   1512 C CG2 . VAL A 1 203 ? 2.766   6.956   -18.786 1.00 38.97  ? 217 VAL A CG2 1 
ATOM   1513 N N   . GLU A 1 204 ? 3.168   10.192  -19.775 1.00 50.31  ? 218 GLU A N   1 
ATOM   1514 C CA  . GLU A 1 204 ? 2.922   11.492  -19.162 1.00 54.29  ? 218 GLU A CA  1 
ATOM   1515 C C   . GLU A 1 204 ? 2.361   11.282  -17.767 1.00 49.43  ? 218 GLU A C   1 
ATOM   1516 O O   . GLU A 1 204 ? 1.504   10.430  -17.559 1.00 45.93  ? 218 GLU A O   1 
ATOM   1517 C CB  . GLU A 1 204 ? 1.941   12.316  -19.994 1.00 58.62  ? 218 GLU A CB  1 
ATOM   1518 C CG  . GLU A 1 204 ? 2.401   12.519  -21.444 1.00 76.96  ? 218 GLU A CG  1 
ATOM   1519 C CD  . GLU A 1 204 ? 1.405   13.295  -22.288 1.00 80.28  ? 218 GLU A CD  1 
ATOM   1520 O OE1 . GLU A 1 204 ? 1.327   14.542  -22.136 1.00 86.39  ? 218 GLU A OE1 1 
ATOM   1521 O OE2 . GLU A 1 204 ? 0.712   12.653  -23.114 1.00 86.10  ? 218 GLU A OE2 1 
ATOM   1522 N N   . VAL A 1 205 ? 2.861   12.064  -16.815 1.00 43.27  ? 219 VAL A N   1 
ATOM   1523 C CA  . VAL A 1 205 ? 2.503   11.943  -15.416 1.00 25.96  ? 219 VAL A CA  1 
ATOM   1524 C C   . VAL A 1 205 ? 1.582   13.077  -15.034 1.00 40.80  ? 219 VAL A C   1 
ATOM   1525 O O   . VAL A 1 205 ? 1.833   14.240  -15.372 1.00 37.77  ? 219 VAL A O   1 
ATOM   1526 C CB  . VAL A 1 205 ? 3.755   11.904  -14.530 1.00 21.90  ? 219 VAL A CB  1 
ATOM   1527 C CG1 . VAL A 1 205 ? 3.412   11.678  -13.042 1.00 16.59  ? 219 VAL A CG1 1 
ATOM   1528 C CG2 . VAL A 1 205 ? 4.664   10.816  -15.007 1.00 17.94  ? 219 VAL A CG2 1 
ATOM   1529 N N   . ARG A 1 206 ? 0.480   12.729  -14.370 1.00 33.86  ? 220 ARG A N   1 
ATOM   1530 C CA  . ARG A 1 206 ? -0.371  13.722  -13.773 1.00 33.56  ? 220 ARG A CA  1 
ATOM   1531 C C   . ARG A 1 206 ? -0.343  13.528  -12.273 1.00 40.05  ? 220 ARG A C   1 
ATOM   1532 O O   . ARG A 1 206 ? -0.516  12.410  -11.792 1.00 43.61  ? 220 ARG A O   1 
ATOM   1533 C CB  . ARG A 1 206 ? -1.798  13.667  -14.333 1.00 45.64  ? 220 ARG A CB  1 
ATOM   1534 C CG  . ARG A 1 206 ? -1.943  14.388  -15.670 1.00 62.75  ? 220 ARG A CG  1 
ATOM   1535 C CD  . ARG A 1 206 ? -3.404  14.666  -16.033 1.00 75.84  ? 220 ARG A CD  1 
ATOM   1536 N NE  . ARG A 1 206 ? -3.598  14.694  -17.490 1.00 86.03  ? 220 ARG A NE  1 
ATOM   1537 C CZ  . ARG A 1 206 ? -4.779  14.708  -18.113 1.00 84.39  ? 220 ARG A CZ  1 
ATOM   1538 N NH1 . ARG A 1 206 ? -4.823  14.727  -19.442 1.00 81.61  ? 220 ARG A NH1 1 
ATOM   1539 N NH2 . ARG A 1 206 ? -5.911  14.699  -17.420 1.00 79.97  ? 220 ARG A NH2 1 
ATOM   1540 N N   . TYR A 1 207 ? -0.114  14.635  -11.561 1.00 41.63  ? 221 TYR A N   1 
ATOM   1541 C CA  . TYR A 1 207 ? -0.081  14.683  -10.112 1.00 35.05  ? 221 TYR A CA  1 
ATOM   1542 C C   . TYR A 1 207 ? -1.342  15.230  -9.555  1.00 42.15  ? 221 TYR A C   1 
ATOM   1543 O O   . TYR A 1 207 ? -1.726  16.358  -9.870  1.00 42.11  ? 221 TYR A O   1 
ATOM   1544 C CB  . TYR A 1 207 ? 1.049   15.567  -9.609  1.00 26.00  ? 221 TYR A CB  1 
ATOM   1545 C CG  . TYR A 1 207 ? 2.414   14.989  -9.851  1.00 28.57  ? 221 TYR A CG  1 
ATOM   1546 C CD1 . TYR A 1 207 ? 2.954   14.025  -8.978  1.00 29.38  ? 221 TYR A CD1 1 
ATOM   1547 C CD2 . TYR A 1 207 ? 3.172   15.383  -10.958 1.00 31.93  ? 221 TYR A CD2 1 
ATOM   1548 C CE1 . TYR A 1 207 ? 4.216   13.471  -9.214  1.00 27.89  ? 221 TYR A CE1 1 
ATOM   1549 C CE2 . TYR A 1 207 ? 4.458   14.841  -11.203 1.00 35.46  ? 221 TYR A CE2 1 
ATOM   1550 C CZ  . TYR A 1 207 ? 4.965   13.879  -10.331 1.00 33.99  ? 221 TYR A CZ  1 
ATOM   1551 O OH  . TYR A 1 207 ? 6.222   13.357  -10.556 1.00 32.03  ? 221 TYR A OH  1 
ATOM   1552 N N   . LEU A 1 208 ? -1.949  14.449  -8.664  1.00 41.21  ? 222 LEU A N   1 
ATOM   1553 C CA  . LEU A 1 208 ? -3.146  14.881  -7.966  1.00 34.65  ? 222 LEU A CA  1 
ATOM   1554 C C   . LEU A 1 208 ? -2.844  15.389  -6.578  1.00 32.76  ? 222 LEU A C   1 
ATOM   1555 O O   . LEU A 1 208 ? -2.098  14.770  -5.836  1.00 44.00  ? 222 LEU A O   1 
ATOM   1556 C CB  . LEU A 1 208 ? -4.130  13.728  -7.877  1.00 40.34  ? 222 LEU A CB  1 
ATOM   1557 C CG  . LEU A 1 208 ? -4.462  13.075  -9.202  1.00 25.76  ? 222 LEU A CG  1 
ATOM   1558 C CD1 . LEU A 1 208 ? -5.156  11.697  -8.987  1.00 41.51  ? 222 LEU A CD1 1 
ATOM   1559 C CD2 . LEU A 1 208 ? -5.305  13.990  -10.022 1.00 28.50  ? 222 LEU A CD2 1 
ATOM   1560 N N   . ALA A 1 209 ? -3.446  16.520  -6.229  1.00 39.80  ? 223 ALA A N   1 
ATOM   1561 C CA  . ALA A 1 209 ? -3.281  17.129  -4.919  1.00 29.76  ? 223 ALA A CA  1 
ATOM   1562 C C   . ALA A 1 209 ? -4.404  16.730  -3.953  1.00 41.14  ? 223 ALA A C   1 
ATOM   1563 O O   . ALA A 1 209 ? -5.530  16.428  -4.386  1.00 47.09  ? 223 ALA A O   1 
ATOM   1564 C CB  . ALA A 1 209 ? -3.217  18.651  -5.061  1.00 41.11  ? 223 ALA A CB  1 
ATOM   1565 N N   . PRO A 1 210 ? -4.106  16.708  -2.634  1.00 37.81  ? 224 PRO A N   1 
ATOM   1566 C CA  . PRO A 1 210 ? -5.193  16.547  -1.674  1.00 41.39  ? 224 PRO A CA  1 
ATOM   1567 C C   . PRO A 1 210 ? -6.241  17.650  -1.899  1.00 58.93  ? 224 PRO A C   1 
ATOM   1568 O O   . PRO A 1 210 ? -6.028  18.534  -2.734  1.00 64.68  ? 224 PRO A O   1 
ATOM   1569 C CB  . PRO A 1 210 ? -4.504  16.758  -0.326  1.00 44.94  ? 224 PRO A CB  1 
ATOM   1570 C CG  . PRO A 1 210 ? -3.060  16.450  -0.561  1.00 46.95  ? 224 PRO A CG  1 
ATOM   1571 C CD  . PRO A 1 210 ? -2.785  16.810  -1.991  1.00 37.43  ? 224 PRO A CD  1 
ATOM   1572 N N   . SER A 1 211 ? -7.368  17.591  -1.191  1.00 61.37  ? 225 SER A N   1 
ATOM   1573 C CA  . SER A 1 211 ? -8.303  18.722  -1.157  1.00 57.08  ? 225 SER A CA  1 
ATOM   1574 C C   . SER A 1 211 ? -8.106  19.505  0.131   1.00 62.11  ? 225 SER A C   1 
ATOM   1575 O O   . SER A 1 211 ? -7.233  19.168  0.949   1.00 61.89  ? 225 SER A O   1 
ATOM   1576 C CB  . SER A 1 211 ? -9.749  18.254  -1.288  1.00 58.79  ? 225 SER A CB  1 
ATOM   1577 O OG  . SER A 1 211 ? -10.101 17.421  -0.196  1.00 61.09  ? 225 SER A OG  1 
ATOM   1578 N N   . PHE A 1 212 ? -8.895  20.566  0.294   1.00 75.02  ? 226 PHE A N   1 
ATOM   1579 C CA  . PHE A 1 212 ? -8.852  21.371  1.509   1.00 81.09  ? 226 PHE A CA  1 
ATOM   1580 C C   . PHE A 1 212 ? -9.528  20.636  2.681   1.00 77.29  ? 226 PHE A C   1 
ATOM   1581 O O   . PHE A 1 212 ? -9.106  20.773  3.845   1.00 67.38  ? 226 PHE A O   1 
ATOM   1582 C CB  . PHE A 1 212 ? -9.460  22.763  1.278   1.00 93.33  ? 226 PHE A CB  1 
ATOM   1583 C CG  . PHE A 1 212 ? -9.455  23.635  2.509   1.00 100.81 ? 226 PHE A CG  1 
ATOM   1584 C CD1 . PHE A 1 212 ? -8.245  24.034  3.095   1.00 99.92  ? 226 PHE A CD1 1 
ATOM   1585 C CD2 . PHE A 1 212 ? -10.658 24.040  3.098   1.00 101.68 ? 226 PHE A CD2 1 
ATOM   1586 C CE1 . PHE A 1 212 ? -8.235  24.824  4.243   1.00 102.16 ? 226 PHE A CE1 1 
ATOM   1587 C CE2 . PHE A 1 212 ? -10.661 24.833  4.246   1.00 101.11 ? 226 PHE A CE2 1 
ATOM   1588 C CZ  . PHE A 1 212 ? -9.447  25.227  4.820   1.00 101.16 ? 226 PHE A CZ  1 
ATOM   1589 N N   . LYS A 1 213 ? -10.562 19.854  2.354   1.00 77.00  ? 227 LYS A N   1 
ATOM   1590 C CA  . LYS A 1 213 ? -11.206 18.933  3.305   1.00 80.02  ? 227 LYS A CA  1 
ATOM   1591 C C   . LYS A 1 213 ? -10.214 17.894  3.852   1.00 71.38  ? 227 LYS A C   1 
ATOM   1592 O O   . LYS A 1 213 ? -10.146 17.688  5.062   1.00 71.19  ? 227 LYS A O   1 
ATOM   1593 C CB  . LYS A 1 213 ? -12.415 18.223  2.672   1.00 80.76  ? 227 LYS A CB  1 
ATOM   1594 C CG  . LYS A 1 213 ? -13.602 19.120  2.328   1.00 83.50  ? 227 LYS A CG  1 
ATOM   1595 C CD  . LYS A 1 213 ? -14.705 18.322  1.615   1.00 82.39  ? 227 LYS A CD  1 
ATOM   1596 C CE  . LYS A 1 213 ? -15.981 19.137  1.426   1.00 81.08  ? 227 LYS A CE  1 
ATOM   1597 N NZ  . LYS A 1 213 ? -16.766 19.270  2.690   1.00 72.36  ? 227 LYS A NZ  1 
ATOM   1598 N N   . ASP A 1 214 ? -9.459  17.252  2.955   1.00 65.81  ? 228 ASP A N   1 
ATOM   1599 C CA  . ASP A 1 214 ? -8.374  16.338  3.331   1.00 59.93  ? 228 ASP A CA  1 
ATOM   1600 C C   . ASP A 1 214 ? -7.484  16.948  4.416   1.00 58.25  ? 228 ASP A C   1 
ATOM   1601 O O   . ASP A 1 214 ? -7.338  16.385  5.502   1.00 52.07  ? 228 ASP A O   1 
ATOM   1602 C CB  . ASP A 1 214 ? -7.497  15.987  2.116   1.00 60.90  ? 228 ASP A CB  1 
ATOM   1603 C CG  . ASP A 1 214 ? -8.193  15.086  1.110   1.00 61.55  ? 228 ASP A CG  1 
ATOM   1604 O OD1 . ASP A 1 214 ? -7.612  14.862  0.024   1.00 59.57  ? 228 ASP A OD1 1 
ATOM   1605 O OD2 . ASP A 1 214 ? -9.313  14.606  1.378   1.00 68.40  ? 228 ASP A OD2 1 
ATOM   1606 N N   . LYS A 1 215 ? -6.898  18.107  4.118   1.00 63.95  ? 229 LYS A N   1 
ATOM   1607 C CA  . LYS A 1 215 ? -5.962  18.757  5.038   1.00 71.01  ? 229 LYS A CA  1 
ATOM   1608 C C   . LYS A 1 215 ? -6.584  19.034  6.412   1.00 63.88  ? 229 LYS A C   1 
ATOM   1609 O O   . LYS A 1 215 ? -5.906  18.928  7.442   1.00 61.92  ? 229 LYS A O   1 
ATOM   1610 C CB  . LYS A 1 215 ? -5.382  20.029  4.406   1.00 75.20  ? 229 LYS A CB  1 
ATOM   1611 C CG  . LYS A 1 215 ? -4.636  19.756  3.099   1.00 84.82  ? 229 LYS A CG  1 
ATOM   1612 C CD  . LYS A 1 215 ? -4.046  21.017  2.480   1.00 88.21  ? 229 LYS A CD  1 
ATOM   1613 C CE  . LYS A 1 215 ? -3.434  20.717  1.104   1.00 92.64  ? 229 LYS A CE  1 
ATOM   1614 N NZ  . LYS A 1 215 ? -2.868  21.941  0.457   1.00 91.45  ? 229 LYS A NZ  1 
ATOM   1615 N N   . LEU A 1 216 ? -7.876  19.363  6.418   1.00 69.04  ? 230 LEU A N   1 
ATOM   1616 C CA  . LEU A 1 216 ? -8.611  19.654  7.660   1.00 72.45  ? 230 LEU A CA  1 
ATOM   1617 C C   . LEU A 1 216 ? -8.761  18.421  8.572   1.00 69.59  ? 230 LEU A C   1 
ATOM   1618 O O   . LEU A 1 216 ? -8.405  18.480  9.753   1.00 67.25  ? 230 LEU A O   1 
ATOM   1619 C CB  . LEU A 1 216 ? -9.966  20.314  7.347   1.00 73.83  ? 230 LEU A CB  1 
ATOM   1620 C CG  . LEU A 1 216 ? -10.964 20.651  8.468   1.00 77.60  ? 230 LEU A CG  1 
ATOM   1621 C CD1 . LEU A 1 216 ? -10.334 21.449  9.628   1.00 80.42  ? 230 LEU A CD1 1 
ATOM   1622 C CD2 . LEU A 1 216 ? -12.176 21.389  7.880   1.00 78.02  ? 230 LEU A CD2 1 
ATOM   1623 N N   . ILE A 1 217 ? -9.286  17.324  8.014   1.00 70.25  ? 231 ILE A N   1 
ATOM   1624 C CA  . ILE A 1 217 ? -9.300  15.989  8.646   1.00 62.99  ? 231 ILE A CA  1 
ATOM   1625 C C   . ILE A 1 217 ? -7.894  15.511  9.033   1.00 70.72  ? 231 ILE A C   1 
ATOM   1626 O O   . ILE A 1 217 ? -7.718  14.856  10.064  1.00 70.18  ? 231 ILE A O   1 
ATOM   1627 C CB  . ILE A 1 217 ? -9.950  14.949  7.716   1.00 64.08  ? 231 ILE A CB  1 
ATOM   1628 C CG1 . ILE A 1 217 ? -11.424 15.305  7.461   1.00 68.62  ? 231 ILE A CG1 1 
ATOM   1629 C CG2 . ILE A 1 217 ? -9.829  13.536  8.297   1.00 64.07  ? 231 ILE A CG2 1 
ATOM   1630 C CD1 . ILE A 1 217 ? -11.909 15.005  6.050   1.00 64.09  ? 231 ILE A CD1 1 
ATOM   1631 N N   . SER A 1 218 ? -6.902  15.843  8.205   1.00 81.20  ? 232 SER A N   1 
ATOM   1632 C CA  . SER A 1 218 ? -5.493  15.555  8.502   1.00 90.84  ? 232 SER A CA  1 
ATOM   1633 C C   . SER A 1 218 ? -5.003  16.340  9.716   1.00 96.62  ? 232 SER A C   1 
ATOM   1634 O O   . SER A 1 218 ? -4.145  15.862  10.463  1.00 102.25 ? 232 SER A O   1 
ATOM   1635 C CB  . SER A 1 218 ? -4.594  15.847  7.291   1.00 91.07  ? 232 SER A CB  1 
ATOM   1636 O OG  . SER A 1 218 ? -4.742  14.855  6.289   1.00 92.01  ? 232 SER A OG  1 
ATOM   1637 N N   . TYR A 1 219 ? -5.545  17.544  9.906   1.00 98.45  ? 233 TYR A N   1 
ATOM   1638 C CA  . TYR A 1 219 ? -5.239  18.336  11.092  1.00 99.12  ? 233 TYR A CA  1 
ATOM   1639 C C   . TYR A 1 219 ? -5.862  17.702  12.345  1.00 94.32  ? 233 TYR A C   1 
ATOM   1640 O O   . TYR A 1 219 ? -5.154  17.368  13.298  1.00 92.45  ? 233 TYR A O   1 
ATOM   1641 C CB  . TYR A 1 219 ? -5.682  19.796  10.915  1.00 106.48 ? 233 TYR A CB  1 
ATOM   1642 C CG  . TYR A 1 219 ? -5.233  20.693  12.047  1.00 111.22 ? 233 TYR A CG  1 
ATOM   1643 C CD1 . TYR A 1 219 ? -3.917  21.168  12.108  1.00 113.35 ? 233 TYR A CD1 1 
ATOM   1644 C CD2 . TYR A 1 219 ? -6.117  21.055  13.068  1.00 112.87 ? 233 TYR A CD2 1 
ATOM   1645 C CE1 . TYR A 1 219 ? -3.494  21.983  13.156  1.00 113.16 ? 233 TYR A CE1 1 
ATOM   1646 C CE2 . TYR A 1 219 ? -5.704  21.870  14.122  1.00 113.91 ? 233 TYR A CE2 1 
ATOM   1647 C CZ  . TYR A 1 219 ? -4.392  22.331  14.158  1.00 112.57 ? 233 TYR A CZ  1 
ATOM   1648 O OH  . TYR A 1 219 ? -3.980  23.136  15.197  1.00 111.69 ? 233 TYR A OH  1 
ATOM   1649 N N   . ILE A 1 220 ? -7.181  17.521  12.313  1.00 90.02  ? 234 ILE A N   1 
ATOM   1650 C CA  . ILE A 1 220 ? -7.959  16.982  13.435  1.00 90.78  ? 234 ILE A CA  1 
ATOM   1651 C C   . ILE A 1 220 ? -7.483  15.595  13.895  1.00 90.62  ? 234 ILE A C   1 
ATOM   1652 O O   . ILE A 1 220 ? -7.277  15.374  15.093  1.00 91.69  ? 234 ILE A O   1 
ATOM   1653 C CB  . ILE A 1 220 ? -9.488  16.945  13.094  1.00 88.23  ? 234 ILE A CB  1 
ATOM   1654 C CG1 . ILE A 1 220 ? -10.015 18.343  12.716  1.00 86.68  ? 234 ILE A CG1 1 
ATOM   1655 C CG2 . ILE A 1 220 ? -10.305 16.288  14.216  1.00 89.44  ? 234 ILE A CG2 1 
ATOM   1656 C CD1 . ILE A 1 220 ? -9.752  19.451  13.737  1.00 87.50  ? 234 ILE A CD1 1 
ATOM   1657 N N   . THR A 1 221 ? -7.306  14.684  12.938  1.00 89.06  ? 235 THR A N   1 
ATOM   1658 C CA  . THR A 1 221 ? -6.922  13.295  13.216  1.00 85.34  ? 235 THR A CA  1 
ATOM   1659 C C   . THR A 1 221 ? -5.404  13.140  13.312  1.00 82.00  ? 235 THR A C   1 
ATOM   1660 O O   . THR A 1 221 ? -4.698  14.045  13.755  1.00 76.09  ? 235 THR A O   1 
ATOM   1661 C CB  . THR A 1 221 ? -7.481  12.318  12.136  1.00 86.59  ? 235 THR A CB  1 
ATOM   1662 O OG1 . THR A 1 221 ? -8.855  12.630  11.865  1.00 85.91  ? 235 THR A OG1 1 
ATOM   1663 C CG2 . THR A 1 221 ? -7.364  10.847  12.585  1.00 81.27  ? 235 THR A CG2 1 
HETATM 1664 O O   . HOH B 2 .   ? -12.885 5.976   10.481  1.00 49.87  ? 301 HOH A O   1 
HETATM 1665 O O   . HOH B 2 .   ? -14.152 -1.673  14.084  1.00 50.31  ? 302 HOH A O   1 
HETATM 1666 O O   . HOH B 2 .   ? 6.731   9.775   8.351   1.00 48.68  ? 303 HOH A O   1 
HETATM 1667 O O   . HOH B 2 .   ? 17.043  3.623   -5.926  1.00 57.10  ? 304 HOH A O   1 
HETATM 1668 O O   . HOH B 2 .   ? 18.988  -3.593  4.678   1.00 33.48  ? 305 HOH A O   1 
HETATM 1669 O O   . HOH B 2 .   ? 4.417   7.083   9.760   1.00 42.32  ? 306 HOH A O   1 
HETATM 1670 O O   . HOH B 2 .   ? -9.249  -16.867 14.211  1.00 44.02  ? 307 HOH A O   1 
HETATM 1671 O O   . HOH B 2 .   ? -8.546  -17.614 11.413  1.00 36.68  ? 308 HOH A O   1 
HETATM 1672 O O   . HOH B 2 .   ? 15.321  9.718   -11.030 1.00 38.52  ? 309 HOH A O   1 
HETATM 1673 O O   . HOH B 2 .   ? -3.093  -2.885  16.485  1.00 45.09  ? 310 HOH A O   1 
HETATM 1674 O O   . HOH B 2 .   ? -10.254 -6.818  2.437   1.00 29.29  ? 311 HOH A O   1 
HETATM 1675 O O   . HOH B 2 .   ? -7.818  -11.160 -0.313  1.00 45.36  ? 312 HOH A O   1 
HETATM 1676 O O   . HOH B 2 .   ? -2.165  -9.638  -2.674  1.00 40.18  ? 313 HOH A O   1 
HETATM 1677 O O   . HOH B 2 .   ? 18.113  -6.296  -1.752  1.00 49.83  ? 314 HOH A O   1 
HETATM 1678 O O   . HOH B 2 .   ? 14.117  9.308   -17.152 1.00 48.17  ? 315 HOH A O   1 
HETATM 1679 O O   . HOH B 2 .   ? 21.833  7.893   -10.530 1.00 57.94  ? 316 HOH A O   1 
HETATM 1680 O O   . HOH B 2 .   ? -1.046  3.824   14.762  1.00 50.84  ? 317 HOH A O   1 
HETATM 1681 O O   . HOH B 2 .   ? -8.473  13.298  -15.293 1.00 40.74  ? 318 HOH A O   1 
HETATM 1682 O O   . HOH B 2 .   ? -16.174 3.274   -6.479  1.00 51.76  ? 319 HOH A O   1 
HETATM 1683 O O   . HOH B 2 .   ? -6.527  21.013  -3.831  1.00 44.94  ? 320 HOH A O   1 
HETATM 1684 O O   . HOH B 2 .   ? -13.811 -9.249  -15.140 1.00 42.41  ? 321 HOH A O   1 
HETATM 1685 O O   . HOH B 2 .   ? -14.822 -6.962  -16.897 1.00 52.05  ? 322 HOH A O   1 
HETATM 1686 O O   . HOH B 2 .   ? -13.052 -8.447  -18.243 1.00 58.65  ? 323 HOH A O   1 
HETATM 1687 O O   . HOH B 2 .   ? -2.831  -8.905  -20.374 1.00 48.06  ? 324 HOH A O   1 
HETATM 1688 O O   . HOH B 2 .   ? -8.664  -18.637 15.883  1.00 56.00  ? 325 HOH A O   1 
HETATM 1689 O O   . HOH B 2 .   ? 7.203   -0.451  9.715   1.00 40.87  ? 326 HOH A O   1 
HETATM 1690 O O   . HOH B 2 .   ? 5.955   -14.654 -7.293  1.00 44.77  ? 327 HOH A O   1 
HETATM 1691 O O   . HOH B 2 .   ? 14.619  -1.997  -7.376  1.00 38.18  ? 328 HOH A O   1 
HETATM 1692 O O   . HOH B 2 .   ? -8.054  10.455  8.001   1.00 45.84  ? 329 HOH A O   1 
HETATM 1693 O O   . HOH B 2 .   ? 1.047   8.018   -26.399 1.00 52.47  ? 330 HOH A O   1 
HETATM 1694 O O   . HOH B 2 .   ? -14.181 0.294   -10.414 1.00 53.54  ? 331 HOH A O   1 
HETATM 1695 O O   . HOH B 2 .   ? 17.385  2.195   2.486   1.00 54.82  ? 332 HOH A O   1 
HETATM 1696 O O   . HOH B 2 .   ? -2.578  -6.165  12.456  1.00 39.19  ? 333 HOH A O   1 
HETATM 1697 O O   . HOH B 2 .   ? -8.489  -14.731 7.645   1.00 28.74  ? 334 HOH A O   1 
HETATM 1698 O O   . HOH B 2 .   ? 9.430   11.937  -6.617  1.00 20.59  ? 335 HOH A O   1 
HETATM 1699 O O   . HOH B 2 .   ? 7.427   13.804  -7.959  1.00 16.64  ? 336 HOH A O   1 
HETATM 1700 O O   . HOH B 2 .   ? 13.390  13.064  -11.029 1.00 29.25  ? 337 HOH A O   1 
HETATM 1701 O O   . HOH B 2 .   ? 1.761   3.152   -21.106 1.00 51.94  ? 338 HOH A O   1 
HETATM 1702 O O   . HOH B 2 .   ? -12.384 16.881  -0.189  1.00 51.52  ? 339 HOH A O   1 
HETATM 1703 O O   . HOH B 2 .   ? 3.282   9.781   1.193   1.00 31.16  ? 340 HOH A O   1 
HETATM 1704 O O   . HOH B 2 .   ? 10.697  7.994   -16.380 1.00 46.80  ? 341 HOH A O   1 
HETATM 1705 O O   . HOH B 2 .   ? -14.919 4.768   -12.584 1.00 46.53  ? 342 HOH A O   1 
HETATM 1706 O O   . HOH B 2 .   ? -5.079  9.776   5.558   1.00 48.03  ? 343 HOH A O   1 
HETATM 1707 O O   . HOH B 2 .   ? -7.414  15.894  -6.546  1.00 45.78  ? 344 HOH A O   1 
HETATM 1708 O O   . HOH B 2 .   ? 13.070  -13.151 -4.274  1.00 67.24  ? 345 HOH A O   1 
HETATM 1709 O O   . HOH B 2 .   ? -2.046  14.231  14.510  1.00 52.02  ? 346 HOH A O   1 
HETATM 1710 O O   . HOH B 2 .   ? -2.014  -13.247 21.033  1.00 55.66  ? 347 HOH A O   1 
HETATM 1711 O O   . HOH B 2 .   ? -2.934  14.050  11.830  1.00 60.39  ? 348 HOH A O   1 
HETATM 1712 O O   . HOH B 2 .   ? -5.382  -0.815  17.604  1.00 58.36  ? 349 HOH A O   1 
HETATM 1713 O O   . HOH B 2 .   ? -9.275  -16.842 9.056   1.00 38.44  ? 350 HOH A O   1 
HETATM 1714 O O   . HOH B 2 .   ? -2.799  13.286  -3.648  1.00 38.77  ? 351 HOH A O   1 
HETATM 1715 O O   . HOH B 2 .   ? -13.996 2.627   5.170   1.00 32.66  ? 352 HOH A O   1 
HETATM 1716 O O   . HOH B 2 .   ? 7.285   -8.182  -13.807 1.00 55.99  ? 353 HOH A O   1 
HETATM 1717 O O   . HOH B 2 .   ? 7.660   -9.851  -5.030  1.00 37.91  ? 354 HOH A O   1 
HETATM 1718 O O   . HOH B 2 .   ? 7.542   -7.084  22.340  1.00 57.59  ? 355 HOH A O   1 
HETATM 1719 O O   . HOH B 2 .   ? -13.859 6.155   -19.342 1.00 47.96  ? 356 HOH A O   1 
HETATM 1720 O O   . HOH B 2 .   ? 13.347  1.217   -17.821 1.00 35.43  ? 357 HOH A O   1 
HETATM 1721 O O   . HOH B 2 .   ? -11.573 -8.086  5.153   1.00 36.81  ? 358 HOH A O   1 
HETATM 1722 O O   . HOH B 2 .   ? -4.437  -8.679  -3.577  1.00 43.95  ? 359 HOH A O   1 
HETATM 1723 O O   . HOH B 2 .   ? -11.404 11.928  -14.201 1.00 45.56  ? 360 HOH A O   1 
HETATM 1724 O O   . HOH B 2 .   ? 15.040  -5.431  9.224   1.00 47.70  ? 361 HOH A O   1 
HETATM 1725 O O   . HOH B 2 .   ? 5.911   -7.706  -11.228 1.00 40.14  ? 362 HOH A O   1 
HETATM 1726 O O   . HOH B 2 .   ? -6.966  -8.310  -8.717  1.00 50.03  ? 363 HOH A O   1 
# 
loop_
_pdbx_poly_seq_scheme.asym_id 
_pdbx_poly_seq_scheme.entity_id 
_pdbx_poly_seq_scheme.seq_id 
_pdbx_poly_seq_scheme.mon_id 
_pdbx_poly_seq_scheme.ndb_seq_num 
_pdbx_poly_seq_scheme.pdb_seq_num 
_pdbx_poly_seq_scheme.auth_seq_num 
_pdbx_poly_seq_scheme.pdb_mon_id 
_pdbx_poly_seq_scheme.auth_mon_id 
_pdbx_poly_seq_scheme.pdb_strand_id 
_pdbx_poly_seq_scheme.pdb_ins_code 
_pdbx_poly_seq_scheme.hetero 
A 1 1   MET 1   15  ?   ?   ?   A . n 
A 1 2   SER 2   16  ?   ?   ?   A . n 
A 1 3   PRO 3   17  ?   ?   ?   A . n 
A 1 4   ILE 4   18  ?   ?   ?   A . n 
A 1 5   LEU 5   19  ?   ?   ?   A . n 
A 1 6   ALA 6   20  20  ALA ALA A . n 
A 1 7   LYS 7   21  21  LYS LYS A . n 
A 1 8   ASN 8   22  22  ASN ASN A . n 
A 1 9   ILE 9   23  23  ILE ILE A . n 
A 1 10  VAL 10  24  24  VAL VAL A . n 
A 1 11  TYR 11  25  25  TYR TYR A . n 
A 1 12  VAL 12  26  26  VAL VAL A . n 
A 1 13  ALA 13  27  27  ALA ALA A . n 
A 1 14  GLN 14  28  28  GLN GLN A . n 
A 1 15  ILE 15  29  29  ILE ILE A . n 
A 1 16  LYS 16  30  30  LYS LYS A . n 
A 1 17  GLY 17  31  31  GLY GLY A . n 
A 1 18  GLN 18  32  32  GLN GLN A . n 
A 1 19  ILE 19  33  33  ILE ILE A . n 
A 1 20  THR 20  34  34  THR THR A . n 
A 1 21  SER 21  35  35  SER SER A . n 
A 1 22  TYR 22  36  36  TYR TYR A . n 
A 1 23  THR 23  37  37  THR THR A . n 
A 1 24  TYR 24  38  38  TYR TYR A . n 
A 1 25  ASP 25  39  39  ASP ASP A . n 
A 1 26  GLN 26  40  40  GLN GLN A . n 
A 1 27  PHE 27  41  41  PHE PHE A . n 
A 1 28  ASP 28  42  42  ASP ASP A . n 
A 1 29  ARG 29  43  43  ARG ARG A . n 
A 1 30  TYR 30  44  44  TYR TYR A . n 
A 1 31  ILE 31  45  45  ILE ILE A . n 
A 1 32  THR 32  46  46  THR THR A . n 
A 1 33  ILE 33  47  47  ILE ILE A . n 
A 1 34  ALA 34  48  48  ALA ALA A . n 
A 1 35  GLU 35  49  49  GLU GLU A . n 
A 1 36  GLN 36  50  50  GLN GLN A . n 
A 1 37  ASP 37  51  51  ASP ASP A . n 
A 1 38  ASN 38  52  52  ASN ASN A . n 
A 1 39  ALA 39  53  53  ALA ALA A . n 
A 1 40  GLU 40  54  54  GLU GLU A . n 
A 1 41  ALA 41  55  55  ALA ALA A . n 
A 1 42  ILE 42  56  56  ILE ILE A . n 
A 1 43  ILE 43  57  57  ILE ILE A . n 
A 1 44  ILE 44  58  58  ILE ILE A . n 
A 1 45  GLU 45  59  59  GLU GLU A . n 
A 1 46  LEU 46  60  60  LEU LEU A . n 
A 1 47  ASP 47  61  61  ASP ASP A . n 
A 1 48  THR 48  62  62  THR THR A . n 
A 1 49  PRO 49  63  63  PRO PRO A . n 
A 1 50  GLY 50  64  64  GLY GLY A . n 
A 1 51  GLY 51  65  65  GLY GLY A . n 
A 1 52  ARG 52  66  66  ARG ARG A . n 
A 1 53  ALA 53  67  67  ALA ALA A . n 
A 1 54  ASP 54  68  68  ASP ASP A . n 
A 1 55  ALA 55  69  69  ALA ALA A . n 
A 1 56  MET 56  70  70  MET MET A . n 
A 1 57  MET 57  71  71  MET MET A . n 
A 1 58  ASN 58  72  72  ASN ASN A . n 
A 1 59  ILE 59  73  73  ILE ILE A . n 
A 1 60  VAL 60  74  74  VAL VAL A . n 
A 1 61  GLN 61  75  75  GLN GLN A . n 
A 1 62  ARG 62  76  76  ARG ARG A . n 
A 1 63  ILE 63  77  77  ILE ILE A . n 
A 1 64  GLN 64  78  78  GLN GLN A . n 
A 1 65  GLN 65  79  79  GLN GLN A . n 
A 1 66  SER 66  80  80  SER SER A . n 
A 1 67  LYS 67  81  81  LYS LYS A . n 
A 1 68  ILE 68  82  82  ILE ILE A . n 
A 1 69  PRO 69  83  83  PRO PRO A . n 
A 1 70  VAL 70  84  84  VAL VAL A . n 
A 1 71  ILE 71  85  85  ILE ILE A . n 
A 1 72  ILE 72  86  86  ILE ILE A . n 
A 1 73  TYR 73  87  87  TYR TYR A . n 
A 1 74  VAL 74  88  88  VAL VAL A . n 
A 1 75  TYR 75  89  89  TYR TYR A . n 
A 1 76  PRO 76  90  90  PRO PRO A . n 
A 1 77  PRO 77  91  91  PRO PRO A . n 
A 1 78  GLY 78  92  92  GLY GLY A . n 
A 1 79  ALA 79  93  93  ALA ALA A . n 
A 1 80  SER 80  94  94  SER SER A . n 
A 1 81  ALA 81  95  95  ALA ALA A . n 
A 1 82  ALA 82  96  96  ALA ALA A . n 
A 1 83  SER 83  97  97  SER SER A . n 
A 1 84  ALA 84  98  98  ALA ALA A . n 
A 1 85  GLY 85  99  99  GLY GLY A . n 
A 1 86  THR 86  100 100 THR THR A . n 
A 1 87  TYR 87  101 101 TYR TYR A . n 
A 1 88  ILE 88  102 102 ILE ILE A . n 
A 1 89  ALA 89  103 103 ALA ALA A . n 
A 1 90  LEU 90  104 104 LEU LEU A . n 
A 1 91  GLY 91  105 105 GLY GLY A . n 
A 1 92  SER 92  106 106 SER SER A . n 
A 1 93  HIS 93  107 107 HIS HIS A . n 
A 1 94  LEU 94  108 108 LEU LEU A . n 
A 1 95  ILE 95  109 109 ILE ILE A . n 
A 1 96  ALA 96  110 110 ALA ALA A . n 
A 1 97  MET 97  111 111 MET MET A . n 
A 1 98  ALA 98  112 112 ALA ALA A . n 
A 1 99  PRO 99  113 113 PRO PRO A . n 
A 1 100 GLY 100 114 114 GLY GLY A . n 
A 1 101 THR 101 115 115 THR THR A . n 
A 1 102 SER 102 116 116 SER SER A . n 
A 1 103 ILE 103 117 117 ILE ILE A . n 
A 1 104 GLY 104 118 118 GLY GLY A . n 
A 1 105 ALA 105 119 119 ALA ALA A . n 
A 1 106 CYS 106 120 120 CYS CYS A . n 
A 1 107 ARG 107 121 121 ARG ARG A . n 
A 1 108 PRO 108 122 122 PRO PRO A . n 
A 1 109 ILE 109 123 123 ILE ILE A . n 
A 1 110 LEU 110 124 124 LEU LEU A . n 
A 1 111 GLY 111 125 125 GLY GLY A . n 
A 1 112 TYR 112 126 126 TYR TYR A . n 
A 1 113 SER 113 127 127 SER SER A . n 
A 1 114 GLN 114 128 128 GLN GLN A . n 
A 1 115 ASN 115 129 129 ASN ASN A . n 
A 1 116 GLY 116 130 130 GLY GLY A . n 
A 1 117 SER 117 131 131 SER SER A . n 
A 1 118 ILE 118 132 132 ILE ILE A . n 
A 1 119 ILE 119 133 133 ILE ILE A . n 
A 1 120 GLU 120 134 134 GLU GLU A . n 
A 1 121 ALA 121 135 135 ALA ALA A . n 
A 1 122 PRO 122 136 136 PRO PRO A . n 
A 1 123 PRO 123 137 137 PRO PRO A . n 
A 1 124 ALA 124 138 138 ALA ALA A . n 
A 1 125 ILE 125 139 139 ILE ILE A . n 
A 1 126 THR 126 140 140 THR THR A . n 
A 1 127 ASN 127 141 141 ASN ASN A . n 
A 1 128 TYR 128 142 142 TYR TYR A . n 
A 1 129 PHE 129 143 143 PHE PHE A . n 
A 1 130 ILE 130 144 144 ILE ILE A . n 
A 1 131 ALA 131 145 145 ALA ALA A . n 
A 1 132 TYR 132 146 146 TYR TYR A . n 
A 1 133 ILE 133 147 147 ILE ILE A . n 
A 1 134 LYS 134 148 148 LYS LYS A . n 
A 1 135 SER 135 149 149 SER SER A . n 
A 1 136 LEU 136 150 150 LEU LEU A . n 
A 1 137 ALA 137 151 151 ALA ALA A . n 
A 1 138 GLN 138 152 152 GLN GLN A . n 
A 1 139 GLU 139 153 153 GLU GLU A . n 
A 1 140 SER 140 154 154 SER SER A . n 
A 1 141 GLY 141 155 155 GLY GLY A . n 
A 1 142 ARG 142 156 156 ARG ARG A . n 
A 1 143 ASN 143 157 157 ASN ASN A . n 
A 1 144 ALA 144 158 158 ALA ALA A . n 
A 1 145 THR 145 159 159 THR THR A . n 
A 1 146 ILE 146 160 160 ILE ILE A . n 
A 1 147 ALA 147 161 161 ALA ALA A . n 
A 1 148 GLU 148 162 162 GLU GLU A . n 
A 1 149 GLU 149 163 163 GLU GLU A . n 
A 1 150 PHE 150 164 164 PHE PHE A . n 
A 1 151 ILE 151 165 165 ILE ILE A . n 
A 1 152 THR 152 166 166 THR THR A . n 
A 1 153 LYS 153 167 167 LYS LYS A . n 
A 1 154 ASP 154 168 168 ASP ASP A . n 
A 1 155 LEU 155 169 169 LEU LEU A . n 
A 1 156 SER 156 170 170 SER SER A . n 
A 1 157 LEU 157 171 171 LEU LEU A . n 
A 1 158 THR 158 172 172 THR THR A . n 
A 1 159 PRO 159 173 173 PRO PRO A . n 
A 1 160 GLU 160 174 174 GLU GLU A . n 
A 1 161 GLU 161 175 175 GLU GLU A . n 
A 1 162 ALA 162 176 176 ALA ALA A . n 
A 1 163 LEU 163 177 177 LEU LEU A . n 
A 1 164 LYS 164 178 178 LYS LYS A . n 
A 1 165 TYR 165 179 179 TYR TYR A . n 
A 1 166 GLY 166 180 180 GLY GLY A . n 
A 1 167 VAL 167 181 181 VAL VAL A . n 
A 1 168 ILE 168 182 182 ILE ILE A . n 
A 1 169 GLU 169 183 183 GLU GLU A . n 
A 1 170 VAL 170 184 184 VAL VAL A . n 
A 1 171 VAL 171 185 185 VAL VAL A . n 
A 1 172 ALA 172 186 186 ALA ALA A . n 
A 1 173 ARG 173 187 187 ARG ARG A . n 
A 1 174 ASP 174 188 188 ASP ASP A . n 
A 1 175 ILE 175 189 189 ILE ILE A . n 
A 1 176 ASN 176 190 190 ASN ASN A . n 
A 1 177 GLU 177 191 191 GLU GLU A . n 
A 1 178 LEU 178 192 192 LEU LEU A . n 
A 1 179 LEU 179 193 193 LEU LEU A . n 
A 1 180 LYS 180 194 194 LYS LYS A . n 
A 1 181 LYS 181 195 195 LYS LYS A . n 
A 1 182 SER 182 196 196 SER SER A . n 
A 1 183 ASN 183 197 197 ASN ASN A . n 
A 1 184 GLY 184 198 198 GLY GLY A . n 
A 1 185 MET 185 199 199 MET MET A . n 
A 1 186 LYS 186 200 200 LYS LYS A . n 
A 1 187 THR 187 201 201 THR THR A . n 
A 1 188 LYS 188 202 202 LYS LYS A . n 
A 1 189 ILE 189 203 203 ILE ILE A . n 
A 1 190 PRO 190 204 204 PRO PRO A . n 
A 1 191 VAL 191 205 205 VAL VAL A . n 
A 1 192 ASN 192 206 206 ASN ASN A . n 
A 1 193 GLY 193 207 207 GLY GLY A . n 
A 1 194 ARG 194 208 208 ARG ARG A . n 
A 1 195 TYR 195 209 209 TYR TYR A . n 
A 1 196 VAL 196 210 210 VAL VAL A . n 
A 1 197 THR 197 211 211 THR THR A . n 
A 1 198 LEU 198 212 212 LEU LEU A . n 
A 1 199 ASN 199 213 213 ASN ASN A . n 
A 1 200 PHE 200 214 214 PHE PHE A . n 
A 1 201 THR 201 215 215 THR THR A . n 
A 1 202 ASN 202 216 216 ASN ASN A . n 
A 1 203 VAL 203 217 217 VAL VAL A . n 
A 1 204 GLU 204 218 218 GLU GLU A . n 
A 1 205 VAL 205 219 219 VAL VAL A . n 
A 1 206 ARG 206 220 220 ARG ARG A . n 
A 1 207 TYR 207 221 221 TYR TYR A . n 
A 1 208 LEU 208 222 222 LEU LEU A . n 
A 1 209 ALA 209 223 223 ALA ALA A . n 
A 1 210 PRO 210 224 224 PRO PRO A . n 
A 1 211 SER 211 225 225 SER SER A . n 
A 1 212 PHE 212 226 226 PHE PHE A . n 
A 1 213 LYS 213 227 227 LYS LYS A . n 
A 1 214 ASP 214 228 228 ASP ASP A . n 
A 1 215 LYS 215 229 229 LYS LYS A . n 
A 1 216 LEU 216 230 230 LEU LEU A . n 
A 1 217 ILE 217 231 231 ILE ILE A . n 
A 1 218 SER 218 232 232 SER SER A . n 
A 1 219 TYR 219 233 233 TYR TYR A . n 
A 1 220 ILE 220 234 234 ILE ILE A . n 
A 1 221 THR 221 235 235 THR THR A . n 
A 1 222 ASP 222 236 ?   ?   ?   A . n 
A 1 223 LEU 223 237 ?   ?   ?   A . n 
A 1 224 GLU 224 238 ?   ?   ?   A . n 
A 1 225 HIS 225 239 ?   ?   ?   A . n 
A 1 226 HIS 226 240 ?   ?   ?   A . n 
A 1 227 HIS 227 241 ?   ?   ?   A . n 
A 1 228 HIS 228 242 ?   ?   ?   A . n 
A 1 229 HIS 229 243 ?   ?   ?   A . n 
A 1 230 HIS 230 244 ?   ?   ?   A . n 
# 
loop_
_pdbx_nonpoly_scheme.asym_id 
_pdbx_nonpoly_scheme.entity_id 
_pdbx_nonpoly_scheme.mon_id 
_pdbx_nonpoly_scheme.ndb_seq_num 
_pdbx_nonpoly_scheme.pdb_seq_num 
_pdbx_nonpoly_scheme.auth_seq_num 
_pdbx_nonpoly_scheme.pdb_mon_id 
_pdbx_nonpoly_scheme.auth_mon_id 
_pdbx_nonpoly_scheme.pdb_strand_id 
_pdbx_nonpoly_scheme.pdb_ins_code 
B 2 HOH 1  301 301 HOH HOH A . 
B 2 HOH 2  302 302 HOH HOH A . 
B 2 HOH 3  303 303 HOH HOH A . 
B 2 HOH 4  304 304 HOH HOH A . 
B 2 HOH 5  305 305 HOH HOH A . 
B 2 HOH 6  306 306 HOH HOH A . 
B 2 HOH 7  307 307 HOH HOH A . 
B 2 HOH 8  308 308 HOH HOH A . 
B 2 HOH 9  309 309 HOH HOH A . 
B 2 HOH 10 310 310 HOH HOH A . 
B 2 HOH 11 311 311 HOH HOH A . 
B 2 HOH 12 312 312 HOH HOH A . 
B 2 HOH 13 313 313 HOH HOH A . 
B 2 HOH 14 314 314 HOH HOH A . 
B 2 HOH 15 315 315 HOH HOH A . 
B 2 HOH 16 316 316 HOH HOH A . 
B 2 HOH 17 317 317 HOH HOH A . 
B 2 HOH 18 318 318 HOH HOH A . 
B 2 HOH 19 319 319 HOH HOH A . 
B 2 HOH 20 320 320 HOH HOH A . 
B 2 HOH 21 321 321 HOH HOH A . 
B 2 HOH 22 322 322 HOH HOH A . 
B 2 HOH 23 323 323 HOH HOH A . 
B 2 HOH 24 324 324 HOH HOH A . 
B 2 HOH 25 325 325 HOH HOH A . 
B 2 HOH 26 326 326 HOH HOH A . 
B 2 HOH 27 327 327 HOH HOH A . 
B 2 HOH 28 328 328 HOH HOH A . 
B 2 HOH 29 329 329 HOH HOH A . 
B 2 HOH 30 330 330 HOH HOH A . 
B 2 HOH 31 331 331 HOH HOH A . 
B 2 HOH 32 332 332 HOH HOH A . 
B 2 HOH 33 333 333 HOH HOH A . 
B 2 HOH 34 334 334 HOH HOH A . 
B 2 HOH 35 335 335 HOH HOH A . 
B 2 HOH 36 336 336 HOH HOH A . 
B 2 HOH 37 337 337 HOH HOH A . 
B 2 HOH 38 338 338 HOH HOH A . 
B 2 HOH 39 339 339 HOH HOH A . 
B 2 HOH 40 340 340 HOH HOH A . 
B 2 HOH 41 341 341 HOH HOH A . 
B 2 HOH 42 342 342 HOH HOH A . 
B 2 HOH 43 343 343 HOH HOH A . 
B 2 HOH 44 344 344 HOH HOH A . 
B 2 HOH 45 345 345 HOH HOH A . 
B 2 HOH 46 346 346 HOH HOH A . 
B 2 HOH 47 347 347 HOH HOH A . 
B 2 HOH 48 348 348 HOH HOH A . 
B 2 HOH 49 349 349 HOH HOH A . 
B 2 HOH 50 350 350 HOH HOH A . 
B 2 HOH 51 351 351 HOH HOH A . 
B 2 HOH 52 352 352 HOH HOH A . 
B 2 HOH 53 353 353 HOH HOH A . 
B 2 HOH 54 354 354 HOH HOH A . 
B 2 HOH 55 355 355 HOH HOH A . 
B 2 HOH 56 356 356 HOH HOH A . 
B 2 HOH 57 357 357 HOH HOH A . 
B 2 HOH 58 358 358 HOH HOH A . 
B 2 HOH 59 359 359 HOH HOH A . 
B 2 HOH 60 360 360 HOH HOH A . 
B 2 HOH 61 361 361 HOH HOH A . 
B 2 HOH 62 362 362 HOH HOH A . 
B 2 HOH 63 363 363 HOH HOH A . 
# 
loop_
_pdbx_struct_assembly.id 
_pdbx_struct_assembly.details 
_pdbx_struct_assembly.method_details 
_pdbx_struct_assembly.oligomeric_details 
_pdbx_struct_assembly.oligomeric_count 
1 author_defined_assembly   ?    dimeric   2 
2 author_defined_assembly   ?    dimeric   2 
3 software_defined_assembly PISA monomeric 1 
# 
loop_
_pdbx_struct_assembly_gen.assembly_id 
_pdbx_struct_assembly_gen.oper_expression 
_pdbx_struct_assembly_gen.asym_id_list 
1 1,2 A,B 
2 1,3 A,B 
3 1   A,B 
# 
loop_
_pdbx_struct_oper_list.id 
_pdbx_struct_oper_list.type 
_pdbx_struct_oper_list.name 
_pdbx_struct_oper_list.symmetry_operation 
_pdbx_struct_oper_list.matrix[1][1] 
_pdbx_struct_oper_list.matrix[1][2] 
_pdbx_struct_oper_list.matrix[1][3] 
_pdbx_struct_oper_list.vector[1] 
_pdbx_struct_oper_list.matrix[2][1] 
_pdbx_struct_oper_list.matrix[2][2] 
_pdbx_struct_oper_list.matrix[2][3] 
_pdbx_struct_oper_list.vector[2] 
_pdbx_struct_oper_list.matrix[3][1] 
_pdbx_struct_oper_list.matrix[3][2] 
_pdbx_struct_oper_list.matrix[3][3] 
_pdbx_struct_oper_list.vector[3] 
1 'identity operation'         1_555  x,y,z                1.0000000000  0.0000000000  0.0000000000  0.0000000000   0.0000000000  1.0000000000  0.0000000000  0.0000000000  0.0000000000  0.0000000000  1.0000000000  0.0000000000   
2 'crystal symmetry operation' 16_555 -y+1/2,-x+1/2,-z+1/2 -0.3129789444 -0.0906520962 0.9454239143  21.5379635767  -0.0906520962 -0.9880384997 -0.1247482285 25.8883153226 0.9454239143  -0.1247482285 0.3010174441  -13.1689120947 
3 'crystal symmetry operation' 7_555  y,x,-z               -0.9885935702 -0.1489076551 -0.0225668593 -23.5217308100 -0.1489076551 0.9439465465  0.2946038487  -6.0087768737 -0.0225668593 0.2946038487  -0.9553529762 27.7599064348  
# 
loop_
_pdbx_audit_revision_history.ordinal 
_pdbx_audit_revision_history.data_content_type 
_pdbx_audit_revision_history.major_revision 
_pdbx_audit_revision_history.minor_revision 
_pdbx_audit_revision_history.revision_date 
1 'Structure model' 1 0 2008-04-29 
2 'Structure model' 1 1 2011-07-13 
3 'Structure model' 1 2 2021-11-10 
4 'Structure model' 1 3 2023-11-01 
# 
_pdbx_audit_revision_details.ordinal             1 
_pdbx_audit_revision_details.revision_ordinal    1 
_pdbx_audit_revision_details.data_content_type   'Structure model' 
_pdbx_audit_revision_details.provider            repository 
_pdbx_audit_revision_details.type                'Initial release' 
_pdbx_audit_revision_details.description         ? 
_pdbx_audit_revision_details.details             ? 
# 
loop_
_pdbx_audit_revision_group.ordinal 
_pdbx_audit_revision_group.revision_ordinal 
_pdbx_audit_revision_group.data_content_type 
_pdbx_audit_revision_group.group 
1 2 'Structure model' 'Version format compliance' 
2 3 'Structure model' 'Database references'       
3 4 'Structure model' 'Data collection'           
4 4 'Structure model' 'Refinement description'    
# 
loop_
_pdbx_audit_revision_category.ordinal 
_pdbx_audit_revision_category.revision_ordinal 
_pdbx_audit_revision_category.data_content_type 
_pdbx_audit_revision_category.category 
1 3 'Structure model' database_2                    
2 3 'Structure model' struct_ref_seq_dif            
3 4 'Structure model' chem_comp_atom                
4 4 'Structure model' chem_comp_bond                
5 4 'Structure model' pdbx_initial_refinement_model 
# 
loop_
_pdbx_audit_revision_item.ordinal 
_pdbx_audit_revision_item.revision_ordinal 
_pdbx_audit_revision_item.data_content_type 
_pdbx_audit_revision_item.item 
1 3 'Structure model' '_database_2.pdbx_DOI'                
2 3 'Structure model' '_database_2.pdbx_database_accession' 
3 3 'Structure model' '_struct_ref_seq_dif.details'         
# 
loop_
_software.name 
_software.classification 
_software.version 
_software.citation_id 
_software.pdbx_ordinal 
REFMAC   refinement        5.2.0019 ? 1 
HKL-2000 'data collection' .        ? 2 
HKL-2000 'data reduction'  .        ? 3 
HKL-2000 'data scaling'    .        ? 4 
CNS      phasing           .        ? 5 
# 
_pdbx_validate_close_contact.id               1 
_pdbx_validate_close_contact.PDB_model_num    1 
_pdbx_validate_close_contact.auth_atom_id_1   O 
_pdbx_validate_close_contact.auth_asym_id_1   A 
_pdbx_validate_close_contact.auth_comp_id_1   ASN 
_pdbx_validate_close_contact.auth_seq_id_1    213 
_pdbx_validate_close_contact.PDB_ins_code_1   ? 
_pdbx_validate_close_contact.label_alt_id_1   ? 
_pdbx_validate_close_contact.auth_atom_id_2   O 
_pdbx_validate_close_contact.auth_asym_id_2   A 
_pdbx_validate_close_contact.auth_comp_id_2   HOH 
_pdbx_validate_close_contact.auth_seq_id_2    338 
_pdbx_validate_close_contact.PDB_ins_code_2   ? 
_pdbx_validate_close_contact.label_alt_id_2   ? 
_pdbx_validate_close_contact.dist             2.12 
# 
loop_
_pdbx_validate_torsion.id 
_pdbx_validate_torsion.PDB_model_num 
_pdbx_validate_torsion.auth_comp_id 
_pdbx_validate_torsion.auth_asym_id 
_pdbx_validate_torsion.auth_seq_id 
_pdbx_validate_torsion.PDB_ins_code 
_pdbx_validate_torsion.label_alt_id 
_pdbx_validate_torsion.phi 
_pdbx_validate_torsion.psi 
1  1 ASP A 51  ? ? -58.60  -9.21   
2  1 ALA A 95  ? ? -102.84 78.82   
3  1 SER A 97  ? ? 24.40   -106.67 
4  1 ALA A 119 ? ? 61.49   65.22   
5  1 GLN A 128 ? ? -132.20 -134.63 
6  1 SER A 131 ? ? -172.34 -174.36 
7  1 PRO A 136 ? ? -46.55  152.89  
8  1 ASN A 157 ? ? -68.35  82.47   
9  1 ASP A 168 ? ? 39.40   39.24   
10 1 PHE A 214 ? ? -104.43 48.41   
11 1 PRO A 224 ? ? -56.00  174.02  
# 
loop_
_pdbx_unobs_or_zero_occ_residues.id 
_pdbx_unobs_or_zero_occ_residues.PDB_model_num 
_pdbx_unobs_or_zero_occ_residues.polymer_flag 
_pdbx_unobs_or_zero_occ_residues.occupancy_flag 
_pdbx_unobs_or_zero_occ_residues.auth_asym_id 
_pdbx_unobs_or_zero_occ_residues.auth_comp_id 
_pdbx_unobs_or_zero_occ_residues.auth_seq_id 
_pdbx_unobs_or_zero_occ_residues.PDB_ins_code 
_pdbx_unobs_or_zero_occ_residues.label_asym_id 
_pdbx_unobs_or_zero_occ_residues.label_comp_id 
_pdbx_unobs_or_zero_occ_residues.label_seq_id 
1  1 Y 1 A MET 15  ? A MET 1   
2  1 Y 1 A SER 16  ? A SER 2   
3  1 Y 1 A PRO 17  ? A PRO 3   
4  1 Y 1 A ILE 18  ? A ILE 4   
5  1 Y 1 A LEU 19  ? A LEU 5   
6  1 Y 1 A ASP 236 ? A ASP 222 
7  1 Y 1 A LEU 237 ? A LEU 223 
8  1 Y 1 A GLU 238 ? A GLU 224 
9  1 Y 1 A HIS 239 ? A HIS 225 
10 1 Y 1 A HIS 240 ? A HIS 226 
11 1 Y 1 A HIS 241 ? A HIS 227 
12 1 Y 1 A HIS 242 ? A HIS 228 
13 1 Y 1 A HIS 243 ? A HIS 229 
14 1 Y 1 A HIS 244 ? A HIS 230 
# 
loop_
_chem_comp_atom.comp_id 
_chem_comp_atom.atom_id 
_chem_comp_atom.type_symbol 
_chem_comp_atom.pdbx_aromatic_flag 
_chem_comp_atom.pdbx_stereo_config 
_chem_comp_atom.pdbx_ordinal 
ALA N    N N N 1   
ALA CA   C N S 2   
ALA C    C N N 3   
ALA O    O N N 4   
ALA CB   C N N 5   
ALA OXT  O N N 6   
ALA H    H N N 7   
ALA H2   H N N 8   
ALA HA   H N N 9   
ALA HB1  H N N 10  
ALA HB2  H N N 11  
ALA HB3  H N N 12  
ALA HXT  H N N 13  
ARG N    N N N 14  
ARG CA   C N S 15  
ARG C    C N N 16  
ARG O    O N N 17  
ARG CB   C N N 18  
ARG CG   C N N 19  
ARG CD   C N N 20  
ARG NE   N N N 21  
ARG CZ   C N N 22  
ARG NH1  N N N 23  
ARG NH2  N N N 24  
ARG OXT  O N N 25  
ARG H    H N N 26  
ARG H2   H N N 27  
ARG HA   H N N 28  
ARG HB2  H N N 29  
ARG HB3  H N N 30  
ARG HG2  H N N 31  
ARG HG3  H N N 32  
ARG HD2  H N N 33  
ARG HD3  H N N 34  
ARG HE   H N N 35  
ARG HH11 H N N 36  
ARG HH12 H N N 37  
ARG HH21 H N N 38  
ARG HH22 H N N 39  
ARG HXT  H N N 40  
ASN N    N N N 41  
ASN CA   C N S 42  
ASN C    C N N 43  
ASN O    O N N 44  
ASN CB   C N N 45  
ASN CG   C N N 46  
ASN OD1  O N N 47  
ASN ND2  N N N 48  
ASN OXT  O N N 49  
ASN H    H N N 50  
ASN H2   H N N 51  
ASN HA   H N N 52  
ASN HB2  H N N 53  
ASN HB3  H N N 54  
ASN HD21 H N N 55  
ASN HD22 H N N 56  
ASN HXT  H N N 57  
ASP N    N N N 58  
ASP CA   C N S 59  
ASP C    C N N 60  
ASP O    O N N 61  
ASP CB   C N N 62  
ASP CG   C N N 63  
ASP OD1  O N N 64  
ASP OD2  O N N 65  
ASP OXT  O N N 66  
ASP H    H N N 67  
ASP H2   H N N 68  
ASP HA   H N N 69  
ASP HB2  H N N 70  
ASP HB3  H N N 71  
ASP HD2  H N N 72  
ASP HXT  H N N 73  
CYS N    N N N 74  
CYS CA   C N R 75  
CYS C    C N N 76  
CYS O    O N N 77  
CYS CB   C N N 78  
CYS SG   S N N 79  
CYS OXT  O N N 80  
CYS H    H N N 81  
CYS H2   H N N 82  
CYS HA   H N N 83  
CYS HB2  H N N 84  
CYS HB3  H N N 85  
CYS HG   H N N 86  
CYS HXT  H N N 87  
GLN N    N N N 88  
GLN CA   C N S 89  
GLN C    C N N 90  
GLN O    O N N 91  
GLN CB   C N N 92  
GLN CG   C N N 93  
GLN CD   C N N 94  
GLN OE1  O N N 95  
GLN NE2  N N N 96  
GLN OXT  O N N 97  
GLN H    H N N 98  
GLN H2   H N N 99  
GLN HA   H N N 100 
GLN HB2  H N N 101 
GLN HB3  H N N 102 
GLN HG2  H N N 103 
GLN HG3  H N N 104 
GLN HE21 H N N 105 
GLN HE22 H N N 106 
GLN HXT  H N N 107 
GLU N    N N N 108 
GLU CA   C N S 109 
GLU C    C N N 110 
GLU O    O N N 111 
GLU CB   C N N 112 
GLU CG   C N N 113 
GLU CD   C N N 114 
GLU OE1  O N N 115 
GLU OE2  O N N 116 
GLU OXT  O N N 117 
GLU H    H N N 118 
GLU H2   H N N 119 
GLU HA   H N N 120 
GLU HB2  H N N 121 
GLU HB3  H N N 122 
GLU HG2  H N N 123 
GLU HG3  H N N 124 
GLU HE2  H N N 125 
GLU HXT  H N N 126 
GLY N    N N N 127 
GLY CA   C N N 128 
GLY C    C N N 129 
GLY O    O N N 130 
GLY OXT  O N N 131 
GLY H    H N N 132 
GLY H2   H N N 133 
GLY HA2  H N N 134 
GLY HA3  H N N 135 
GLY HXT  H N N 136 
HIS N    N N N 137 
HIS CA   C N S 138 
HIS C    C N N 139 
HIS O    O N N 140 
HIS CB   C N N 141 
HIS CG   C Y N 142 
HIS ND1  N Y N 143 
HIS CD2  C Y N 144 
HIS CE1  C Y N 145 
HIS NE2  N Y N 146 
HIS OXT  O N N 147 
HIS H    H N N 148 
HIS H2   H N N 149 
HIS HA   H N N 150 
HIS HB2  H N N 151 
HIS HB3  H N N 152 
HIS HD1  H N N 153 
HIS HD2  H N N 154 
HIS HE1  H N N 155 
HIS HE2  H N N 156 
HIS HXT  H N N 157 
HOH O    O N N 158 
HOH H1   H N N 159 
HOH H2   H N N 160 
ILE N    N N N 161 
ILE CA   C N S 162 
ILE C    C N N 163 
ILE O    O N N 164 
ILE CB   C N S 165 
ILE CG1  C N N 166 
ILE CG2  C N N 167 
ILE CD1  C N N 168 
ILE OXT  O N N 169 
ILE H    H N N 170 
ILE H2   H N N 171 
ILE HA   H N N 172 
ILE HB   H N N 173 
ILE HG12 H N N 174 
ILE HG13 H N N 175 
ILE HG21 H N N 176 
ILE HG22 H N N 177 
ILE HG23 H N N 178 
ILE HD11 H N N 179 
ILE HD12 H N N 180 
ILE HD13 H N N 181 
ILE HXT  H N N 182 
LEU N    N N N 183 
LEU CA   C N S 184 
LEU C    C N N 185 
LEU O    O N N 186 
LEU CB   C N N 187 
LEU CG   C N N 188 
LEU CD1  C N N 189 
LEU CD2  C N N 190 
LEU OXT  O N N 191 
LEU H    H N N 192 
LEU H2   H N N 193 
LEU HA   H N N 194 
LEU HB2  H N N 195 
LEU HB3  H N N 196 
LEU HG   H N N 197 
LEU HD11 H N N 198 
LEU HD12 H N N 199 
LEU HD13 H N N 200 
LEU HD21 H N N 201 
LEU HD22 H N N 202 
LEU HD23 H N N 203 
LEU HXT  H N N 204 
LYS N    N N N 205 
LYS CA   C N S 206 
LYS C    C N N 207 
LYS O    O N N 208 
LYS CB   C N N 209 
LYS CG   C N N 210 
LYS CD   C N N 211 
LYS CE   C N N 212 
LYS NZ   N N N 213 
LYS OXT  O N N 214 
LYS H    H N N 215 
LYS H2   H N N 216 
LYS HA   H N N 217 
LYS HB2  H N N 218 
LYS HB3  H N N 219 
LYS HG2  H N N 220 
LYS HG3  H N N 221 
LYS HD2  H N N 222 
LYS HD3  H N N 223 
LYS HE2  H N N 224 
LYS HE3  H N N 225 
LYS HZ1  H N N 226 
LYS HZ2  H N N 227 
LYS HZ3  H N N 228 
LYS HXT  H N N 229 
MET N    N N N 230 
MET CA   C N S 231 
MET C    C N N 232 
MET O    O N N 233 
MET CB   C N N 234 
MET CG   C N N 235 
MET SD   S N N 236 
MET CE   C N N 237 
MET OXT  O N N 238 
MET H    H N N 239 
MET H2   H N N 240 
MET HA   H N N 241 
MET HB2  H N N 242 
MET HB3  H N N 243 
MET HG2  H N N 244 
MET HG3  H N N 245 
MET HE1  H N N 246 
MET HE2  H N N 247 
MET HE3  H N N 248 
MET HXT  H N N 249 
PHE N    N N N 250 
PHE CA   C N S 251 
PHE C    C N N 252 
PHE O    O N N 253 
PHE CB   C N N 254 
PHE CG   C Y N 255 
PHE CD1  C Y N 256 
PHE CD2  C Y N 257 
PHE CE1  C Y N 258 
PHE CE2  C Y N 259 
PHE CZ   C Y N 260 
PHE OXT  O N N 261 
PHE H    H N N 262 
PHE H2   H N N 263 
PHE HA   H N N 264 
PHE HB2  H N N 265 
PHE HB3  H N N 266 
PHE HD1  H N N 267 
PHE HD2  H N N 268 
PHE HE1  H N N 269 
PHE HE2  H N N 270 
PHE HZ   H N N 271 
PHE HXT  H N N 272 
PRO N    N N N 273 
PRO CA   C N S 274 
PRO C    C N N 275 
PRO O    O N N 276 
PRO CB   C N N 277 
PRO CG   C N N 278 
PRO CD   C N N 279 
PRO OXT  O N N 280 
PRO H    H N N 281 
PRO HA   H N N 282 
PRO HB2  H N N 283 
PRO HB3  H N N 284 
PRO HG2  H N N 285 
PRO HG3  H N N 286 
PRO HD2  H N N 287 
PRO HD3  H N N 288 
PRO HXT  H N N 289 
SER N    N N N 290 
SER CA   C N S 291 
SER C    C N N 292 
SER O    O N N 293 
SER CB   C N N 294 
SER OG   O N N 295 
SER OXT  O N N 296 
SER H    H N N 297 
SER H2   H N N 298 
SER HA   H N N 299 
SER HB2  H N N 300 
SER HB3  H N N 301 
SER HG   H N N 302 
SER HXT  H N N 303 
THR N    N N N 304 
THR CA   C N S 305 
THR C    C N N 306 
THR O    O N N 307 
THR CB   C N R 308 
THR OG1  O N N 309 
THR CG2  C N N 310 
THR OXT  O N N 311 
THR H    H N N 312 
THR H2   H N N 313 
THR HA   H N N 314 
THR HB   H N N 315 
THR HG1  H N N 316 
THR HG21 H N N 317 
THR HG22 H N N 318 
THR HG23 H N N 319 
THR HXT  H N N 320 
TYR N    N N N 321 
TYR CA   C N S 322 
TYR C    C N N 323 
TYR O    O N N 324 
TYR CB   C N N 325 
TYR CG   C Y N 326 
TYR CD1  C Y N 327 
TYR CD2  C Y N 328 
TYR CE1  C Y N 329 
TYR CE2  C Y N 330 
TYR CZ   C Y N 331 
TYR OH   O N N 332 
TYR OXT  O N N 333 
TYR H    H N N 334 
TYR H2   H N N 335 
TYR HA   H N N 336 
TYR HB2  H N N 337 
TYR HB3  H N N 338 
TYR HD1  H N N 339 
TYR HD2  H N N 340 
TYR HE1  H N N 341 
TYR HE2  H N N 342 
TYR HH   H N N 343 
TYR HXT  H N N 344 
VAL N    N N N 345 
VAL CA   C N S 346 
VAL C    C N N 347 
VAL O    O N N 348 
VAL CB   C N N 349 
VAL CG1  C N N 350 
VAL CG2  C N N 351 
VAL OXT  O N N 352 
VAL H    H N N 353 
VAL H2   H N N 354 
VAL HA   H N N 355 
VAL HB   H N N 356 
VAL HG11 H N N 357 
VAL HG12 H N N 358 
VAL HG13 H N N 359 
VAL HG21 H N N 360 
VAL HG22 H N N 361 
VAL HG23 H N N 362 
VAL HXT  H N N 363 
# 
loop_
_chem_comp_bond.comp_id 
_chem_comp_bond.atom_id_1 
_chem_comp_bond.atom_id_2 
_chem_comp_bond.value_order 
_chem_comp_bond.pdbx_aromatic_flag 
_chem_comp_bond.pdbx_stereo_config 
_chem_comp_bond.pdbx_ordinal 
ALA N   CA   sing N N 1   
ALA N   H    sing N N 2   
ALA N   H2   sing N N 3   
ALA CA  C    sing N N 4   
ALA CA  CB   sing N N 5   
ALA CA  HA   sing N N 6   
ALA C   O    doub N N 7   
ALA C   OXT  sing N N 8   
ALA CB  HB1  sing N N 9   
ALA CB  HB2  sing N N 10  
ALA CB  HB3  sing N N 11  
ALA OXT HXT  sing N N 12  
ARG N   CA   sing N N 13  
ARG N   H    sing N N 14  
ARG N   H2   sing N N 15  
ARG CA  C    sing N N 16  
ARG CA  CB   sing N N 17  
ARG CA  HA   sing N N 18  
ARG C   O    doub N N 19  
ARG C   OXT  sing N N 20  
ARG CB  CG   sing N N 21  
ARG CB  HB2  sing N N 22  
ARG CB  HB3  sing N N 23  
ARG CG  CD   sing N N 24  
ARG CG  HG2  sing N N 25  
ARG CG  HG3  sing N N 26  
ARG CD  NE   sing N N 27  
ARG CD  HD2  sing N N 28  
ARG CD  HD3  sing N N 29  
ARG NE  CZ   sing N N 30  
ARG NE  HE   sing N N 31  
ARG CZ  NH1  sing N N 32  
ARG CZ  NH2  doub N N 33  
ARG NH1 HH11 sing N N 34  
ARG NH1 HH12 sing N N 35  
ARG NH2 HH21 sing N N 36  
ARG NH2 HH22 sing N N 37  
ARG OXT HXT  sing N N 38  
ASN N   CA   sing N N 39  
ASN N   H    sing N N 40  
ASN N   H2   sing N N 41  
ASN CA  C    sing N N 42  
ASN CA  CB   sing N N 43  
ASN CA  HA   sing N N 44  
ASN C   O    doub N N 45  
ASN C   OXT  sing N N 46  
ASN CB  CG   sing N N 47  
ASN CB  HB2  sing N N 48  
ASN CB  HB3  sing N N 49  
ASN CG  OD1  doub N N 50  
ASN CG  ND2  sing N N 51  
ASN ND2 HD21 sing N N 52  
ASN ND2 HD22 sing N N 53  
ASN OXT HXT  sing N N 54  
ASP N   CA   sing N N 55  
ASP N   H    sing N N 56  
ASP N   H2   sing N N 57  
ASP CA  C    sing N N 58  
ASP CA  CB   sing N N 59  
ASP CA  HA   sing N N 60  
ASP C   O    doub N N 61  
ASP C   OXT  sing N N 62  
ASP CB  CG   sing N N 63  
ASP CB  HB2  sing N N 64  
ASP CB  HB3  sing N N 65  
ASP CG  OD1  doub N N 66  
ASP CG  OD2  sing N N 67  
ASP OD2 HD2  sing N N 68  
ASP OXT HXT  sing N N 69  
CYS N   CA   sing N N 70  
CYS N   H    sing N N 71  
CYS N   H2   sing N N 72  
CYS CA  C    sing N N 73  
CYS CA  CB   sing N N 74  
CYS CA  HA   sing N N 75  
CYS C   O    doub N N 76  
CYS C   OXT  sing N N 77  
CYS CB  SG   sing N N 78  
CYS CB  HB2  sing N N 79  
CYS CB  HB3  sing N N 80  
CYS SG  HG   sing N N 81  
CYS OXT HXT  sing N N 82  
GLN N   CA   sing N N 83  
GLN N   H    sing N N 84  
GLN N   H2   sing N N 85  
GLN CA  C    sing N N 86  
GLN CA  CB   sing N N 87  
GLN CA  HA   sing N N 88  
GLN C   O    doub N N 89  
GLN C   OXT  sing N N 90  
GLN CB  CG   sing N N 91  
GLN CB  HB2  sing N N 92  
GLN CB  HB3  sing N N 93  
GLN CG  CD   sing N N 94  
GLN CG  HG2  sing N N 95  
GLN CG  HG3  sing N N 96  
GLN CD  OE1  doub N N 97  
GLN CD  NE2  sing N N 98  
GLN NE2 HE21 sing N N 99  
GLN NE2 HE22 sing N N 100 
GLN OXT HXT  sing N N 101 
GLU N   CA   sing N N 102 
GLU N   H    sing N N 103 
GLU N   H2   sing N N 104 
GLU CA  C    sing N N 105 
GLU CA  CB   sing N N 106 
GLU CA  HA   sing N N 107 
GLU C   O    doub N N 108 
GLU C   OXT  sing N N 109 
GLU CB  CG   sing N N 110 
GLU CB  HB2  sing N N 111 
GLU CB  HB3  sing N N 112 
GLU CG  CD   sing N N 113 
GLU CG  HG2  sing N N 114 
GLU CG  HG3  sing N N 115 
GLU CD  OE1  doub N N 116 
GLU CD  OE2  sing N N 117 
GLU OE2 HE2  sing N N 118 
GLU OXT HXT  sing N N 119 
GLY N   CA   sing N N 120 
GLY N   H    sing N N 121 
GLY N   H2   sing N N 122 
GLY CA  C    sing N N 123 
GLY CA  HA2  sing N N 124 
GLY CA  HA3  sing N N 125 
GLY C   O    doub N N 126 
GLY C   OXT  sing N N 127 
GLY OXT HXT  sing N N 128 
HIS N   CA   sing N N 129 
HIS N   H    sing N N 130 
HIS N   H2   sing N N 131 
HIS CA  C    sing N N 132 
HIS CA  CB   sing N N 133 
HIS CA  HA   sing N N 134 
HIS C   O    doub N N 135 
HIS C   OXT  sing N N 136 
HIS CB  CG   sing N N 137 
HIS CB  HB2  sing N N 138 
HIS CB  HB3  sing N N 139 
HIS CG  ND1  sing Y N 140 
HIS CG  CD2  doub Y N 141 
HIS ND1 CE1  doub Y N 142 
HIS ND1 HD1  sing N N 143 
HIS CD2 NE2  sing Y N 144 
HIS CD2 HD2  sing N N 145 
HIS CE1 NE2  sing Y N 146 
HIS CE1 HE1  sing N N 147 
HIS NE2 HE2  sing N N 148 
HIS OXT HXT  sing N N 149 
HOH O   H1   sing N N 150 
HOH O   H2   sing N N 151 
ILE N   CA   sing N N 152 
ILE N   H    sing N N 153 
ILE N   H2   sing N N 154 
ILE CA  C    sing N N 155 
ILE CA  CB   sing N N 156 
ILE CA  HA   sing N N 157 
ILE C   O    doub N N 158 
ILE C   OXT  sing N N 159 
ILE CB  CG1  sing N N 160 
ILE CB  CG2  sing N N 161 
ILE CB  HB   sing N N 162 
ILE CG1 CD1  sing N N 163 
ILE CG1 HG12 sing N N 164 
ILE CG1 HG13 sing N N 165 
ILE CG2 HG21 sing N N 166 
ILE CG2 HG22 sing N N 167 
ILE CG2 HG23 sing N N 168 
ILE CD1 HD11 sing N N 169 
ILE CD1 HD12 sing N N 170 
ILE CD1 HD13 sing N N 171 
ILE OXT HXT  sing N N 172 
LEU N   CA   sing N N 173 
LEU N   H    sing N N 174 
LEU N   H2   sing N N 175 
LEU CA  C    sing N N 176 
LEU CA  CB   sing N N 177 
LEU CA  HA   sing N N 178 
LEU C   O    doub N N 179 
LEU C   OXT  sing N N 180 
LEU CB  CG   sing N N 181 
LEU CB  HB2  sing N N 182 
LEU CB  HB3  sing N N 183 
LEU CG  CD1  sing N N 184 
LEU CG  CD2  sing N N 185 
LEU CG  HG   sing N N 186 
LEU CD1 HD11 sing N N 187 
LEU CD1 HD12 sing N N 188 
LEU CD1 HD13 sing N N 189 
LEU CD2 HD21 sing N N 190 
LEU CD2 HD22 sing N N 191 
LEU CD2 HD23 sing N N 192 
LEU OXT HXT  sing N N 193 
LYS N   CA   sing N N 194 
LYS N   H    sing N N 195 
LYS N   H2   sing N N 196 
LYS CA  C    sing N N 197 
LYS CA  CB   sing N N 198 
LYS CA  HA   sing N N 199 
LYS C   O    doub N N 200 
LYS C   OXT  sing N N 201 
LYS CB  CG   sing N N 202 
LYS CB  HB2  sing N N 203 
LYS CB  HB3  sing N N 204 
LYS CG  CD   sing N N 205 
LYS CG  HG2  sing N N 206 
LYS CG  HG3  sing N N 207 
LYS CD  CE   sing N N 208 
LYS CD  HD2  sing N N 209 
LYS CD  HD3  sing N N 210 
LYS CE  NZ   sing N N 211 
LYS CE  HE2  sing N N 212 
LYS CE  HE3  sing N N 213 
LYS NZ  HZ1  sing N N 214 
LYS NZ  HZ2  sing N N 215 
LYS NZ  HZ3  sing N N 216 
LYS OXT HXT  sing N N 217 
MET N   CA   sing N N 218 
MET N   H    sing N N 219 
MET N   H2   sing N N 220 
MET CA  C    sing N N 221 
MET CA  CB   sing N N 222 
MET CA  HA   sing N N 223 
MET C   O    doub N N 224 
MET C   OXT  sing N N 225 
MET CB  CG   sing N N 226 
MET CB  HB2  sing N N 227 
MET CB  HB3  sing N N 228 
MET CG  SD   sing N N 229 
MET CG  HG2  sing N N 230 
MET CG  HG3  sing N N 231 
MET SD  CE   sing N N 232 
MET CE  HE1  sing N N 233 
MET CE  HE2  sing N N 234 
MET CE  HE3  sing N N 235 
MET OXT HXT  sing N N 236 
PHE N   CA   sing N N 237 
PHE N   H    sing N N 238 
PHE N   H2   sing N N 239 
PHE CA  C    sing N N 240 
PHE CA  CB   sing N N 241 
PHE CA  HA   sing N N 242 
PHE C   O    doub N N 243 
PHE C   OXT  sing N N 244 
PHE CB  CG   sing N N 245 
PHE CB  HB2  sing N N 246 
PHE CB  HB3  sing N N 247 
PHE CG  CD1  doub Y N 248 
PHE CG  CD2  sing Y N 249 
PHE CD1 CE1  sing Y N 250 
PHE CD1 HD1  sing N N 251 
PHE CD2 CE2  doub Y N 252 
PHE CD2 HD2  sing N N 253 
PHE CE1 CZ   doub Y N 254 
PHE CE1 HE1  sing N N 255 
PHE CE2 CZ   sing Y N 256 
PHE CE2 HE2  sing N N 257 
PHE CZ  HZ   sing N N 258 
PHE OXT HXT  sing N N 259 
PRO N   CA   sing N N 260 
PRO N   CD   sing N N 261 
PRO N   H    sing N N 262 
PRO CA  C    sing N N 263 
PRO CA  CB   sing N N 264 
PRO CA  HA   sing N N 265 
PRO C   O    doub N N 266 
PRO C   OXT  sing N N 267 
PRO CB  CG   sing N N 268 
PRO CB  HB2  sing N N 269 
PRO CB  HB3  sing N N 270 
PRO CG  CD   sing N N 271 
PRO CG  HG2  sing N N 272 
PRO CG  HG3  sing N N 273 
PRO CD  HD2  sing N N 274 
PRO CD  HD3  sing N N 275 
PRO OXT HXT  sing N N 276 
SER N   CA   sing N N 277 
SER N   H    sing N N 278 
SER N   H2   sing N N 279 
SER CA  C    sing N N 280 
SER CA  CB   sing N N 281 
SER CA  HA   sing N N 282 
SER C   O    doub N N 283 
SER C   OXT  sing N N 284 
SER CB  OG   sing N N 285 
SER CB  HB2  sing N N 286 
SER CB  HB3  sing N N 287 
SER OG  HG   sing N N 288 
SER OXT HXT  sing N N 289 
THR N   CA   sing N N 290 
THR N   H    sing N N 291 
THR N   H2   sing N N 292 
THR CA  C    sing N N 293 
THR CA  CB   sing N N 294 
THR CA  HA   sing N N 295 
THR C   O    doub N N 296 
THR C   OXT  sing N N 297 
THR CB  OG1  sing N N 298 
THR CB  CG2  sing N N 299 
THR CB  HB   sing N N 300 
THR OG1 HG1  sing N N 301 
THR CG2 HG21 sing N N 302 
THR CG2 HG22 sing N N 303 
THR CG2 HG23 sing N N 304 
THR OXT HXT  sing N N 305 
TYR N   CA   sing N N 306 
TYR N   H    sing N N 307 
TYR N   H2   sing N N 308 
TYR CA  C    sing N N 309 
TYR CA  CB   sing N N 310 
TYR CA  HA   sing N N 311 
TYR C   O    doub N N 312 
TYR C   OXT  sing N N 313 
TYR CB  CG   sing N N 314 
TYR CB  HB2  sing N N 315 
TYR CB  HB3  sing N N 316 
TYR CG  CD1  doub Y N 317 
TYR CG  CD2  sing Y N 318 
TYR CD1 CE1  sing Y N 319 
TYR CD1 HD1  sing N N 320 
TYR CD2 CE2  doub Y N 321 
TYR CD2 HD2  sing N N 322 
TYR CE1 CZ   doub Y N 323 
TYR CE1 HE1  sing N N 324 
TYR CE2 CZ   sing Y N 325 
TYR CE2 HE2  sing N N 326 
TYR CZ  OH   sing N N 327 
TYR OH  HH   sing N N 328 
TYR OXT HXT  sing N N 329 
VAL N   CA   sing N N 330 
VAL N   H    sing N N 331 
VAL N   H2   sing N N 332 
VAL CA  C    sing N N 333 
VAL CA  CB   sing N N 334 
VAL CA  HA   sing N N 335 
VAL C   O    doub N N 336 
VAL C   OXT  sing N N 337 
VAL CB  CG1  sing N N 338 
VAL CB  CG2  sing N N 339 
VAL CB  HB   sing N N 340 
VAL CG1 HG11 sing N N 341 
VAL CG1 HG12 sing N N 342 
VAL CG1 HG13 sing N N 343 
VAL CG2 HG21 sing N N 344 
VAL CG2 HG22 sing N N 345 
VAL CG2 HG23 sing N N 346 
VAL OXT HXT  sing N N 347 
# 
_pdbx_entity_nonpoly.entity_id   2 
_pdbx_entity_nonpoly.name        water 
_pdbx_entity_nonpoly.comp_id     HOH 
# 
_pdbx_initial_refinement_model.id               1 
_pdbx_initial_refinement_model.entity_id_list   ? 
_pdbx_initial_refinement_model.type             'experimental model' 
_pdbx_initial_refinement_model.source_name      PDB 
_pdbx_initial_refinement_model.accession_code   2DEO 
_pdbx_initial_refinement_model.details          'PDB ENTRY 2DEO' 
# 
